data_3GIB
# 
_entry.id   3GIB 
# 
_audit_conform.dict_name       mmcif_pdbx.dic 
_audit_conform.dict_version    5.387 
_audit_conform.dict_location   http://mmcif.pdb.org/dictionaries/ascii/mmcif_pdbx.dic 
# 
loop_
_database_2.database_id 
_database_2.database_code 
_database_2.pdbx_database_accession 
_database_2.pdbx_DOI 
PDB   3GIB         pdb_00003gib 10.2210/pdb3gib/pdb 
NDB   PR0375       ?            ?                   
RCSB  RCSB051895   ?            ?                   
WWPDB D_1000051895 ?            ?                   
# 
loop_
_pdbx_audit_revision_history.ordinal 
_pdbx_audit_revision_history.data_content_type 
_pdbx_audit_revision_history.major_revision 
_pdbx_audit_revision_history.minor_revision 
_pdbx_audit_revision_history.revision_date 
1 'Structure model' 1 0 2009-11-17 
2 'Structure model' 1 1 2011-07-13 
3 'Structure model' 1 2 2017-02-01 
4 'Structure model' 1 3 2018-04-04 
5 'Structure model' 1 4 2024-02-21 
# 
_pdbx_audit_revision_details.ordinal             1 
_pdbx_audit_revision_details.revision_ordinal    1 
_pdbx_audit_revision_details.data_content_type   'Structure model' 
_pdbx_audit_revision_details.provider            repository 
_pdbx_audit_revision_details.type                'Initial release' 
_pdbx_audit_revision_details.description         ? 
_pdbx_audit_revision_details.details             ? 
# 
loop_
_pdbx_audit_revision_group.ordinal 
_pdbx_audit_revision_group.revision_ordinal 
_pdbx_audit_revision_group.data_content_type 
_pdbx_audit_revision_group.group 
1 2 'Structure model' 'Source and taxonomy'       
2 2 'Structure model' 'Version format compliance' 
3 3 'Structure model' 'Structure summary'         
4 4 'Structure model' Advisory                    
5 4 'Structure model' 'Data collection'           
6 5 'Structure model' Advisory                    
7 5 'Structure model' 'Data collection'           
8 5 'Structure model' 'Database references'       
9 5 'Structure model' 'Derived calculations'      
# 
loop_
_pdbx_audit_revision_category.ordinal 
_pdbx_audit_revision_category.revision_ordinal 
_pdbx_audit_revision_category.data_content_type 
_pdbx_audit_revision_category.category 
1 4 'Structure model' diffrn_source                
2 4 'Structure model' pdbx_unobs_or_zero_occ_atoms 
3 5 'Structure model' chem_comp_atom               
4 5 'Structure model' chem_comp_bond               
5 5 'Structure model' database_2                   
6 5 'Structure model' pdbx_unobs_or_zero_occ_atoms 
7 5 'Structure model' struct_site                  
# 
loop_
_pdbx_audit_revision_item.ordinal 
_pdbx_audit_revision_item.revision_ordinal 
_pdbx_audit_revision_item.data_content_type 
_pdbx_audit_revision_item.item 
1 4 'Structure model' '_diffrn_source.type'                 
2 5 'Structure model' '_database_2.pdbx_DOI'                
3 5 'Structure model' '_database_2.pdbx_database_accession' 
4 5 'Structure model' '_struct_site.pdbx_auth_asym_id'      
5 5 'Structure model' '_struct_site.pdbx_auth_comp_id'      
6 5 'Structure model' '_struct_site.pdbx_auth_seq_id'       
# 
_pdbx_database_status.entry_id                        3GIB 
_pdbx_database_status.deposit_site                    RCSB 
_pdbx_database_status.process_site                    RCSB 
_pdbx_database_status.recvd_initial_deposition_date   2009-03-05 
_pdbx_database_status.status_code                     REL 
_pdbx_database_status.status_code_sf                  REL 
_pdbx_database_status.status_code_mr                  ? 
_pdbx_database_status.SG_entry                        ? 
_pdbx_database_status.status_code_cs                  ? 
_pdbx_database_status.methods_development_category    ? 
_pdbx_database_status.pdb_format_compatible           Y 
_pdbx_database_status.status_code_nmr_data            ? 
# 
loop_
_audit_author.name 
_audit_author.pdbx_ordinal 
'Link, T.M.'          1 
'Valentin-Hansen, P.' 2 
'Brennan, R.G.'       3 
# 
_citation.id                        primary 
_citation.title                     'Structure of Escherichia coli Hfq bound to polyriboadenylate RNA' 
_citation.journal_abbrev            Proc.Natl.Acad.Sci.USA 
_citation.journal_volume            106 
_citation.page_first                19292 
_citation.page_last                 19297 
_citation.year                      2009 
_citation.journal_id_ASTM           PNASA6 
_citation.country                   US 
_citation.journal_id_ISSN           0027-8424 
_citation.journal_id_CSD            0040 
_citation.book_publisher            ? 
_citation.pdbx_database_id_PubMed   19889981 
_citation.pdbx_database_id_DOI      10.1073/pnas.0908744106 
# 
loop_
_citation_author.citation_id 
_citation_author.name 
_citation_author.ordinal 
_citation_author.identifier_ORCID 
primary 'Link, T.M.'          1 ? 
primary 'Valentin-Hansen, P.' 2 ? 
primary 'Brennan, R.G.'       3 ? 
# 
loop_
_entity.id 
_entity.type 
_entity.src_method 
_entity.pdbx_description 
_entity.formula_weight 
_entity.pdbx_number_of_molecules 
_entity.pdbx_ec 
_entity.pdbx_mutation 
_entity.pdbx_fragment 
_entity.details 
1 polymer     man 'Protein hfq'                               7634.875 3 ? ? 'N-terminal fragment (2-69)' ? 
2 polymer     syn "5'-R(P*AP*AP*AP*AP*AP*AP*AP*AP*A)-3'"      2917.895 1 ? ? ?                            ? 
3 non-polymer syn '2-[N-CYCLOHEXYLAMINO]ETHANE SULFONIC ACID' 207.290  3 ? ? ?                            ? 
4 water       nat water                                       18.015   9 ? ? ?                            ? 
# 
_entity_name_com.entity_id   1 
_entity_name_com.name        'Host factor-I protein, HF-I, HF-1' 
# 
loop_
_entity_poly.entity_id 
_entity_poly.type 
_entity_poly.nstd_linkage 
_entity_poly.nstd_monomer 
_entity_poly.pdbx_seq_one_letter_code 
_entity_poly.pdbx_seq_one_letter_code_can 
_entity_poly.pdbx_strand_id 
_entity_poly.pdbx_target_identifier 
1 'polypeptide(L)'   no no AKGQSLQDPFLNALRRERVPVSIYLVNGIKLQGQIESFDQFVILLKNTVSQMVYKHAISTVVPSRPVS 
AKGQSLQDPFLNALRRERVPVSIYLVNGIKLQGQIESFDQFVILLKNTVSQMVYKHAISTVVPSRPVS A,B,C ? 
2 polyribonucleotide no no AAAAAAAAA                                                            AAAAAAAAA H     ? 
# 
loop_
_pdbx_entity_nonpoly.entity_id 
_pdbx_entity_nonpoly.name 
_pdbx_entity_nonpoly.comp_id 
3 '2-[N-CYCLOHEXYLAMINO]ETHANE SULFONIC ACID' NHE 
4 water                                       HOH 
# 
loop_
_entity_poly_seq.entity_id 
_entity_poly_seq.num 
_entity_poly_seq.mon_id 
_entity_poly_seq.hetero 
1 1  ALA n 
1 2  LYS n 
1 3  GLY n 
1 4  GLN n 
1 5  SER n 
1 6  LEU n 
1 7  GLN n 
1 8  ASP n 
1 9  PRO n 
1 10 PHE n 
1 11 LEU n 
1 12 ASN n 
1 13 ALA n 
1 14 LEU n 
1 15 ARG n 
1 16 ARG n 
1 17 GLU n 
1 18 ARG n 
1 19 VAL n 
1 20 PRO n 
1 21 VAL n 
1 22 SER n 
1 23 ILE n 
1 24 TYR n 
1 25 LEU n 
1 26 VAL n 
1 27 ASN n 
1 28 GLY n 
1 29 ILE n 
1 30 LYS n 
1 31 LEU n 
1 32 GLN n 
1 33 GLY n 
1 34 GLN n 
1 35 ILE n 
1 36 GLU n 
1 37 SER n 
1 38 PHE n 
1 39 ASP n 
1 40 GLN n 
1 41 PHE n 
1 42 VAL n 
1 43 ILE n 
1 44 LEU n 
1 45 LEU n 
1 46 LYS n 
1 47 ASN n 
1 48 THR n 
1 49 VAL n 
1 50 SER n 
1 51 GLN n 
1 52 MET n 
1 53 VAL n 
1 54 TYR n 
1 55 LYS n 
1 56 HIS n 
1 57 ALA n 
1 58 ILE n 
1 59 SER n 
1 60 THR n 
1 61 VAL n 
1 62 VAL n 
1 63 PRO n 
1 64 SER n 
1 65 ARG n 
1 66 PRO n 
1 67 VAL n 
1 68 SER n 
2 1  A   n 
2 2  A   n 
2 3  A   n 
2 4  A   n 
2 5  A   n 
2 6  A   n 
2 7  A   n 
2 8  A   n 
2 9  A   n 
# 
_entity_src_gen.entity_id                          1 
_entity_src_gen.pdbx_src_id                        1 
_entity_src_gen.pdbx_alt_source_flag               sample 
_entity_src_gen.pdbx_seq_type                      ? 
_entity_src_gen.pdbx_beg_seq_num                   ? 
_entity_src_gen.pdbx_end_seq_num                   ? 
_entity_src_gen.gene_src_common_name               ? 
_entity_src_gen.gene_src_genus                     ? 
_entity_src_gen.pdbx_gene_src_gene                 'b4172, hfq, JW4130' 
_entity_src_gen.gene_src_species                   ? 
_entity_src_gen.gene_src_strain                    K-12 
_entity_src_gen.gene_src_tissue                    ? 
_entity_src_gen.gene_src_tissue_fraction           ? 
_entity_src_gen.gene_src_details                   ? 
_entity_src_gen.pdbx_gene_src_fragment             ? 
_entity_src_gen.pdbx_gene_src_scientific_name      'Escherichia coli' 
_entity_src_gen.pdbx_gene_src_ncbi_taxonomy_id     83333 
_entity_src_gen.pdbx_gene_src_variant              ? 
_entity_src_gen.pdbx_gene_src_cell_line            ? 
_entity_src_gen.pdbx_gene_src_atcc                 ? 
_entity_src_gen.pdbx_gene_src_organ                ? 
_entity_src_gen.pdbx_gene_src_organelle            ? 
_entity_src_gen.pdbx_gene_src_cell                 ? 
_entity_src_gen.pdbx_gene_src_cellular_location    ? 
_entity_src_gen.host_org_common_name               ? 
_entity_src_gen.pdbx_host_org_scientific_name      'Escherichia coli' 
_entity_src_gen.pdbx_host_org_ncbi_taxonomy_id     562 
_entity_src_gen.host_org_genus                     ? 
_entity_src_gen.pdbx_host_org_gene                 ? 
_entity_src_gen.pdbx_host_org_organ                ? 
_entity_src_gen.host_org_species                   ? 
_entity_src_gen.pdbx_host_org_tissue               ? 
_entity_src_gen.pdbx_host_org_tissue_fraction      ? 
_entity_src_gen.pdbx_host_org_strain               'BL21 null hfq' 
_entity_src_gen.pdbx_host_org_variant              ? 
_entity_src_gen.pdbx_host_org_cell_line            ? 
_entity_src_gen.pdbx_host_org_atcc                 ? 
_entity_src_gen.pdbx_host_org_culture_collection   ? 
_entity_src_gen.pdbx_host_org_cell                 ? 
_entity_src_gen.pdbx_host_org_organelle            ? 
_entity_src_gen.pdbx_host_org_cellular_location    ? 
_entity_src_gen.pdbx_host_org_vector_type          plasmid 
_entity_src_gen.pdbx_host_org_vector               ? 
_entity_src_gen.host_org_details                   ? 
_entity_src_gen.expression_system_id               ? 
_entity_src_gen.plasmid_name                       PTYB11 
_entity_src_gen.plasmid_details                    ? 
_entity_src_gen.pdbx_description                   ? 
# 
loop_
_chem_comp.id 
_chem_comp.type 
_chem_comp.mon_nstd_flag 
_chem_comp.name 
_chem_comp.pdbx_synonyms 
_chem_comp.formula 
_chem_comp.formula_weight 
A   'RNA linking'       y "ADENOSINE-5'-MONOPHOSPHATE"                ?                           'C10 H14 N5 O7 P' 347.221 
ALA 'L-peptide linking' y ALANINE                                     ?                           'C3 H7 N O2'      89.093  
ARG 'L-peptide linking' y ARGININE                                    ?                           'C6 H15 N4 O2 1'  175.209 
ASN 'L-peptide linking' y ASPARAGINE                                  ?                           'C4 H8 N2 O3'     132.118 
ASP 'L-peptide linking' y 'ASPARTIC ACID'                             ?                           'C4 H7 N O4'      133.103 
GLN 'L-peptide linking' y GLUTAMINE                                   ?                           'C5 H10 N2 O3'    146.144 
GLU 'L-peptide linking' y 'GLUTAMIC ACID'                             ?                           'C5 H9 N O4'      147.129 
GLY 'peptide linking'   y GLYCINE                                     ?                           'C2 H5 N O2'      75.067  
HIS 'L-peptide linking' y HISTIDINE                                   ?                           'C6 H10 N3 O2 1'  156.162 
HOH non-polymer         . WATER                                       ?                           'H2 O'            18.015  
ILE 'L-peptide linking' y ISOLEUCINE                                  ?                           'C6 H13 N O2'     131.173 
LEU 'L-peptide linking' y LEUCINE                                     ?                           'C6 H13 N O2'     131.173 
LYS 'L-peptide linking' y LYSINE                                      ?                           'C6 H15 N2 O2 1'  147.195 
MET 'L-peptide linking' y METHIONINE                                  ?                           'C5 H11 N O2 S'   149.211 
NHE non-polymer         . '2-[N-CYCLOHEXYLAMINO]ETHANE SULFONIC ACID' 'N-CYCLOHEXYLTAURINE; CHES' 'C8 H17 N O3 S'   207.290 
PHE 'L-peptide linking' y PHENYLALANINE                               ?                           'C9 H11 N O2'     165.189 
PRO 'L-peptide linking' y PROLINE                                     ?                           'C5 H9 N O2'      115.130 
SER 'L-peptide linking' y SERINE                                      ?                           'C3 H7 N O3'      105.093 
THR 'L-peptide linking' y THREONINE                                   ?                           'C4 H9 N O3'      119.119 
TYR 'L-peptide linking' y TYROSINE                                    ?                           'C9 H11 N O3'     181.189 
VAL 'L-peptide linking' y VALINE                                      ?                           'C5 H11 N O2'     117.146 
# 
loop_
_pdbx_poly_seq_scheme.asym_id 
_pdbx_poly_seq_scheme.entity_id 
_pdbx_poly_seq_scheme.seq_id 
_pdbx_poly_seq_scheme.mon_id 
_pdbx_poly_seq_scheme.ndb_seq_num 
_pdbx_poly_seq_scheme.pdb_seq_num 
_pdbx_poly_seq_scheme.auth_seq_num 
_pdbx_poly_seq_scheme.pdb_mon_id 
_pdbx_poly_seq_scheme.auth_mon_id 
_pdbx_poly_seq_scheme.pdb_strand_id 
_pdbx_poly_seq_scheme.pdb_ins_code 
_pdbx_poly_seq_scheme.hetero 
A 1 1  ALA 1  2  ?  ?   ?   A . n 
A 1 2  LYS 2  3  ?  ?   ?   A . n 
A 1 3  GLY 3  4  ?  ?   ?   A . n 
A 1 4  GLN 4  5  ?  ?   ?   A . n 
A 1 5  SER 5  6  6  SER SER A . n 
A 1 6  LEU 6  7  7  LEU LEU A . n 
A 1 7  GLN 7  8  8  GLN GLN A . n 
A 1 8  ASP 8  9  9  ASP ASP A . n 
A 1 9  PRO 9  10 10 PRO PRO A . n 
A 1 10 PHE 10 11 11 PHE PHE A . n 
A 1 11 LEU 11 12 12 LEU LEU A . n 
A 1 12 ASN 12 13 13 ASN ASN A . n 
A 1 13 ALA 13 14 14 ALA ALA A . n 
A 1 14 LEU 14 15 15 LEU LEU A . n 
A 1 15 ARG 15 16 16 ARG ARG A . n 
A 1 16 ARG 16 17 17 ARG ARG A . n 
A 1 17 GLU 17 18 18 GLU GLU A . n 
A 1 18 ARG 18 19 19 ARG ARG A . n 
A 1 19 VAL 19 20 20 VAL VAL A . n 
A 1 20 PRO 20 21 21 PRO PRO A . n 
A 1 21 VAL 21 22 22 VAL VAL A . n 
A 1 22 SER 22 23 23 SER SER A . n 
A 1 23 ILE 23 24 24 ILE ILE A . n 
A 1 24 TYR 24 25 25 TYR TYR A . n 
A 1 25 LEU 25 26 26 LEU LEU A . n 
A 1 26 VAL 26 27 27 VAL VAL A . n 
A 1 27 ASN 27 28 28 ASN ASN A . n 
A 1 28 GLY 28 29 29 GLY GLY A . n 
A 1 29 ILE 29 30 30 ILE ILE A . n 
A 1 30 LYS 30 31 31 LYS LYS A . n 
A 1 31 LEU 31 32 32 LEU LEU A . n 
A 1 32 GLN 32 33 33 GLN GLN A . n 
A 1 33 GLY 33 34 34 GLY GLY A . n 
A 1 34 GLN 34 35 35 GLN GLN A . n 
A 1 35 ILE 35 36 36 ILE ILE A . n 
A 1 36 GLU 36 37 37 GLU GLU A . n 
A 1 37 SER 37 38 38 SER SER A . n 
A 1 38 PHE 38 39 39 PHE PHE A . n 
A 1 39 ASP 39 40 40 ASP ASP A . n 
A 1 40 GLN 40 41 41 GLN GLN A . n 
A 1 41 PHE 41 42 42 PHE PHE A . n 
A 1 42 VAL 42 43 43 VAL VAL A . n 
A 1 43 ILE 43 44 44 ILE ILE A . n 
A 1 44 LEU 44 45 45 LEU LEU A . n 
A 1 45 LEU 45 46 46 LEU LEU A . n 
A 1 46 LYS 46 47 47 LYS LYS A . n 
A 1 47 ASN 47 48 48 ASN ASN A . n 
A 1 48 THR 48 49 49 THR THR A . n 
A 1 49 VAL 49 50 50 VAL VAL A . n 
A 1 50 SER 50 51 51 SER SER A . n 
A 1 51 GLN 51 52 52 GLN GLN A . n 
A 1 52 MET 52 53 53 MET MET A . n 
A 1 53 VAL 53 54 54 VAL VAL A . n 
A 1 54 TYR 54 55 55 TYR TYR A . n 
A 1 55 LYS 55 56 56 LYS LYS A . n 
A 1 56 HIS 56 57 57 HIS HIS A . n 
A 1 57 ALA 57 58 58 ALA ALA A . n 
A 1 58 ILE 58 59 59 ILE ILE A . n 
A 1 59 SER 59 60 60 SER SER A . n 
A 1 60 THR 60 61 61 THR THR A . n 
A 1 61 VAL 61 62 62 VAL VAL A . n 
A 1 62 VAL 62 63 63 VAL VAL A . n 
A 1 63 PRO 63 64 64 PRO PRO A . n 
A 1 64 SER 64 65 65 SER SER A . n 
A 1 65 ARG 65 66 66 ARG ARG A . n 
A 1 66 PRO 66 67 67 PRO PRO A . n 
A 1 67 VAL 67 68 68 VAL VAL A . n 
A 1 68 SER 68 69 69 SER SER A . n 
B 1 1  ALA 1  2  ?  ?   ?   B . n 
B 1 2  LYS 2  3  ?  ?   ?   B . n 
B 1 3  GLY 3  4  4  GLY GLY B . n 
B 1 4  GLN 4  5  5  GLN GLN B . n 
B 1 5  SER 5  6  6  SER SER B . n 
B 1 6  LEU 6  7  7  LEU LEU B . n 
B 1 7  GLN 7  8  8  GLN GLN B . n 
B 1 8  ASP 8  9  9  ASP ASP B . n 
B 1 9  PRO 9  10 10 PRO PRO B . n 
B 1 10 PHE 10 11 11 PHE PHE B . n 
B 1 11 LEU 11 12 12 LEU LEU B . n 
B 1 12 ASN 12 13 13 ASN ASN B . n 
B 1 13 ALA 13 14 14 ALA ALA B . n 
B 1 14 LEU 14 15 15 LEU LEU B . n 
B 1 15 ARG 15 16 16 ARG ARG B . n 
B 1 16 ARG 16 17 17 ARG ARG B . n 
B 1 17 GLU 17 18 18 GLU GLU B . n 
B 1 18 ARG 18 19 19 ARG ARG B . n 
B 1 19 VAL 19 20 20 VAL VAL B . n 
B 1 20 PRO 20 21 21 PRO PRO B . n 
B 1 21 VAL 21 22 22 VAL VAL B . n 
B 1 22 SER 22 23 23 SER SER B . n 
B 1 23 ILE 23 24 24 ILE ILE B . n 
B 1 24 TYR 24 25 25 TYR TYR B . n 
B 1 25 LEU 25 26 26 LEU LEU B . n 
B 1 26 VAL 26 27 27 VAL VAL B . n 
B 1 27 ASN 27 28 28 ASN ASN B . n 
B 1 28 GLY 28 29 29 GLY GLY B . n 
B 1 29 ILE 29 30 30 ILE ILE B . n 
B 1 30 LYS 30 31 31 LYS LYS B . n 
B 1 31 LEU 31 32 32 LEU LEU B . n 
B 1 32 GLN 32 33 33 GLN GLN B . n 
B 1 33 GLY 33 34 34 GLY GLY B . n 
B 1 34 GLN 34 35 35 GLN GLN B . n 
B 1 35 ILE 35 36 36 ILE ILE B . n 
B 1 36 GLU 36 37 37 GLU GLU B . n 
B 1 37 SER 37 38 38 SER SER B . n 
B 1 38 PHE 38 39 39 PHE PHE B . n 
B 1 39 ASP 39 40 40 ASP ASP B . n 
B 1 40 GLN 40 41 41 GLN GLN B . n 
B 1 41 PHE 41 42 42 PHE PHE B . n 
B 1 42 VAL 42 43 43 VAL VAL B . n 
B 1 43 ILE 43 44 44 ILE ILE B . n 
B 1 44 LEU 44 45 45 LEU LEU B . n 
B 1 45 LEU 45 46 46 LEU LEU B . n 
B 1 46 LYS 46 47 47 LYS LYS B . n 
B 1 47 ASN 47 48 48 ASN ASN B . n 
B 1 48 THR 48 49 49 THR THR B . n 
B 1 49 VAL 49 50 50 VAL VAL B . n 
B 1 50 SER 50 51 51 SER SER B . n 
B 1 51 GLN 51 52 52 GLN GLN B . n 
B 1 52 MET 52 53 53 MET MET B . n 
B 1 53 VAL 53 54 54 VAL VAL B . n 
B 1 54 TYR 54 55 55 TYR TYR B . n 
B 1 55 LYS 55 56 56 LYS LYS B . n 
B 1 56 HIS 56 57 57 HIS HIS B . n 
B 1 57 ALA 57 58 58 ALA ALA B . n 
B 1 58 ILE 58 59 59 ILE ILE B . n 
B 1 59 SER 59 60 60 SER SER B . n 
B 1 60 THR 60 61 61 THR THR B . n 
B 1 61 VAL 61 62 62 VAL VAL B . n 
B 1 62 VAL 62 63 63 VAL VAL B . n 
B 1 63 PRO 63 64 64 PRO PRO B . n 
B 1 64 SER 64 65 65 SER SER B . n 
B 1 65 ARG 65 66 66 ARG ALA B . n 
B 1 66 PRO 66 67 67 PRO PRO B . n 
B 1 67 VAL 67 68 68 VAL VAL B . n 
B 1 68 SER 68 69 ?  ?   ?   B . n 
C 1 1  ALA 1  2  ?  ?   ?   C . n 
C 1 2  LYS 2  3  ?  ?   ?   C . n 
C 1 3  GLY 3  4  ?  ?   ?   C . n 
C 1 4  GLN 4  5  ?  ?   ?   C . n 
C 1 5  SER 5  6  6  SER SER C . n 
C 1 6  LEU 6  7  7  LEU LEU C . n 
C 1 7  GLN 7  8  8  GLN GLN C . n 
C 1 8  ASP 8  9  9  ASP ASP C . n 
C 1 9  PRO 9  10 10 PRO PRO C . n 
C 1 10 PHE 10 11 11 PHE PHE C . n 
C 1 11 LEU 11 12 12 LEU LEU C . n 
C 1 12 ASN 12 13 13 ASN ASN C . n 
C 1 13 ALA 13 14 14 ALA ALA C . n 
C 1 14 LEU 14 15 15 LEU LEU C . n 
C 1 15 ARG 15 16 16 ARG ARG C . n 
C 1 16 ARG 16 17 17 ARG ARG C . n 
C 1 17 GLU 17 18 18 GLU GLU C . n 
C 1 18 ARG 18 19 19 ARG ARG C . n 
C 1 19 VAL 19 20 20 VAL VAL C . n 
C 1 20 PRO 20 21 21 PRO PRO C . n 
C 1 21 VAL 21 22 22 VAL VAL C . n 
C 1 22 SER 22 23 23 SER SER C . n 
C 1 23 ILE 23 24 24 ILE ILE C . n 
C 1 24 TYR 24 25 25 TYR TYR C . n 
C 1 25 LEU 25 26 26 LEU LEU C . n 
C 1 26 VAL 26 27 27 VAL VAL C . n 
C 1 27 ASN 27 28 28 ASN ASN C . n 
C 1 28 GLY 28 29 29 GLY GLY C . n 
C 1 29 ILE 29 30 30 ILE ILE C . n 
C 1 30 LYS 30 31 31 LYS LYS C . n 
C 1 31 LEU 31 32 32 LEU LEU C . n 
C 1 32 GLN 32 33 33 GLN GLN C . n 
C 1 33 GLY 33 34 34 GLY GLY C . n 
C 1 34 GLN 34 35 35 GLN GLN C . n 
C 1 35 ILE 35 36 36 ILE ILE C . n 
C 1 36 GLU 36 37 37 GLU GLU C . n 
C 1 37 SER 37 38 38 SER SER C . n 
C 1 38 PHE 38 39 39 PHE PHE C . n 
C 1 39 ASP 39 40 40 ASP ASP C . n 
C 1 40 GLN 40 41 41 GLN GLN C . n 
C 1 41 PHE 41 42 42 PHE PHE C . n 
C 1 42 VAL 42 43 43 VAL VAL C . n 
C 1 43 ILE 43 44 44 ILE ILE C . n 
C 1 44 LEU 44 45 45 LEU LEU C . n 
C 1 45 LEU 45 46 46 LEU LEU C . n 
C 1 46 LYS 46 47 47 LYS LYS C . n 
C 1 47 ASN 47 48 48 ASN ASN C . n 
C 1 48 THR 48 49 49 THR THR C . n 
C 1 49 VAL 49 50 50 VAL VAL C . n 
C 1 50 SER 50 51 51 SER SER C . n 
C 1 51 GLN 51 52 52 GLN GLN C . n 
C 1 52 MET 52 53 53 MET MET C . n 
C 1 53 VAL 53 54 54 VAL VAL C . n 
C 1 54 TYR 54 55 55 TYR TYR C . n 
C 1 55 LYS 55 56 56 LYS LYS C . n 
C 1 56 HIS 56 57 57 HIS HIS C . n 
C 1 57 ALA 57 58 58 ALA ALA C . n 
C 1 58 ILE 58 59 59 ILE ILE C . n 
C 1 59 SER 59 60 60 SER SER C . n 
C 1 60 THR 60 61 61 THR THR C . n 
C 1 61 VAL 61 62 62 VAL VAL C . n 
C 1 62 VAL 62 63 63 VAL VAL C . n 
C 1 63 PRO 63 64 64 PRO PRO C . n 
C 1 64 SER 64 65 65 SER SER C . n 
C 1 65 ARG 65 66 66 ARG ARG C . n 
C 1 66 PRO 66 67 67 PRO PRO C . n 
C 1 67 VAL 67 68 ?  ?   ?   C . n 
C 1 68 SER 68 69 ?  ?   ?   C . n 
D 2 1  A   1  1  1  A   A   H . n 
D 2 2  A   2  2  2  A   A   H . n 
D 2 3  A   3  3  3  A   A   H . n 
D 2 4  A   4  4  4  A   A   H . n 
D 2 5  A   5  5  5  A   A   H . n 
D 2 6  A   6  6  6  A   A   H . n 
D 2 7  A   7  7  7  A   A   H . n 
D 2 8  A   8  8  8  A   A   H . n 
D 2 9  A   9  9  9  A   A   H . n 
# 
loop_
_pdbx_nonpoly_scheme.asym_id 
_pdbx_nonpoly_scheme.entity_id 
_pdbx_nonpoly_scheme.mon_id 
_pdbx_nonpoly_scheme.ndb_seq_num 
_pdbx_nonpoly_scheme.pdb_seq_num 
_pdbx_nonpoly_scheme.auth_seq_num 
_pdbx_nonpoly_scheme.pdb_mon_id 
_pdbx_nonpoly_scheme.auth_mon_id 
_pdbx_nonpoly_scheme.pdb_strand_id 
_pdbx_nonpoly_scheme.pdb_ins_code 
E 3 NHE 1 70 2 NHE NHE A . 
F 3 NHE 1 71 3 NHE NHE A . 
G 3 NHE 1 70 1 NHE NHE C . 
H 4 HOH 1 72 1 HOH HOH A . 
I 4 HOH 1 70 2 HOH HOH B . 
I 4 HOH 2 71 4 HOH HOH B . 
J 4 HOH 1 71 3 HOH HOH C . 
J 4 HOH 2 72 5 HOH HOH C . 
J 4 HOH 3 73 6 HOH HOH C . 
J 4 HOH 4 74 7 HOH HOH C . 
K 4 HOH 1 10 8 HOH HOH H . 
K 4 HOH 2 11 9 HOH HOH H . 
# 
loop_
_pdbx_unobs_or_zero_occ_atoms.id 
_pdbx_unobs_or_zero_occ_atoms.PDB_model_num 
_pdbx_unobs_or_zero_occ_atoms.polymer_flag 
_pdbx_unobs_or_zero_occ_atoms.occupancy_flag 
_pdbx_unobs_or_zero_occ_atoms.auth_asym_id 
_pdbx_unobs_or_zero_occ_atoms.auth_comp_id 
_pdbx_unobs_or_zero_occ_atoms.auth_seq_id 
_pdbx_unobs_or_zero_occ_atoms.PDB_ins_code 
_pdbx_unobs_or_zero_occ_atoms.auth_atom_id 
_pdbx_unobs_or_zero_occ_atoms.label_alt_id 
_pdbx_unobs_or_zero_occ_atoms.label_asym_id 
_pdbx_unobs_or_zero_occ_atoms.label_comp_id 
_pdbx_unobs_or_zero_occ_atoms.label_seq_id 
_pdbx_unobs_or_zero_occ_atoms.label_atom_id 
1  1 Y 1 B ARG 66 ? CG    ? B ARG 65 CG    
2  1 Y 1 B ARG 66 ? CD    ? B ARG 65 CD    
3  1 Y 1 B ARG 66 ? NE    ? B ARG 65 NE    
4  1 Y 1 B ARG 66 ? CZ    ? B ARG 65 CZ    
5  1 Y 1 B ARG 66 ? NH1   ? B ARG 65 NH1   
6  1 Y 1 B ARG 66 ? NH2   ? B ARG 65 NH2   
7  1 N 0 A NHE 70 ? "C3'" ? E NHE ?  "C3'" 
8  1 N 0 A NHE 70 ? "C2'" ? E NHE ?  "C2'" 
9  1 N 0 A NHE 70 ? "C1'" ? E NHE ?  "C1'" 
10 1 N 0 A NHE 70 ? "C6'" ? E NHE ?  "C6'" 
11 1 N 0 A NHE 70 ? N     ? E NHE ?  N     
12 1 N 0 A NHE 70 ? C1    ? E NHE ?  C1    
13 1 N 0 A NHE 70 ? "C5'" ? E NHE ?  "C5'" 
14 1 N 0 A NHE 70 ? "C4'" ? E NHE ?  "C4'" 
15 1 N 0 A NHE 71 ? "C3'" ? F NHE ?  "C3'" 
16 1 N 0 A NHE 71 ? "C2'" ? F NHE ?  "C2'" 
17 1 N 0 A NHE 71 ? "C1'" ? F NHE ?  "C1'" 
18 1 N 0 A NHE 71 ? "C6'" ? F NHE ?  "C6'" 
19 1 N 0 A NHE 71 ? N     ? F NHE ?  N     
20 1 N 0 A NHE 71 ? C1    ? F NHE ?  C1    
21 1 N 0 A NHE 71 ? "C5'" ? F NHE ?  "C5'" 
22 1 N 0 A NHE 71 ? "C4'" ? F NHE ?  "C4'" 
23 1 N 0 C NHE 70 ? "C3'" ? G NHE ?  "C3'" 
24 1 N 0 C NHE 70 ? "C2'" ? G NHE ?  "C2'" 
25 1 N 0 C NHE 70 ? "C1'" ? G NHE ?  "C1'" 
26 1 N 0 C NHE 70 ? "C6'" ? G NHE ?  "C6'" 
27 1 N 0 C NHE 70 ? N     ? G NHE ?  N     
28 1 N 0 C NHE 70 ? C1    ? G NHE ?  C1    
29 1 N 0 C NHE 70 ? "C5'" ? G NHE ?  "C5'" 
30 1 N 0 C NHE 70 ? "C4'" ? G NHE ?  "C4'" 
# 
loop_
_software.name 
_software.version 
_software.date 
_software.type 
_software.contact_author 
_software.contact_author_email 
_software.classification 
_software.location 
_software.language 
_software.citation_id 
_software.pdbx_ordinal 
MOSFLM      .        ?               package 'Andrew G.W. Leslie' andrew@mrc-lmb.cam.ac.uk 'data reduction'  
http://www.mrc-lmb.cam.ac.uk/harry/mosflm/   ?          ? 1 
SCALA       3.2.25   21/9/2006       other   'Phil R. Evans'      pre@mrc-lmb.cam.ac.uk    'data scaling'    
http://www.ccp4.ac.uk/dist/html/scala.html   Fortran_77 ? 2 
MOLREP      .        ?               program 'Alexei Vaguine'     alexei@ysbl.york.ac.uk   phasing           
http://www.ccp4.ac.uk/dist/html/molrep.html  Fortran_77 ? 3 
REFMAC      5.2.0019 ?               program 'Garib N. Murshudov' garib@ysbl.york.ac.uk    refinement        
http://www.ccp4.ac.uk/dist/html/refmac5.html Fortran_77 ? 4 
PDB_EXTRACT 3.006    'June 11, 2008' package PDB                  help@deposit.rcsb.org    'data extraction' 
http://sw-tools.pdb.org/apps/PDB_EXTRACT/    C++        ? 5 
# 
_cell.length_a           66.534 
_cell.length_b           88.960 
_cell.length_c           39.635 
_cell.angle_alpha        90.000 
_cell.angle_beta         90.000 
_cell.angle_gamma        90.000 
_cell.entry_id           3GIB 
_cell.pdbx_unique_axis   ? 
_cell.Z_PDB              12 
_cell.length_a_esd       ? 
_cell.length_b_esd       ? 
_cell.length_c_esd       ? 
_cell.angle_alpha_esd    ? 
_cell.angle_beta_esd     ? 
_cell.angle_gamma_esd    ? 
# 
_symmetry.space_group_name_H-M             'P 21 21 2' 
_symmetry.entry_id                         3GIB 
_symmetry.Int_Tables_number                18 
_symmetry.pdbx_full_space_group_name_H-M   ? 
_symmetry.cell_setting                     ? 
_symmetry.space_group_name_Hall            ? 
# 
_exptl.crystals_number   1 
_exptl.entry_id          3GIB 
_exptl.method            'X-RAY DIFFRACTION' 
# 
_exptl_crystal.id                    1 
_exptl_crystal.density_Matthews      2.24 
_exptl_crystal.density_meas          ? 
_exptl_crystal.density_percent_sol   45.01 
_exptl_crystal.description           ? 
_exptl_crystal.F_000                 ? 
_exptl_crystal.preparation           ? 
# 
_exptl_crystal_grow.crystal_id      1 
_exptl_crystal_grow.method          ? 
_exptl_crystal_grow.pH              9.5 
_exptl_crystal_grow.temp            298 
_exptl_crystal_grow.pdbx_details    '40% MPD, 0.1 M CHES 9.5, hanging drop, temperature 298K' 
_exptl_crystal_grow.temp_details    ? 
_exptl_crystal_grow.pdbx_pH_range   ? 
# 
loop_
_exptl_crystal_grow_comp.crystal_id 
_exptl_crystal_grow_comp.id 
_exptl_crystal_grow_comp.sol_id 
_exptl_crystal_grow_comp.name 
_exptl_crystal_grow_comp.conc 
_exptl_crystal_grow_comp.volume 
_exptl_crystal_grow_comp.details 
1 1 1 MPD  ? ? ? 
1 2 1 CHES ? ? ? 
1 3 2 MPD  ? ? ? 
1 4 2 CHES ? ? ? 
# 
_diffrn.id                     1 
_diffrn.ambient_temp           100 
_diffrn.ambient_temp_details   ? 
_diffrn.crystal_id             1 
# 
_diffrn_detector.diffrn_id              1 
_diffrn_detector.detector               CCD 
_diffrn_detector.type                   'ADSC QUANTUM 4' 
_diffrn_detector.pdbx_collection_date   2008-01-01 
_diffrn_detector.details                ? 
# 
_diffrn_radiation.diffrn_id                        1 
_diffrn_radiation.pdbx_diffrn_protocol             'SINGLE WAVELENGTH' 
_diffrn_radiation.monochromator                    GRAPHITE 
_diffrn_radiation.wavelength_id                    1 
_diffrn_radiation.pdbx_monochromatic_or_laue_m_l   M 
_diffrn_radiation.pdbx_scattering_type             x-ray 
# 
_diffrn_radiation_wavelength.id           1 
_diffrn_radiation_wavelength.wavelength   1.02 
_diffrn_radiation_wavelength.wt           1.0 
# 
_diffrn_source.diffrn_id                   1 
_diffrn_source.source                      SYNCHROTRON 
_diffrn_source.type                        'ALS BEAMLINE 8.3.1' 
_diffrn_source.pdbx_wavelength_list        1.02 
_diffrn_source.pdbx_wavelength             ? 
_diffrn_source.pdbx_synchrotron_site       ALS 
_diffrn_source.pdbx_synchrotron_beamline   8.3.1 
# 
_reflns.entry_id                     3GIB 
_reflns.d_resolution_high            2.400 
_reflns.d_resolution_low             89.087 
_reflns.number_all                   ? 
_reflns.number_obs                   9714 
_reflns.pdbx_Rmerge_I_obs            0.051 
_reflns.pdbx_netI_over_sigmaI        8.142 
_reflns.pdbx_Rsym_value              0.051 
_reflns.pdbx_redundancy              6.800 
_reflns.percent_possible_obs         99.900 
_reflns.observed_criterion_sigma_F   ? 
_reflns.observed_criterion_sigma_I   ? 
_reflns.B_iso_Wilson_estimate        ? 
_reflns.R_free_details               ? 
_reflns.limit_h_max                  ? 
_reflns.limit_h_min                  ? 
_reflns.limit_k_max                  ? 
_reflns.limit_k_min                  ? 
_reflns.limit_l_max                  ? 
_reflns.limit_l_min                  ? 
_reflns.observed_criterion_F_max     ? 
_reflns.observed_criterion_F_min     ? 
_reflns.pdbx_chi_squared             ? 
_reflns.pdbx_scaling_rejects         ? 
_reflns.pdbx_ordinal                 1 
_reflns.pdbx_diffrn_id               1 
# 
loop_
_reflns_shell.d_res_high 
_reflns_shell.d_res_low 
_reflns_shell.number_measured_obs 
_reflns_shell.number_measured_all 
_reflns_shell.number_unique_obs 
_reflns_shell.Rmerge_I_obs 
_reflns_shell.meanI_over_sigI_obs 
_reflns_shell.pdbx_Rsym_value 
_reflns_shell.pdbx_chi_squared 
_reflns_shell.pdbx_redundancy 
_reflns_shell.percent_possible_obs 
_reflns_shell.number_unique_all 
_reflns_shell.percent_possible_all 
_reflns_shell.pdbx_ordinal 
_reflns_shell.pdbx_diffrn_id 
2.40 2.53  ? 9807 ? 0.446 1.7  0.446 ? 7.10 ? 1385 99.80  1  1 
2.53 2.68  ? 9205 ? 0.299 2.5  0.299 ? 7.00 ? 1309 100.00 2  1 
2.68 2.87  ? 8713 ? 0.161 4.5  0.161 ? 7.00 ? 1248 100.00 3  1 
2.87 3.10  ? 8052 ? 0.094 7.2  0.094 ? 7.00 ? 1153 100.00 4  1 
3.10 3.39  ? 7349 ? 0.061 10.8 0.061 ? 6.90 ? 1061 99.70  5  1 
3.39 3.79  ? 6648 ? 0.043 13.8 0.043 ? 6.90 ? 970  99.90  6  1 
3.79 4.38  ? 5858 ? 0.042 12.9 0.042 ? 6.70 ? 878  100.00 7  1 
4.38 5.37  ? 4849 ? 0.043 13.2 0.043 ? 6.50 ? 747  100.00 8  1 
5.37 7.59  ? 3561 ? 0.035 14.2 0.035 ? 6.00 ? 597  100.00 9  1 
7.59 89.09 ? 2180 ? 0.034 15.3 0.034 ? 6.00 ? 366  99.10  10 1 
# 
_refine.entry_id                                 3GIB 
_refine.ls_d_res_high                            2.400 
_refine.ls_d_res_low                             44.50 
_refine.pdbx_ls_sigma_F                          0.00 
_refine.ls_percent_reflns_obs                    99.770 
_refine.ls_number_reflns_obs                     9680 
_refine.pdbx_ls_cross_valid_method               THROUGHOUT 
_refine.pdbx_R_Free_selection_details            RANDOM 
_refine.details                                  'HYDROGENS HAVE BEEN ADDED IN THE RIDING POSITIONS' 
_refine.ls_R_factor_obs                          0.225 
_refine.ls_R_factor_R_work                       0.223 
_refine.ls_R_factor_R_free                       0.259 
_refine.ls_percent_reflns_R_free                 4.800 
_refine.ls_number_reflns_R_free                  467 
_refine.B_iso_mean                               61.557 
_refine.aniso_B[1][1]                            -4.320 
_refine.aniso_B[2][2]                            0.330 
_refine.aniso_B[3][3]                            3.990 
_refine.aniso_B[1][2]                            -0.000 
_refine.aniso_B[1][3]                            0.000 
_refine.aniso_B[2][3]                            0.000 
_refine.correlation_coeff_Fo_to_Fc               0.947 
_refine.correlation_coeff_Fo_to_Fc_free          0.940 
_refine.pdbx_overall_ESU_R                       0.481 
_refine.pdbx_overall_ESU_R_Free                  0.275 
_refine.overall_SU_ML                            0.240 
_refine.overall_SU_B                             10.383 
_refine.solvent_model_details                    MASK 
_refine.pdbx_solvent_vdw_probe_radii             1.200 
_refine.pdbx_solvent_ion_probe_radii             0.800 
_refine.pdbx_solvent_shrinkage_radii             0.800 
_refine.pdbx_method_to_determine_struct          'MOLECULAR REPLACEMENT' 
_refine.pdbx_stereochemistry_target_values       'MAXIMUM LIKELIHOOD' 
_refine.B_iso_max                                129.26 
_refine.B_iso_min                                20.00 
_refine.occupancy_max                            1.00 
_refine.occupancy_min                            0.00 
_refine.pdbx_ls_sigma_I                          ? 
_refine.ls_number_reflns_all                     ? 
_refine.ls_R_factor_all                          ? 
_refine.ls_redundancy_reflns_obs                 ? 
_refine.pdbx_data_cutoff_high_absF               ? 
_refine.pdbx_data_cutoff_low_absF                ? 
_refine.ls_number_parameters                     ? 
_refine.ls_number_restraints                     ? 
_refine.ls_R_factor_R_free_error                 ? 
_refine.ls_R_factor_R_free_error_details         ? 
_refine.pdbx_starting_model                      ? 
_refine.pdbx_stereochem_target_val_spec_case     ? 
_refine.solvent_model_param_bsol                 ? 
_refine.solvent_model_param_ksol                 ? 
_refine.pdbx_isotropic_thermal_model             ? 
_refine.overall_SU_R_Cruickshank_DPI             ? 
_refine.overall_SU_R_free                        ? 
_refine.pdbx_data_cutoff_high_rms_absF           ? 
_refine.ls_wR_factor_R_free                      ? 
_refine.ls_wR_factor_R_work                      ? 
_refine.overall_FOM_free_R_set                   ? 
_refine.overall_FOM_work_R_set                   ? 
_refine.pdbx_overall_phase_error                 ? 
_refine.pdbx_refine_id                           'X-RAY DIFFRACTION' 
_refine.pdbx_diffrn_id                           1 
_refine.pdbx_TLS_residual_ADP_flag               ? 
_refine.pdbx_overall_SU_R_free_Cruickshank_DPI   ? 
_refine.pdbx_overall_SU_R_Blow_DPI               ? 
_refine.pdbx_overall_SU_R_free_Blow_DPI          ? 
# 
_refine_hist.pdbx_refine_id                   'X-RAY DIFFRACTION' 
_refine_hist.cycle_id                         LAST 
_refine_hist.pdbx_number_atoms_protein        1519 
_refine_hist.pdbx_number_atoms_nucleic_acid   199 
_refine_hist.pdbx_number_atoms_ligand         39 
_refine_hist.number_atoms_solvent             9 
_refine_hist.number_atoms_total               1766 
_refine_hist.d_res_high                       2.400 
_refine_hist.d_res_low                        44.50 
# 
loop_
_refine_ls_restr.type 
_refine_ls_restr.number 
_refine_ls_restr.dev_ideal 
_refine_ls_restr.dev_ideal_target 
_refine_ls_restr.weight 
_refine_ls_restr.pdbx_refine_id 
_refine_ls_restr.pdbx_restraint_function 
r_bond_refined_d         1785 0.010  0.022  ? 'X-RAY DIFFRACTION' ? 
r_angle_refined_deg      2470 1.223  2.133  ? 'X-RAY DIFFRACTION' ? 
r_dihedral_angle_1_deg   188  7.247  5.000  ? 'X-RAY DIFFRACTION' ? 
r_dihedral_angle_2_deg   66   29.865 23.939 ? 'X-RAY DIFFRACTION' ? 
r_dihedral_angle_3_deg   278  17.312 15.000 ? 'X-RAY DIFFRACTION' ? 
r_dihedral_angle_4_deg   11   11.845 15.000 ? 'X-RAY DIFFRACTION' ? 
r_chiral_restr           300  0.074  0.200  ? 'X-RAY DIFFRACTION' ? 
r_gen_planes_refined     1243 0.003  0.020  ? 'X-RAY DIFFRACTION' ? 
r_nbd_refined            643  0.204  0.200  ? 'X-RAY DIFFRACTION' ? 
r_nbtor_refined          1168 0.308  0.200  ? 'X-RAY DIFFRACTION' ? 
r_xyhbond_nbd_refined    69   0.124  0.200  ? 'X-RAY DIFFRACTION' ? 
r_symmetry_vdw_refined   36   0.226  0.200  ? 'X-RAY DIFFRACTION' ? 
r_symmetry_hbond_refined 8    0.221  0.200  ? 'X-RAY DIFFRACTION' ? 
r_mcbond_it              984  2.503  2.000  ? 'X-RAY DIFFRACTION' ? 
r_mcangle_it             1580 4.187  3.000  ? 'X-RAY DIFFRACTION' ? 
r_scbond_it              951  2.229  2.000  ? 'X-RAY DIFFRACTION' ? 
r_scangle_it             890  3.495  3.000  ? 'X-RAY DIFFRACTION' ? 
# 
_refine_ls_shell.d_res_high                       2.400 
_refine_ls_shell.d_res_low                        2.462 
_refine_ls_shell.pdbx_total_number_of_bins_used   20 
_refine_ls_shell.percent_reflns_obs               99.720 
_refine_ls_shell.number_reflns_R_work             680 
_refine_ls_shell.R_factor_all                     ? 
_refine_ls_shell.R_factor_R_work                  0.296 
_refine_ls_shell.R_factor_R_free                  0.329 
_refine_ls_shell.percent_reflns_R_free            ? 
_refine_ls_shell.number_reflns_R_free             33 
_refine_ls_shell.R_factor_R_free_error            ? 
_refine_ls_shell.number_reflns_all                713 
_refine_ls_shell.number_reflns_obs                ? 
_refine_ls_shell.redundancy_reflns_obs            ? 
_refine_ls_shell.pdbx_refine_id                   'X-RAY DIFFRACTION' 
# 
_struct.entry_id                  3GIB 
_struct.title                     'Crystal Structure of the Complex of the E. coli Hfq with Poly(A)' 
_struct.pdbx_model_details        ? 
_struct.pdbx_CASP_flag            ? 
_struct.pdbx_model_type_details   ? 
# 
_struct_keywords.entry_id        3GIB 
_struct_keywords.text            
;RNA binding protein, Hfq-RNA complex, degradosome component, DNA-binding, RNA-binding, Stress response, RNA binding protein-RNA COMPLEX
;
_struct_keywords.pdbx_keywords   'RNA binding protein/RNA' 
# 
loop_
_struct_asym.id 
_struct_asym.pdbx_blank_PDB_chainid_flag 
_struct_asym.pdbx_modified 
_struct_asym.entity_id 
_struct_asym.details 
A N N 1 ? 
B N N 1 ? 
C N N 1 ? 
D N N 2 ? 
E N N 3 ? 
F N N 3 ? 
G N N 3 ? 
H N N 4 ? 
I N N 4 ? 
J N N 4 ? 
K N N 4 ? 
# 
loop_
_struct_ref.id 
_struct_ref.db_name 
_struct_ref.db_code 
_struct_ref.pdbx_db_accession 
_struct_ref.entity_id 
_struct_ref.pdbx_seq_one_letter_code 
_struct_ref.pdbx_align_begin 
_struct_ref.pdbx_db_isoform 
1 UNP HFQ_ECOLI P0A6X3 1 AKGQSLQDPFLNALRRERVPVSIYLVNGIKLQGQIESFDQFVILLKNTVSQMVYKHAISTVVPSRPVS 2 ? 
2 PDB 3GIB      3GIB   2 AAAAAAAAA                                                            1 ? 
# 
loop_
_struct_ref_seq.align_id 
_struct_ref_seq.ref_id 
_struct_ref_seq.pdbx_PDB_id_code 
_struct_ref_seq.pdbx_strand_id 
_struct_ref_seq.seq_align_beg 
_struct_ref_seq.pdbx_seq_align_beg_ins_code 
_struct_ref_seq.seq_align_end 
_struct_ref_seq.pdbx_seq_align_end_ins_code 
_struct_ref_seq.pdbx_db_accession 
_struct_ref_seq.db_align_beg 
_struct_ref_seq.pdbx_db_align_beg_ins_code 
_struct_ref_seq.db_align_end 
_struct_ref_seq.pdbx_db_align_end_ins_code 
_struct_ref_seq.pdbx_auth_seq_align_beg 
_struct_ref_seq.pdbx_auth_seq_align_end 
1 1 3GIB A 1 ? 68 ? P0A6X3 2 ? 69 ? 2 69 
2 1 3GIB B 1 ? 68 ? P0A6X3 2 ? 69 ? 2 69 
3 1 3GIB C 1 ? 68 ? P0A6X3 2 ? 69 ? 2 69 
4 2 3GIB H 1 ? 9  ? 3GIB   1 ? 9  ? 1 9  
# 
_pdbx_struct_assembly.id                   1 
_pdbx_struct_assembly.details              author_and_software_defined_assembly 
_pdbx_struct_assembly.method_details       PISA 
_pdbx_struct_assembly.oligomeric_details   octameric 
_pdbx_struct_assembly.oligomeric_count     8 
# 
loop_
_pdbx_struct_assembly_prop.biol_id 
_pdbx_struct_assembly_prop.type 
_pdbx_struct_assembly_prop.value 
_pdbx_struct_assembly_prop.details 
1 'ABSA (A^2)' 8270  ? 
1 MORE         -71   ? 
1 'SSA (A^2)'  18260 ? 
# 
_pdbx_struct_assembly_gen.assembly_id       1 
_pdbx_struct_assembly_gen.oper_expression   1,2 
_pdbx_struct_assembly_gen.asym_id_list      A,B,C,D,E,F,G,H,I,J,K 
# 
loop_
_pdbx_struct_oper_list.id 
_pdbx_struct_oper_list.type 
_pdbx_struct_oper_list.name 
_pdbx_struct_oper_list.symmetry_operation 
_pdbx_struct_oper_list.matrix[1][1] 
_pdbx_struct_oper_list.matrix[1][2] 
_pdbx_struct_oper_list.matrix[1][3] 
_pdbx_struct_oper_list.vector[1] 
_pdbx_struct_oper_list.matrix[2][1] 
_pdbx_struct_oper_list.matrix[2][2] 
_pdbx_struct_oper_list.matrix[2][3] 
_pdbx_struct_oper_list.vector[2] 
_pdbx_struct_oper_list.matrix[3][1] 
_pdbx_struct_oper_list.matrix[3][2] 
_pdbx_struct_oper_list.matrix[3][3] 
_pdbx_struct_oper_list.vector[3] 
1 'identity operation'         1_555 x,y,z     1.0000000000 0.0000000000 0.0000000000 0.0000000000   0.0000000000 1.0000000000  0.0000000000 0.0000000000  0.0000000000 0.0000000000 1.0000000000  0.0000000000  
2 'crystal symmetry operation' 2_655 -x+1,-y,z 0.4715388558 0.2382645284 0.8490471848 -11.7285687981 0.2382645284 -0.9614213479 0.1374736564 16.9645799114 0.8490471848 0.1374736564 -0.5101175079 15.5668463600 
# 
_struct_biol.id        1 
_struct_biol.details   ? 
# 
loop_
_struct_conf.conf_type_id 
_struct_conf.id 
_struct_conf.pdbx_PDB_helix_id 
_struct_conf.beg_label_comp_id 
_struct_conf.beg_label_asym_id 
_struct_conf.beg_label_seq_id 
_struct_conf.pdbx_beg_PDB_ins_code 
_struct_conf.end_label_comp_id 
_struct_conf.end_label_asym_id 
_struct_conf.end_label_seq_id 
_struct_conf.pdbx_end_PDB_ins_code 
_struct_conf.beg_auth_comp_id 
_struct_conf.beg_auth_asym_id 
_struct_conf.beg_auth_seq_id 
_struct_conf.end_auth_comp_id 
_struct_conf.end_auth_asym_id 
_struct_conf.end_auth_seq_id 
_struct_conf.pdbx_PDB_helix_class 
_struct_conf.details 
_struct_conf.pdbx_PDB_helix_length 
HELX_P HELX_P1 1 LEU A 6 ? GLU A 17 ? LEU A 7 GLU A 18 1 ? 12 
HELX_P HELX_P2 2 LEU B 6 ? GLU B 17 ? LEU B 7 GLU B 18 1 ? 12 
HELX_P HELX_P3 3 LEU C 6 ? GLU C 17 ? LEU C 7 GLU C 18 1 ? 12 
# 
_struct_conf_type.id          HELX_P 
_struct_conf_type.criteria    ? 
_struct_conf_type.reference   ? 
# 
_struct_sheet.id               A 
_struct_sheet.type             ? 
_struct_sheet.number_strands   15 
_struct_sheet.details          ? 
# 
loop_
_struct_sheet_order.sheet_id 
_struct_sheet_order.range_id_1 
_struct_sheet_order.range_id_2 
_struct_sheet_order.offset 
_struct_sheet_order.sense 
A 1  2  ? anti-parallel 
A 2  3  ? anti-parallel 
A 3  4  ? anti-parallel 
A 4  5  ? anti-parallel 
A 5  6  ? anti-parallel 
A 6  7  ? anti-parallel 
A 7  8  ? anti-parallel 
A 8  9  ? anti-parallel 
A 9  10 ? anti-parallel 
A 10 11 ? anti-parallel 
A 11 12 ? anti-parallel 
A 12 13 ? anti-parallel 
A 13 14 ? anti-parallel 
A 14 15 ? anti-parallel 
# 
loop_
_struct_sheet_range.sheet_id 
_struct_sheet_range.id 
_struct_sheet_range.beg_label_comp_id 
_struct_sheet_range.beg_label_asym_id 
_struct_sheet_range.beg_label_seq_id 
_struct_sheet_range.pdbx_beg_PDB_ins_code 
_struct_sheet_range.end_label_comp_id 
_struct_sheet_range.end_label_asym_id 
_struct_sheet_range.end_label_seq_id 
_struct_sheet_range.pdbx_end_PDB_ins_code 
_struct_sheet_range.beg_auth_comp_id 
_struct_sheet_range.beg_auth_asym_id 
_struct_sheet_range.beg_auth_seq_id 
_struct_sheet_range.end_auth_comp_id 
_struct_sheet_range.end_auth_asym_id 
_struct_sheet_range.end_auth_seq_id 
A 1  SER A 50 ? TYR A 54 ? SER A 51 TYR A 55 
A 2  VAL A 42 ? LYS A 46 ? VAL A 43 LYS A 47 
A 3  LYS A 30 ? PHE A 38 ? LYS A 31 PHE A 39 
A 4  PRO A 20 ? LEU A 25 ? PRO A 21 LEU A 26 
A 5  ILE A 58 ? PRO A 63 ? ILE A 59 PRO A 64 
A 6  SER B 50 ? TYR B 54 ? SER B 51 TYR B 55 
A 7  VAL B 42 ? LYS B 46 ? VAL B 43 LYS B 47 
A 8  LYS B 30 ? PHE B 38 ? LYS B 31 PHE B 39 
A 9  VAL B 21 ? LEU B 25 ? VAL B 22 LEU B 26 
A 10 ILE B 58 ? PRO B 63 ? ILE B 59 PRO B 64 
A 11 SER C 50 ? TYR C 54 ? SER C 51 TYR C 55 
A 12 VAL C 42 ? LYS C 46 ? VAL C 43 LYS C 47 
A 13 LYS C 30 ? PHE C 38 ? LYS C 31 PHE C 39 
A 14 PRO C 20 ? LEU C 25 ? PRO C 21 LEU C 26 
A 15 ILE C 58 ? PRO C 63 ? ILE C 59 PRO C 64 
# 
loop_
_pdbx_struct_sheet_hbond.sheet_id 
_pdbx_struct_sheet_hbond.range_id_1 
_pdbx_struct_sheet_hbond.range_id_2 
_pdbx_struct_sheet_hbond.range_1_label_atom_id 
_pdbx_struct_sheet_hbond.range_1_label_comp_id 
_pdbx_struct_sheet_hbond.range_1_label_asym_id 
_pdbx_struct_sheet_hbond.range_1_label_seq_id 
_pdbx_struct_sheet_hbond.range_1_PDB_ins_code 
_pdbx_struct_sheet_hbond.range_1_auth_atom_id 
_pdbx_struct_sheet_hbond.range_1_auth_comp_id 
_pdbx_struct_sheet_hbond.range_1_auth_asym_id 
_pdbx_struct_sheet_hbond.range_1_auth_seq_id 
_pdbx_struct_sheet_hbond.range_2_label_atom_id 
_pdbx_struct_sheet_hbond.range_2_label_comp_id 
_pdbx_struct_sheet_hbond.range_2_label_asym_id 
_pdbx_struct_sheet_hbond.range_2_label_seq_id 
_pdbx_struct_sheet_hbond.range_2_PDB_ins_code 
_pdbx_struct_sheet_hbond.range_2_auth_atom_id 
_pdbx_struct_sheet_hbond.range_2_auth_comp_id 
_pdbx_struct_sheet_hbond.range_2_auth_asym_id 
_pdbx_struct_sheet_hbond.range_2_auth_seq_id 
A 1  2  O VAL A 53 ? O VAL A 54 N ILE A 43 ? N ILE A 44 
A 2  3  O LYS A 46 ? O LYS A 47 N GLN A 34 ? N GLN A 35 
A 3  4  O GLY A 33 ? O GLY A 34 N VAL A 21 ? N VAL A 22 
A 4  5  N SER A 22 ? N SER A 23 O VAL A 62 ? O VAL A 63 
A 5  6  N VAL A 61 ? N VAL A 62 O MET B 52 ? O MET B 53 
A 6  7  O VAL B 53 ? O VAL B 54 N ILE B 43 ? N ILE B 44 
A 7  8  O LEU B 44 ? O LEU B 45 N SER B 37 ? N SER B 38 
A 8  9  O LEU B 31 ? O LEU B 32 N ILE B 23 ? N ILE B 24 
A 9  10 N SER B 22 ? N SER B 23 O VAL B 62 ? O VAL B 63 
A 10 11 N SER B 59 ? N SER B 60 O TYR C 54 ? O TYR C 55 
A 11 12 O VAL C 53 ? O VAL C 54 N ILE C 43 ? N ILE C 44 
A 12 13 O LYS C 46 ? O LYS C 47 N GLN C 34 ? N GLN C 35 
A 13 14 O LEU C 31 ? O LEU C 32 N ILE C 23 ? N ILE C 24 
A 14 15 N SER C 22 ? N SER C 23 O VAL C 62 ? O VAL C 63 
# 
loop_
_struct_site.id 
_struct_site.pdbx_evidence_code 
_struct_site.pdbx_auth_asym_id 
_struct_site.pdbx_auth_comp_id 
_struct_site.pdbx_auth_seq_id 
_struct_site.pdbx_auth_ins_code 
_struct_site.pdbx_num_residues 
_struct_site.details 
AC1 Software A NHE 70 ? 1 'BINDING SITE FOR RESIDUE NHE A 70' 
AC2 Software A NHE 71 ? 2 'BINDING SITE FOR RESIDUE NHE A 71' 
AC3 Software C NHE 70 ? 1 'BINDING SITE FOR RESIDUE NHE C 70' 
# 
loop_
_struct_site_gen.id 
_struct_site_gen.site_id 
_struct_site_gen.pdbx_num_res 
_struct_site_gen.label_comp_id 
_struct_site_gen.label_asym_id 
_struct_site_gen.label_seq_id 
_struct_site_gen.pdbx_auth_ins_code 
_struct_site_gen.auth_comp_id 
_struct_site_gen.auth_asym_id 
_struct_site_gen.auth_seq_id 
_struct_site_gen.label_atom_id 
_struct_site_gen.label_alt_id 
_struct_site_gen.symmetry 
_struct_site_gen.details 
1 AC1 1 HIS B 56 ? HIS B 57 . ? 1_555 ? 
2 AC2 2 HIS A 56 ? HIS A 57 . ? 1_555 ? 
3 AC2 2 LYS C 55 ? LYS C 56 . ? 2_655 ? 
4 AC3 1 HIS C 56 ? HIS C 57 . ? 1_555 ? 
# 
_pdbx_validate_symm_contact.id                1 
_pdbx_validate_symm_contact.PDB_model_num     1 
_pdbx_validate_symm_contact.auth_atom_id_1    NE2 
_pdbx_validate_symm_contact.auth_asym_id_1    C 
_pdbx_validate_symm_contact.auth_comp_id_1    GLN 
_pdbx_validate_symm_contact.auth_seq_id_1     41 
_pdbx_validate_symm_contact.PDB_ins_code_1    ? 
_pdbx_validate_symm_contact.label_alt_id_1    ? 
_pdbx_validate_symm_contact.site_symmetry_1   1_555 
_pdbx_validate_symm_contact.auth_atom_id_2    "C2'" 
_pdbx_validate_symm_contact.auth_asym_id_2    A 
_pdbx_validate_symm_contact.auth_comp_id_2    NHE 
_pdbx_validate_symm_contact.auth_seq_id_2     71 
_pdbx_validate_symm_contact.PDB_ins_code_2    ? 
_pdbx_validate_symm_contact.label_alt_id_2    ? 
_pdbx_validate_symm_contact.site_symmetry_2   2_655 
_pdbx_validate_symm_contact.dist              1.77 
# 
_pdbx_validate_rmsd_bond.id                        1 
_pdbx_validate_rmsd_bond.PDB_model_num             1 
_pdbx_validate_rmsd_bond.auth_atom_id_1            P 
_pdbx_validate_rmsd_bond.auth_asym_id_1            H 
_pdbx_validate_rmsd_bond.auth_comp_id_1            A 
_pdbx_validate_rmsd_bond.auth_seq_id_1             1 
_pdbx_validate_rmsd_bond.PDB_ins_code_1            ? 
_pdbx_validate_rmsd_bond.label_alt_id_1            ? 
_pdbx_validate_rmsd_bond.auth_atom_id_2            OP3 
_pdbx_validate_rmsd_bond.auth_asym_id_2            H 
_pdbx_validate_rmsd_bond.auth_comp_id_2            A 
_pdbx_validate_rmsd_bond.auth_seq_id_2             1 
_pdbx_validate_rmsd_bond.PDB_ins_code_2            ? 
_pdbx_validate_rmsd_bond.label_alt_id_2            ? 
_pdbx_validate_rmsd_bond.bond_value                1.485 
_pdbx_validate_rmsd_bond.bond_target_value         1.607 
_pdbx_validate_rmsd_bond.bond_deviation            -0.122 
_pdbx_validate_rmsd_bond.bond_standard_deviation   0.012 
_pdbx_validate_rmsd_bond.linker_flag               N 
# 
loop_
_pdbx_validate_torsion.id 
_pdbx_validate_torsion.PDB_model_num 
_pdbx_validate_torsion.auth_comp_id 
_pdbx_validate_torsion.auth_asym_id 
_pdbx_validate_torsion.auth_seq_id 
_pdbx_validate_torsion.PDB_ins_code 
_pdbx_validate_torsion.label_alt_id 
_pdbx_validate_torsion.phi 
_pdbx_validate_torsion.psi 
1 1 ARG A 16 ? ? -77.55  -70.15  
2 1 ASN A 48 ? ? -142.40 -127.67 
3 1 GLN B 5  ? ? -172.90 -19.58  
4 1 ASN B 48 ? ? -134.04 -120.41 
5 1 PRO B 67 ? ? -72.35  48.53   
6 1 GLU C 18 ? ? -67.58  1.48    
7 1 ASP C 40 ? ? -136.73 -156.59 
8 1 ASN C 48 ? ? -151.50 -110.79 
# 
_pdbx_phasing_MR.entry_id                     3GIB 
_pdbx_phasing_MR.method_rotation              ? 
_pdbx_phasing_MR.method_translation           ? 
_pdbx_phasing_MR.model_details                ? 
_pdbx_phasing_MR.R_factor                     ? 
_pdbx_phasing_MR.R_rigid_body                 ? 
_pdbx_phasing_MR.correlation_coeff_Fo_to_Fc   ? 
_pdbx_phasing_MR.correlation_coeff_Io_to_Ic   ? 
_pdbx_phasing_MR.d_res_high_rotation          3.500 
_pdbx_phasing_MR.d_res_low_rotation           44.480 
_pdbx_phasing_MR.d_res_high_translation       3.500 
_pdbx_phasing_MR.d_res_low_translation        44.480 
_pdbx_phasing_MR.packing                      ? 
_pdbx_phasing_MR.reflns_percent_rotation      ? 
_pdbx_phasing_MR.reflns_percent_translation   ? 
_pdbx_phasing_MR.sigma_F_rotation             ? 
_pdbx_phasing_MR.sigma_F_translation          ? 
_pdbx_phasing_MR.sigma_I_rotation             ? 
_pdbx_phasing_MR.sigma_I_translation          ? 
# 
_phasing.method   MR 
# 
loop_
_pdbx_unobs_or_zero_occ_residues.id 
_pdbx_unobs_or_zero_occ_residues.PDB_model_num 
_pdbx_unobs_or_zero_occ_residues.polymer_flag 
_pdbx_unobs_or_zero_occ_residues.occupancy_flag 
_pdbx_unobs_or_zero_occ_residues.auth_asym_id 
_pdbx_unobs_or_zero_occ_residues.auth_comp_id 
_pdbx_unobs_or_zero_occ_residues.auth_seq_id 
_pdbx_unobs_or_zero_occ_residues.PDB_ins_code 
_pdbx_unobs_or_zero_occ_residues.label_asym_id 
_pdbx_unobs_or_zero_occ_residues.label_comp_id 
_pdbx_unobs_or_zero_occ_residues.label_seq_id 
1  1 Y 1 A ALA 2  ? A ALA 1  
2  1 Y 1 A LYS 3  ? A LYS 2  
3  1 Y 1 A GLY 4  ? A GLY 3  
4  1 Y 1 A GLN 5  ? A GLN 4  
5  1 Y 1 B ALA 2  ? B ALA 1  
6  1 Y 1 B LYS 3  ? B LYS 2  
7  1 Y 1 B SER 69 ? B SER 68 
8  1 Y 1 C ALA 2  ? C ALA 1  
9  1 Y 1 C LYS 3  ? C LYS 2  
10 1 Y 1 C GLY 4  ? C GLY 3  
11 1 Y 1 C GLN 5  ? C GLN 4  
12 1 Y 1 C VAL 68 ? C VAL 67 
13 1 Y 1 C SER 69 ? C SER 68 
# 
loop_
_chem_comp_atom.comp_id 
_chem_comp_atom.atom_id 
_chem_comp_atom.type_symbol 
_chem_comp_atom.pdbx_aromatic_flag 
_chem_comp_atom.pdbx_stereo_config 
_chem_comp_atom.pdbx_ordinal 
A   OP3    O N N 1   
A   P      P N N 2   
A   OP1    O N N 3   
A   OP2    O N N 4   
A   "O5'"  O N N 5   
A   "C5'"  C N N 6   
A   "C4'"  C N R 7   
A   "O4'"  O N N 8   
A   "C3'"  C N S 9   
A   "O3'"  O N N 10  
A   "C2'"  C N R 11  
A   "O2'"  O N N 12  
A   "C1'"  C N R 13  
A   N9     N Y N 14  
A   C8     C Y N 15  
A   N7     N Y N 16  
A   C5     C Y N 17  
A   C6     C Y N 18  
A   N6     N N N 19  
A   N1     N Y N 20  
A   C2     C Y N 21  
A   N3     N Y N 22  
A   C4     C Y N 23  
A   HOP3   H N N 24  
A   HOP2   H N N 25  
A   "H5'"  H N N 26  
A   "H5''" H N N 27  
A   "H4'"  H N N 28  
A   "H3'"  H N N 29  
A   "HO3'" H N N 30  
A   "H2'"  H N N 31  
A   "HO2'" H N N 32  
A   "H1'"  H N N 33  
A   H8     H N N 34  
A   H61    H N N 35  
A   H62    H N N 36  
A   H2     H N N 37  
ALA N      N N N 38  
ALA CA     C N S 39  
ALA C      C N N 40  
ALA O      O N N 41  
ALA CB     C N N 42  
ALA OXT    O N N 43  
ALA H      H N N 44  
ALA H2     H N N 45  
ALA HA     H N N 46  
ALA HB1    H N N 47  
ALA HB2    H N N 48  
ALA HB3    H N N 49  
ALA HXT    H N N 50  
ARG N      N N N 51  
ARG CA     C N S 52  
ARG C      C N N 53  
ARG O      O N N 54  
ARG CB     C N N 55  
ARG CG     C N N 56  
ARG CD     C N N 57  
ARG NE     N N N 58  
ARG CZ     C N N 59  
ARG NH1    N N N 60  
ARG NH2    N N N 61  
ARG OXT    O N N 62  
ARG H      H N N 63  
ARG H2     H N N 64  
ARG HA     H N N 65  
ARG HB2    H N N 66  
ARG HB3    H N N 67  
ARG HG2    H N N 68  
ARG HG3    H N N 69  
ARG HD2    H N N 70  
ARG HD3    H N N 71  
ARG HE     H N N 72  
ARG HH11   H N N 73  
ARG HH12   H N N 74  
ARG HH21   H N N 75  
ARG HH22   H N N 76  
ARG HXT    H N N 77  
ASN N      N N N 78  
ASN CA     C N S 79  
ASN C      C N N 80  
ASN O      O N N 81  
ASN CB     C N N 82  
ASN CG     C N N 83  
ASN OD1    O N N 84  
ASN ND2    N N N 85  
ASN OXT    O N N 86  
ASN H      H N N 87  
ASN H2     H N N 88  
ASN HA     H N N 89  
ASN HB2    H N N 90  
ASN HB3    H N N 91  
ASN HD21   H N N 92  
ASN HD22   H N N 93  
ASN HXT    H N N 94  
ASP N      N N N 95  
ASP CA     C N S 96  
ASP C      C N N 97  
ASP O      O N N 98  
ASP CB     C N N 99  
ASP CG     C N N 100 
ASP OD1    O N N 101 
ASP OD2    O N N 102 
ASP OXT    O N N 103 
ASP H      H N N 104 
ASP H2     H N N 105 
ASP HA     H N N 106 
ASP HB2    H N N 107 
ASP HB3    H N N 108 
ASP HD2    H N N 109 
ASP HXT    H N N 110 
GLN N      N N N 111 
GLN CA     C N S 112 
GLN C      C N N 113 
GLN O      O N N 114 
GLN CB     C N N 115 
GLN CG     C N N 116 
GLN CD     C N N 117 
GLN OE1    O N N 118 
GLN NE2    N N N 119 
GLN OXT    O N N 120 
GLN H      H N N 121 
GLN H2     H N N 122 
GLN HA     H N N 123 
GLN HB2    H N N 124 
GLN HB3    H N N 125 
GLN HG2    H N N 126 
GLN HG3    H N N 127 
GLN HE21   H N N 128 
GLN HE22   H N N 129 
GLN HXT    H N N 130 
GLU N      N N N 131 
GLU CA     C N S 132 
GLU C      C N N 133 
GLU O      O N N 134 
GLU CB     C N N 135 
GLU CG     C N N 136 
GLU CD     C N N 137 
GLU OE1    O N N 138 
GLU OE2    O N N 139 
GLU OXT    O N N 140 
GLU H      H N N 141 
GLU H2     H N N 142 
GLU HA     H N N 143 
GLU HB2    H N N 144 
GLU HB3    H N N 145 
GLU HG2    H N N 146 
GLU HG3    H N N 147 
GLU HE2    H N N 148 
GLU HXT    H N N 149 
GLY N      N N N 150 
GLY CA     C N N 151 
GLY C      C N N 152 
GLY O      O N N 153 
GLY OXT    O N N 154 
GLY H      H N N 155 
GLY H2     H N N 156 
GLY HA2    H N N 157 
GLY HA3    H N N 158 
GLY HXT    H N N 159 
HIS N      N N N 160 
HIS CA     C N S 161 
HIS C      C N N 162 
HIS O      O N N 163 
HIS CB     C N N 164 
HIS CG     C Y N 165 
HIS ND1    N Y N 166 
HIS CD2    C Y N 167 
HIS CE1    C Y N 168 
HIS NE2    N Y N 169 
HIS OXT    O N N 170 
HIS H      H N N 171 
HIS H2     H N N 172 
HIS HA     H N N 173 
HIS HB2    H N N 174 
HIS HB3    H N N 175 
HIS HD1    H N N 176 
HIS HD2    H N N 177 
HIS HE1    H N N 178 
HIS HE2    H N N 179 
HIS HXT    H N N 180 
HOH O      O N N 181 
HOH H1     H N N 182 
HOH H2     H N N 183 
ILE N      N N N 184 
ILE CA     C N S 185 
ILE C      C N N 186 
ILE O      O N N 187 
ILE CB     C N S 188 
ILE CG1    C N N 189 
ILE CG2    C N N 190 
ILE CD1    C N N 191 
ILE OXT    O N N 192 
ILE H      H N N 193 
ILE H2     H N N 194 
ILE HA     H N N 195 
ILE HB     H N N 196 
ILE HG12   H N N 197 
ILE HG13   H N N 198 
ILE HG21   H N N 199 
ILE HG22   H N N 200 
ILE HG23   H N N 201 
ILE HD11   H N N 202 
ILE HD12   H N N 203 
ILE HD13   H N N 204 
ILE HXT    H N N 205 
LEU N      N N N 206 
LEU CA     C N S 207 
LEU C      C N N 208 
LEU O      O N N 209 
LEU CB     C N N 210 
LEU CG     C N N 211 
LEU CD1    C N N 212 
LEU CD2    C N N 213 
LEU OXT    O N N 214 
LEU H      H N N 215 
LEU H2     H N N 216 
LEU HA     H N N 217 
LEU HB2    H N N 218 
LEU HB3    H N N 219 
LEU HG     H N N 220 
LEU HD11   H N N 221 
LEU HD12   H N N 222 
LEU HD13   H N N 223 
LEU HD21   H N N 224 
LEU HD22   H N N 225 
LEU HD23   H N N 226 
LEU HXT    H N N 227 
LYS N      N N N 228 
LYS CA     C N S 229 
LYS C      C N N 230 
LYS O      O N N 231 
LYS CB     C N N 232 
LYS CG     C N N 233 
LYS CD     C N N 234 
LYS CE     C N N 235 
LYS NZ     N N N 236 
LYS OXT    O N N 237 
LYS H      H N N 238 
LYS H2     H N N 239 
LYS HA     H N N 240 
LYS HB2    H N N 241 
LYS HB3    H N N 242 
LYS HG2    H N N 243 
LYS HG3    H N N 244 
LYS HD2    H N N 245 
LYS HD3    H N N 246 
LYS HE2    H N N 247 
LYS HE3    H N N 248 
LYS HZ1    H N N 249 
LYS HZ2    H N N 250 
LYS HZ3    H N N 251 
LYS HXT    H N N 252 
MET N      N N N 253 
MET CA     C N S 254 
MET C      C N N 255 
MET O      O N N 256 
MET CB     C N N 257 
MET CG     C N N 258 
MET SD     S N N 259 
MET CE     C N N 260 
MET OXT    O N N 261 
MET H      H N N 262 
MET H2     H N N 263 
MET HA     H N N 264 
MET HB2    H N N 265 
MET HB3    H N N 266 
MET HG2    H N N 267 
MET HG3    H N N 268 
MET HE1    H N N 269 
MET HE2    H N N 270 
MET HE3    H N N 271 
MET HXT    H N N 272 
NHE "C3'"  C N N 273 
NHE "C2'"  C N N 274 
NHE "C1'"  C N N 275 
NHE "C6'"  C N N 276 
NHE N      N N N 277 
NHE C1     C N N 278 
NHE C2     C N N 279 
NHE S      S N N 280 
NHE O1     O N N 281 
NHE O2     O N N 282 
NHE O3     O N N 283 
NHE "C5'"  C N N 284 
NHE "C4'"  C N N 285 
NHE "H3'1" H N N 286 
NHE "H3'2" H N N 287 
NHE "H2'1" H N N 288 
NHE "H2'2" H N N 289 
NHE "HC'1" H N N 290 
NHE "H6'1" H N N 291 
NHE "H6'2" H N N 292 
NHE HN     H N N 293 
NHE HC11   H N N 294 
NHE HC12   H N N 295 
NHE HC21   H N N 296 
NHE HC22   H N N 297 
NHE HO3    H N N 298 
NHE "H5'1" H N N 299 
NHE "H5'2" H N N 300 
NHE "H4'1" H N N 301 
NHE "H4'2" H N N 302 
PHE N      N N N 303 
PHE CA     C N S 304 
PHE C      C N N 305 
PHE O      O N N 306 
PHE CB     C N N 307 
PHE CG     C Y N 308 
PHE CD1    C Y N 309 
PHE CD2    C Y N 310 
PHE CE1    C Y N 311 
PHE CE2    C Y N 312 
PHE CZ     C Y N 313 
PHE OXT    O N N 314 
PHE H      H N N 315 
PHE H2     H N N 316 
PHE HA     H N N 317 
PHE HB2    H N N 318 
PHE HB3    H N N 319 
PHE HD1    H N N 320 
PHE HD2    H N N 321 
PHE HE1    H N N 322 
PHE HE2    H N N 323 
PHE HZ     H N N 324 
PHE HXT    H N N 325 
PRO N      N N N 326 
PRO CA     C N S 327 
PRO C      C N N 328 
PRO O      O N N 329 
PRO CB     C N N 330 
PRO CG     C N N 331 
PRO CD     C N N 332 
PRO OXT    O N N 333 
PRO H      H N N 334 
PRO HA     H N N 335 
PRO HB2    H N N 336 
PRO HB3    H N N 337 
PRO HG2    H N N 338 
PRO HG3    H N N 339 
PRO HD2    H N N 340 
PRO HD3    H N N 341 
PRO HXT    H N N 342 
SER N      N N N 343 
SER CA     C N S 344 
SER C      C N N 345 
SER O      O N N 346 
SER CB     C N N 347 
SER OG     O N N 348 
SER OXT    O N N 349 
SER H      H N N 350 
SER H2     H N N 351 
SER HA     H N N 352 
SER HB2    H N N 353 
SER HB3    H N N 354 
SER HG     H N N 355 
SER HXT    H N N 356 
THR N      N N N 357 
THR CA     C N S 358 
THR C      C N N 359 
THR O      O N N 360 
THR CB     C N R 361 
THR OG1    O N N 362 
THR CG2    C N N 363 
THR OXT    O N N 364 
THR H      H N N 365 
THR H2     H N N 366 
THR HA     H N N 367 
THR HB     H N N 368 
THR HG1    H N N 369 
THR HG21   H N N 370 
THR HG22   H N N 371 
THR HG23   H N N 372 
THR HXT    H N N 373 
TYR N      N N N 374 
TYR CA     C N S 375 
TYR C      C N N 376 
TYR O      O N N 377 
TYR CB     C N N 378 
TYR CG     C Y N 379 
TYR CD1    C Y N 380 
TYR CD2    C Y N 381 
TYR CE1    C Y N 382 
TYR CE2    C Y N 383 
TYR CZ     C Y N 384 
TYR OH     O N N 385 
TYR OXT    O N N 386 
TYR H      H N N 387 
TYR H2     H N N 388 
TYR HA     H N N 389 
TYR HB2    H N N 390 
TYR HB3    H N N 391 
TYR HD1    H N N 392 
TYR HD2    H N N 393 
TYR HE1    H N N 394 
TYR HE2    H N N 395 
TYR HH     H N N 396 
TYR HXT    H N N 397 
VAL N      N N N 398 
VAL CA     C N S 399 
VAL C      C N N 400 
VAL O      O N N 401 
VAL CB     C N N 402 
VAL CG1    C N N 403 
VAL CG2    C N N 404 
VAL OXT    O N N 405 
VAL H      H N N 406 
VAL H2     H N N 407 
VAL HA     H N N 408 
VAL HB     H N N 409 
VAL HG11   H N N 410 
VAL HG12   H N N 411 
VAL HG13   H N N 412 
VAL HG21   H N N 413 
VAL HG22   H N N 414 
VAL HG23   H N N 415 
VAL HXT    H N N 416 
# 
loop_
_chem_comp_bond.comp_id 
_chem_comp_bond.atom_id_1 
_chem_comp_bond.atom_id_2 
_chem_comp_bond.value_order 
_chem_comp_bond.pdbx_aromatic_flag 
_chem_comp_bond.pdbx_stereo_config 
_chem_comp_bond.pdbx_ordinal 
A   OP3   P      sing N N 1   
A   OP3   HOP3   sing N N 2   
A   P     OP1    doub N N 3   
A   P     OP2    sing N N 4   
A   P     "O5'"  sing N N 5   
A   OP2   HOP2   sing N N 6   
A   "O5'" "C5'"  sing N N 7   
A   "C5'" "C4'"  sing N N 8   
A   "C5'" "H5'"  sing N N 9   
A   "C5'" "H5''" sing N N 10  
A   "C4'" "O4'"  sing N N 11  
A   "C4'" "C3'"  sing N N 12  
A   "C4'" "H4'"  sing N N 13  
A   "O4'" "C1'"  sing N N 14  
A   "C3'" "O3'"  sing N N 15  
A   "C3'" "C2'"  sing N N 16  
A   "C3'" "H3'"  sing N N 17  
A   "O3'" "HO3'" sing N N 18  
A   "C2'" "O2'"  sing N N 19  
A   "C2'" "C1'"  sing N N 20  
A   "C2'" "H2'"  sing N N 21  
A   "O2'" "HO2'" sing N N 22  
A   "C1'" N9     sing N N 23  
A   "C1'" "H1'"  sing N N 24  
A   N9    C8     sing Y N 25  
A   N9    C4     sing Y N 26  
A   C8    N7     doub Y N 27  
A   C8    H8     sing N N 28  
A   N7    C5     sing Y N 29  
A   C5    C6     sing Y N 30  
A   C5    C4     doub Y N 31  
A   C6    N6     sing N N 32  
A   C6    N1     doub Y N 33  
A   N6    H61    sing N N 34  
A   N6    H62    sing N N 35  
A   N1    C2     sing Y N 36  
A   C2    N3     doub Y N 37  
A   C2    H2     sing N N 38  
A   N3    C4     sing Y N 39  
ALA N     CA     sing N N 40  
ALA N     H      sing N N 41  
ALA N     H2     sing N N 42  
ALA CA    C      sing N N 43  
ALA CA    CB     sing N N 44  
ALA CA    HA     sing N N 45  
ALA C     O      doub N N 46  
ALA C     OXT    sing N N 47  
ALA CB    HB1    sing N N 48  
ALA CB    HB2    sing N N 49  
ALA CB    HB3    sing N N 50  
ALA OXT   HXT    sing N N 51  
ARG N     CA     sing N N 52  
ARG N     H      sing N N 53  
ARG N     H2     sing N N 54  
ARG CA    C      sing N N 55  
ARG CA    CB     sing N N 56  
ARG CA    HA     sing N N 57  
ARG C     O      doub N N 58  
ARG C     OXT    sing N N 59  
ARG CB    CG     sing N N 60  
ARG CB    HB2    sing N N 61  
ARG CB    HB3    sing N N 62  
ARG CG    CD     sing N N 63  
ARG CG    HG2    sing N N 64  
ARG CG    HG3    sing N N 65  
ARG CD    NE     sing N N 66  
ARG CD    HD2    sing N N 67  
ARG CD    HD3    sing N N 68  
ARG NE    CZ     sing N N 69  
ARG NE    HE     sing N N 70  
ARG CZ    NH1    sing N N 71  
ARG CZ    NH2    doub N N 72  
ARG NH1   HH11   sing N N 73  
ARG NH1   HH12   sing N N 74  
ARG NH2   HH21   sing N N 75  
ARG NH2   HH22   sing N N 76  
ARG OXT   HXT    sing N N 77  
ASN N     CA     sing N N 78  
ASN N     H      sing N N 79  
ASN N     H2     sing N N 80  
ASN CA    C      sing N N 81  
ASN CA    CB     sing N N 82  
ASN CA    HA     sing N N 83  
ASN C     O      doub N N 84  
ASN C     OXT    sing N N 85  
ASN CB    CG     sing N N 86  
ASN CB    HB2    sing N N 87  
ASN CB    HB3    sing N N 88  
ASN CG    OD1    doub N N 89  
ASN CG    ND2    sing N N 90  
ASN ND2   HD21   sing N N 91  
ASN ND2   HD22   sing N N 92  
ASN OXT   HXT    sing N N 93  
ASP N     CA     sing N N 94  
ASP N     H      sing N N 95  
ASP N     H2     sing N N 96  
ASP CA    C      sing N N 97  
ASP CA    CB     sing N N 98  
ASP CA    HA     sing N N 99  
ASP C     O      doub N N 100 
ASP C     OXT    sing N N 101 
ASP CB    CG     sing N N 102 
ASP CB    HB2    sing N N 103 
ASP CB    HB3    sing N N 104 
ASP CG    OD1    doub N N 105 
ASP CG    OD2    sing N N 106 
ASP OD2   HD2    sing N N 107 
ASP OXT   HXT    sing N N 108 
GLN N     CA     sing N N 109 
GLN N     H      sing N N 110 
GLN N     H2     sing N N 111 
GLN CA    C      sing N N 112 
GLN CA    CB     sing N N 113 
GLN CA    HA     sing N N 114 
GLN C     O      doub N N 115 
GLN C     OXT    sing N N 116 
GLN CB    CG     sing N N 117 
GLN CB    HB2    sing N N 118 
GLN CB    HB3    sing N N 119 
GLN CG    CD     sing N N 120 
GLN CG    HG2    sing N N 121 
GLN CG    HG3    sing N N 122 
GLN CD    OE1    doub N N 123 
GLN CD    NE2    sing N N 124 
GLN NE2   HE21   sing N N 125 
GLN NE2   HE22   sing N N 126 
GLN OXT   HXT    sing N N 127 
GLU N     CA     sing N N 128 
GLU N     H      sing N N 129 
GLU N     H2     sing N N 130 
GLU CA    C      sing N N 131 
GLU CA    CB     sing N N 132 
GLU CA    HA     sing N N 133 
GLU C     O      doub N N 134 
GLU C     OXT    sing N N 135 
GLU CB    CG     sing N N 136 
GLU CB    HB2    sing N N 137 
GLU CB    HB3    sing N N 138 
GLU CG    CD     sing N N 139 
GLU CG    HG2    sing N N 140 
GLU CG    HG3    sing N N 141 
GLU CD    OE1    doub N N 142 
GLU CD    OE2    sing N N 143 
GLU OE2   HE2    sing N N 144 
GLU OXT   HXT    sing N N 145 
GLY N     CA     sing N N 146 
GLY N     H      sing N N 147 
GLY N     H2     sing N N 148 
GLY CA    C      sing N N 149 
GLY CA    HA2    sing N N 150 
GLY CA    HA3    sing N N 151 
GLY C     O      doub N N 152 
GLY C     OXT    sing N N 153 
GLY OXT   HXT    sing N N 154 
HIS N     CA     sing N N 155 
HIS N     H      sing N N 156 
HIS N     H2     sing N N 157 
HIS CA    C      sing N N 158 
HIS CA    CB     sing N N 159 
HIS CA    HA     sing N N 160 
HIS C     O      doub N N 161 
HIS C     OXT    sing N N 162 
HIS CB    CG     sing N N 163 
HIS CB    HB2    sing N N 164 
HIS CB    HB3    sing N N 165 
HIS CG    ND1    sing Y N 166 
HIS CG    CD2    doub Y N 167 
HIS ND1   CE1    doub Y N 168 
HIS ND1   HD1    sing N N 169 
HIS CD2   NE2    sing Y N 170 
HIS CD2   HD2    sing N N 171 
HIS CE1   NE2    sing Y N 172 
HIS CE1   HE1    sing N N 173 
HIS NE2   HE2    sing N N 174 
HIS OXT   HXT    sing N N 175 
HOH O     H1     sing N N 176 
HOH O     H2     sing N N 177 
ILE N     CA     sing N N 178 
ILE N     H      sing N N 179 
ILE N     H2     sing N N 180 
ILE CA    C      sing N N 181 
ILE CA    CB     sing N N 182 
ILE CA    HA     sing N N 183 
ILE C     O      doub N N 184 
ILE C     OXT    sing N N 185 
ILE CB    CG1    sing N N 186 
ILE CB    CG2    sing N N 187 
ILE CB    HB     sing N N 188 
ILE CG1   CD1    sing N N 189 
ILE CG1   HG12   sing N N 190 
ILE CG1   HG13   sing N N 191 
ILE CG2   HG21   sing N N 192 
ILE CG2   HG22   sing N N 193 
ILE CG2   HG23   sing N N 194 
ILE CD1   HD11   sing N N 195 
ILE CD1   HD12   sing N N 196 
ILE CD1   HD13   sing N N 197 
ILE OXT   HXT    sing N N 198 
LEU N     CA     sing N N 199 
LEU N     H      sing N N 200 
LEU N     H2     sing N N 201 
LEU CA    C      sing N N 202 
LEU CA    CB     sing N N 203 
LEU CA    HA     sing N N 204 
LEU C     O      doub N N 205 
LEU C     OXT    sing N N 206 
LEU CB    CG     sing N N 207 
LEU CB    HB2    sing N N 208 
LEU CB    HB3    sing N N 209 
LEU CG    CD1    sing N N 210 
LEU CG    CD2    sing N N 211 
LEU CG    HG     sing N N 212 
LEU CD1   HD11   sing N N 213 
LEU CD1   HD12   sing N N 214 
LEU CD1   HD13   sing N N 215 
LEU CD2   HD21   sing N N 216 
LEU CD2   HD22   sing N N 217 
LEU CD2   HD23   sing N N 218 
LEU OXT   HXT    sing N N 219 
LYS N     CA     sing N N 220 
LYS N     H      sing N N 221 
LYS N     H2     sing N N 222 
LYS CA    C      sing N N 223 
LYS CA    CB     sing N N 224 
LYS CA    HA     sing N N 225 
LYS C     O      doub N N 226 
LYS C     OXT    sing N N 227 
LYS CB    CG     sing N N 228 
LYS CB    HB2    sing N N 229 
LYS CB    HB3    sing N N 230 
LYS CG    CD     sing N N 231 
LYS CG    HG2    sing N N 232 
LYS CG    HG3    sing N N 233 
LYS CD    CE     sing N N 234 
LYS CD    HD2    sing N N 235 
LYS CD    HD3    sing N N 236 
LYS CE    NZ     sing N N 237 
LYS CE    HE2    sing N N 238 
LYS CE    HE3    sing N N 239 
LYS NZ    HZ1    sing N N 240 
LYS NZ    HZ2    sing N N 241 
LYS NZ    HZ3    sing N N 242 
LYS OXT   HXT    sing N N 243 
MET N     CA     sing N N 244 
MET N     H      sing N N 245 
MET N     H2     sing N N 246 
MET CA    C      sing N N 247 
MET CA    CB     sing N N 248 
MET CA    HA     sing N N 249 
MET C     O      doub N N 250 
MET C     OXT    sing N N 251 
MET CB    CG     sing N N 252 
MET CB    HB2    sing N N 253 
MET CB    HB3    sing N N 254 
MET CG    SD     sing N N 255 
MET CG    HG2    sing N N 256 
MET CG    HG3    sing N N 257 
MET SD    CE     sing N N 258 
MET CE    HE1    sing N N 259 
MET CE    HE2    sing N N 260 
MET CE    HE3    sing N N 261 
MET OXT   HXT    sing N N 262 
NHE "C3'" "C2'"  sing N N 263 
NHE "C3'" "C4'"  sing N N 264 
NHE "C3'" "H3'1" sing N N 265 
NHE "C3'" "H3'2" sing N N 266 
NHE "C2'" "C1'"  sing N N 267 
NHE "C2'" "H2'1" sing N N 268 
NHE "C2'" "H2'2" sing N N 269 
NHE "C1'" "C6'"  sing N N 270 
NHE "C1'" N      sing N N 271 
NHE "C1'" "HC'1" sing N N 272 
NHE "C6'" "C5'"  sing N N 273 
NHE "C6'" "H6'1" sing N N 274 
NHE "C6'" "H6'2" sing N N 275 
NHE N     C1     sing N N 276 
NHE N     HN     sing N N 277 
NHE C1    C2     sing N N 278 
NHE C1    HC11   sing N N 279 
NHE C1    HC12   sing N N 280 
NHE C2    S      sing N N 281 
NHE C2    HC21   sing N N 282 
NHE C2    HC22   sing N N 283 
NHE S     O1     doub N N 284 
NHE S     O2     doub N N 285 
NHE S     O3     sing N N 286 
NHE O3    HO3    sing N N 287 
NHE "C5'" "C4'"  sing N N 288 
NHE "C5'" "H5'1" sing N N 289 
NHE "C5'" "H5'2" sing N N 290 
NHE "C4'" "H4'1" sing N N 291 
NHE "C4'" "H4'2" sing N N 292 
PHE N     CA     sing N N 293 
PHE N     H      sing N N 294 
PHE N     H2     sing N N 295 
PHE CA    C      sing N N 296 
PHE CA    CB     sing N N 297 
PHE CA    HA     sing N N 298 
PHE C     O      doub N N 299 
PHE C     OXT    sing N N 300 
PHE CB    CG     sing N N 301 
PHE CB    HB2    sing N N 302 
PHE CB    HB3    sing N N 303 
PHE CG    CD1    doub Y N 304 
PHE CG    CD2    sing Y N 305 
PHE CD1   CE1    sing Y N 306 
PHE CD1   HD1    sing N N 307 
PHE CD2   CE2    doub Y N 308 
PHE CD2   HD2    sing N N 309 
PHE CE1   CZ     doub Y N 310 
PHE CE1   HE1    sing N N 311 
PHE CE2   CZ     sing Y N 312 
PHE CE2   HE2    sing N N 313 
PHE CZ    HZ     sing N N 314 
PHE OXT   HXT    sing N N 315 
PRO N     CA     sing N N 316 
PRO N     CD     sing N N 317 
PRO N     H      sing N N 318 
PRO CA    C      sing N N 319 
PRO CA    CB     sing N N 320 
PRO CA    HA     sing N N 321 
PRO C     O      doub N N 322 
PRO C     OXT    sing N N 323 
PRO CB    CG     sing N N 324 
PRO CB    HB2    sing N N 325 
PRO CB    HB3    sing N N 326 
PRO CG    CD     sing N N 327 
PRO CG    HG2    sing N N 328 
PRO CG    HG3    sing N N 329 
PRO CD    HD2    sing N N 330 
PRO CD    HD3    sing N N 331 
PRO OXT   HXT    sing N N 332 
SER N     CA     sing N N 333 
SER N     H      sing N N 334 
SER N     H2     sing N N 335 
SER CA    C      sing N N 336 
SER CA    CB     sing N N 337 
SER CA    HA     sing N N 338 
SER C     O      doub N N 339 
SER C     OXT    sing N N 340 
SER CB    OG     sing N N 341 
SER CB    HB2    sing N N 342 
SER CB    HB3    sing N N 343 
SER OG    HG     sing N N 344 
SER OXT   HXT    sing N N 345 
THR N     CA     sing N N 346 
THR N     H      sing N N 347 
THR N     H2     sing N N 348 
THR CA    C      sing N N 349 
THR CA    CB     sing N N 350 
THR CA    HA     sing N N 351 
THR C     O      doub N N 352 
THR C     OXT    sing N N 353 
THR CB    OG1    sing N N 354 
THR CB    CG2    sing N N 355 
THR CB    HB     sing N N 356 
THR OG1   HG1    sing N N 357 
THR CG2   HG21   sing N N 358 
THR CG2   HG22   sing N N 359 
THR CG2   HG23   sing N N 360 
THR OXT   HXT    sing N N 361 
TYR N     CA     sing N N 362 
TYR N     H      sing N N 363 
TYR N     H2     sing N N 364 
TYR CA    C      sing N N 365 
TYR CA    CB     sing N N 366 
TYR CA    HA     sing N N 367 
TYR C     O      doub N N 368 
TYR C     OXT    sing N N 369 
TYR CB    CG     sing N N 370 
TYR CB    HB2    sing N N 371 
TYR CB    HB3    sing N N 372 
TYR CG    CD1    doub Y N 373 
TYR CG    CD2    sing Y N 374 
TYR CD1   CE1    sing Y N 375 
TYR CD1   HD1    sing N N 376 
TYR CD2   CE2    doub Y N 377 
TYR CD2   HD2    sing N N 378 
TYR CE1   CZ     doub Y N 379 
TYR CE1   HE1    sing N N 380 
TYR CE2   CZ     sing Y N 381 
TYR CE2   HE2    sing N N 382 
TYR CZ    OH     sing N N 383 
TYR OH    HH     sing N N 384 
TYR OXT   HXT    sing N N 385 
VAL N     CA     sing N N 386 
VAL N     H      sing N N 387 
VAL N     H2     sing N N 388 
VAL CA    C      sing N N 389 
VAL CA    CB     sing N N 390 
VAL CA    HA     sing N N 391 
VAL C     O      doub N N 392 
VAL C     OXT    sing N N 393 
VAL CB    CG1    sing N N 394 
VAL CB    CG2    sing N N 395 
VAL CB    HB     sing N N 396 
VAL CG1   HG11   sing N N 397 
VAL CG1   HG12   sing N N 398 
VAL CG1   HG13   sing N N 399 
VAL CG2   HG21   sing N N 400 
VAL CG2   HG22   sing N N 401 
VAL CG2   HG23   sing N N 402 
VAL OXT   HXT    sing N N 403 
# 
_atom_sites.entry_id                    3GIB 
_atom_sites.fract_transf_matrix[1][1]   -0.00767156 
_atom_sites.fract_transf_matrix[1][2]   0.00174509 
_atom_sites.fract_transf_matrix[1][3]   0.01280636 
_atom_sites.fract_transf_matrix[2][1]   -0.00068430 
_atom_sites.fract_transf_matrix[2][2]   0.01105528 
_atom_sites.fract_transf_matrix[2][3]   -0.00191640 
_atom_sites.fract_transf_matrix[3][1]   -0.02164154 
_atom_sites.fract_transf_matrix[3][2]   -0.00350409 
_atom_sites.fract_transf_matrix[3][3]   -0.01248672 
_atom_sites.fract_transf_vector[1]      0.340535 
_atom_sites.fract_transf_vector[2]      -0.082871 
_atom_sites.fract_transf_vector[3]      -0.209086 
# 
loop_
_atom_type.symbol 
C 
N 
O 
P 
S 
# 
loop_
_atom_site.group_PDB 
_atom_site.id 
_atom_site.type_symbol 
_atom_site.label_atom_id 
_atom_site.label_alt_id 
_atom_site.label_comp_id 
_atom_site.label_asym_id 
_atom_site.label_entity_id 
_atom_site.label_seq_id 
_atom_site.pdbx_PDB_ins_code 
_atom_site.Cartn_x 
_atom_site.Cartn_y 
_atom_site.Cartn_z 
_atom_site.occupancy 
_atom_site.B_iso_or_equiv 
_atom_site.pdbx_formal_charge 
_atom_site.auth_seq_id 
_atom_site.auth_comp_id 
_atom_site.auth_asym_id 
_atom_site.auth_atom_id 
_atom_site.pdbx_PDB_model_num 
ATOM   1    N N     . SER A 1 5  ? -12.811 -10.253 -4.148  1.00   68.32  ? 6  SER A N     1 
ATOM   2    C CA    . SER A 1 5  ? -12.159 -9.897  -2.847  1.00   68.94  ? 6  SER A CA    1 
ATOM   3    C C     . SER A 1 5  ? -11.066 -10.889 -2.466  1.00   67.64  ? 6  SER A C     1 
ATOM   4    O O     . SER A 1 5  ? -11.042 -12.030 -2.938  1.00   68.42  ? 6  SER A O     1 
ATOM   5    C CB    . SER A 1 5  ? -13.178 -9.752  -1.702  1.00   69.47  ? 6  SER A CB    1 
ATOM   6    O OG    . SER A 1 5  ? -12.521 -9.636  -0.445  1.00   68.32  ? 6  SER A OG    1 
ATOM   7    N N     . LEU A 1 6  ? -10.170 -10.431 -1.597  1.00   64.43  ? 7  LEU A N     1 
ATOM   8    C CA    . LEU A 1 6  ? -8.974  -11.175 -1.235  1.00   60.92  ? 7  LEU A CA    1 
ATOM   9    C C     . LEU A 1 6  ? -8.751  -11.083 0.276   1.00   57.08  ? 7  LEU A C     1 
ATOM   10   O O     . LEU A 1 6  ? -8.091  -11.929 0.873   1.00   54.09  ? 7  LEU A O     1 
ATOM   11   C CB    . LEU A 1 6  ? -7.785  -10.610 -2.012  1.00   60.79  ? 7  LEU A CB    1 
ATOM   12   C CG    . LEU A 1 6  ? -6.340  -10.768 -1.541  1.00   62.28  ? 7  LEU A CG    1 
ATOM   13   C CD1   . LEU A 1 6  ? -5.829  -12.212 -1.698  1.00   63.45  ? 7  LEU A CD1   1 
ATOM   14   C CD2   . LEU A 1 6  ? -5.474  -9.812  -2.320  1.00   62.13  ? 7  LEU A CD2   1 
ATOM   15   N N     . GLN A 1 7  ? -9.331  -10.056 0.882   1.00   55.05  ? 8  GLN A N     1 
ATOM   16   C CA    . GLN A 1 7  ? -9.193  -9.815  2.308   1.00   54.03  ? 8  GLN A CA    1 
ATOM   17   C C     . GLN A 1 7  ? -9.897  -10.863 3.176   1.00   52.59  ? 8  GLN A C     1 
ATOM   18   O O     . GLN A 1 7  ? -9.295  -11.384 4.112   1.00   52.26  ? 8  GLN A O     1 
ATOM   19   C CB    . GLN A 1 7  ? -9.697  -8.415  2.667   1.00   51.99  ? 8  GLN A CB    1 
ATOM   20   C CG    . GLN A 1 7  ? -9.010  -7.852  3.889   1.00   47.95  ? 8  GLN A CG    1 
ATOM   21   C CD    . GLN A 1 7  ? -9.642  -6.571  4.391   1.00   46.12  ? 8  GLN A CD    1 
ATOM   22   O OE1   . GLN A 1 7  ? -9.501  -6.219  5.574   1.00   43.90  ? 8  GLN A OE1   1 
ATOM   23   N NE2   . GLN A 1 7  ? -10.349 -5.869  3.508   1.00   39.31  ? 8  GLN A NE2   1 
ATOM   24   N N     . ASP A 1 8  ? -11.163 -11.154 2.874   1.00   55.20  ? 9  ASP A N     1 
ATOM   25   C CA    . ASP A 1 8  ? -11.940 -12.109 3.665   1.00   57.89  ? 9  ASP A CA    1 
ATOM   26   C C     . ASP A 1 8  ? -11.300 -13.492 3.613   1.00   58.84  ? 9  ASP A C     1 
ATOM   27   O O     . ASP A 1 8  ? -10.893 -13.998 4.663   1.00   59.23  ? 9  ASP A O     1 
ATOM   28   C CB    . ASP A 1 8  ? -13.408 -12.172 3.227   1.00   61.57  ? 9  ASP A CB    1 
ATOM   29   C CG    . ASP A 1 8  ? -14.097 -10.822 3.273   1.00   64.93  ? 9  ASP A CG    1 
ATOM   30   O OD1   . ASP A 1 8  ? -15.095 -10.670 2.536   1.00   66.87  ? 9  ASP A OD1   1 
ATOM   31   O OD2   . ASP A 1 8  ? -13.651 -9.920  4.031   1.00   64.98  ? 9  ASP A OD2   1 
ATOM   32   N N     . PRO A 1 9  ? -11.156 -14.076 2.397   1.00   57.92  ? 10 PRO A N     1 
ATOM   33   C CA    . PRO A 1 9  ? -10.538 -15.391 2.240   1.00   56.82  ? 10 PRO A CA    1 
ATOM   34   C C     . PRO A 1 9  ? -9.203  -15.517 2.954   1.00   59.38  ? 10 PRO A C     1 
ATOM   35   O O     . PRO A 1 9  ? -8.867  -16.600 3.424   1.00   59.94  ? 10 PRO A O     1 
ATOM   36   C CB    . PRO A 1 9  ? -10.326 -15.492 0.729   1.00   57.87  ? 10 PRO A CB    1 
ATOM   37   C CG    . PRO A 1 9  ? -11.430 -14.682 0.151   1.00   57.78  ? 10 PRO A CG    1 
ATOM   38   C CD    . PRO A 1 9  ? -11.577 -13.524 1.088   1.00   58.31  ? 10 PRO A CD    1 
ATOM   39   N N     . PHE A 1 10 ? -8.456  -14.415 3.038   1.00   58.80  ? 11 PHE A N     1 
ATOM   40   C CA    . PHE A 1 10 ? -7.119  -14.426 3.622   1.00   54.83  ? 11 PHE A CA    1 
ATOM   41   C C     . PHE A 1 10 ? -7.196  -14.492 5.136   1.00   55.90  ? 11 PHE A C     1 
ATOM   42   O O     . PHE A 1 10 ? -6.443  -15.250 5.761   1.00   56.11  ? 11 PHE A O     1 
ATOM   43   C CB    . PHE A 1 10 ? -6.322  -13.190 3.172   1.00   49.92  ? 11 PHE A CB    1 
ATOM   44   C CG    . PHE A 1 10 ? -4.958  -13.056 3.816   1.00   46.66  ? 11 PHE A CG    1 
ATOM   45   C CD1   . PHE A 1 10 ? -4.786  -12.298 4.965   1.00   44.72  ? 11 PHE A CD1   1 
ATOM   46   C CD2   . PHE A 1 10 ? -3.843  -13.660 3.252   1.00   47.26  ? 11 PHE A CD2   1 
ATOM   47   C CE1   . PHE A 1 10 ? -3.519  -12.156 5.562   1.00   45.19  ? 11 PHE A CE1   1 
ATOM   48   C CE2   . PHE A 1 10 ? -2.565  -13.520 3.834   1.00   48.28  ? 11 PHE A CE2   1 
ATOM   49   C CZ    . PHE A 1 10 ? -2.405  -12.763 4.989   1.00   47.35  ? 11 PHE A CZ    1 
ATOM   50   N N     . LEU A 1 11 ? -8.077  -13.673 5.725   1.00   56.50  ? 12 LEU A N     1 
ATOM   51   C CA    . LEU A 1 11 ? -8.211  -13.605 7.187   1.00   53.99  ? 12 LEU A CA    1 
ATOM   52   C C     . LEU A 1 11 ? -8.969  -14.842 7.710   1.00   53.74  ? 12 LEU A C     1 
ATOM   53   O O     . LEU A 1 11 ? -8.643  -15.373 8.772   1.00   51.67  ? 12 LEU A O     1 
ATOM   54   C CB    . LEU A 1 11 ? -8.874  -12.288 7.637   1.00   53.17  ? 12 LEU A CB    1 
ATOM   55   C CG    . LEU A 1 11 ? -8.150  -10.941 7.438   1.00   50.65  ? 12 LEU A CG    1 
ATOM   56   C CD1   . LEU A 1 11 ? -9.120  -9.760  7.408   1.00   47.13  ? 12 LEU A CD1   1 
ATOM   57   C CD2   . LEU A 1 11 ? -7.075  -10.721 8.477   1.00   50.98  ? 12 LEU A CD2   1 
ATOM   58   N N     . ASN A 1 12 ? -9.954  -15.304 6.939   1.00   55.37  ? 13 ASN A N     1 
ATOM   59   C CA    . ASN A 1 12 ? -10.644 -16.573 7.200   1.00   61.30  ? 13 ASN A CA    1 
ATOM   60   C C     . ASN A 1 12 ? -9.756  -17.812 7.349   1.00   64.67  ? 13 ASN A C     1 
ATOM   61   O O     . ASN A 1 12 ? -10.046 -18.679 8.175   1.00   67.70  ? 13 ASN A O     1 
ATOM   62   C CB    . ASN A 1 12 ? -11.686 -16.850 6.128   1.00   61.72  ? 13 ASN A CB    1 
ATOM   63   C CG    . ASN A 1 12 ? -13.098 -16.731 6.641   1.00   63.93  ? 13 ASN A CG    1 
ATOM   64   O OD1   . ASN A 1 12 ? -13.358 -16.863 7.842   1.00   64.65  ? 13 ASN A OD1   1 
ATOM   65   N ND2   . ASN A 1 12 ? -14.031 -16.502 5.725   1.00   63.50  ? 13 ASN A ND2   1 
ATOM   66   N N     . ALA A 1 13 ? -8.691  -17.894 6.555   1.00   64.34  ? 14 ALA A N     1 
ATOM   67   C CA    . ALA A 1 13 ? -7.813  -19.053 6.564   1.00   67.83  ? 14 ALA A CA    1 
ATOM   68   C C     . ALA A 1 13 ? -6.847  -18.982 7.735   1.00   69.15  ? 14 ALA A C     1 
ATOM   69   O O     . ALA A 1 13 ? -6.474  -20.009 8.318   1.00   71.04  ? 14 ALA A O     1 
ATOM   70   C CB    . ALA A 1 13 ? -7.054  -19.180 5.234   1.00   66.40  ? 14 ALA A CB    1 
ATOM   71   N N     . LEU A 1 14 ? -6.433  -17.764 8.075   1.00   68.79  ? 15 LEU A N     1 
ATOM   72   C CA    . LEU A 1 14 ? -5.637  -17.543 9.276   1.00   68.05  ? 15 LEU A CA    1 
ATOM   73   C C     . LEU A 1 14 ? -6.487  -17.811 10.525  1.00   66.92  ? 15 LEU A C     1 
ATOM   74   O O     . LEU A 1 14 ? -5.951  -18.119 11.591  1.00   68.69  ? 15 LEU A O     1 
ATOM   75   C CB    . LEU A 1 14 ? -5.094  -16.114 9.311   1.00   69.19  ? 15 LEU A CB    1 
ATOM   76   C CG    . LEU A 1 14 ? -4.053  -15.653 8.285   1.00   70.17  ? 15 LEU A CG    1 
ATOM   77   C CD1   . LEU A 1 14 ? -3.666  -14.213 8.586   1.00   67.48  ? 15 LEU A CD1   1 
ATOM   78   C CD2   . LEU A 1 14 ? -2.804  -16.555 8.253   1.00   68.81  ? 15 LEU A CD2   1 
ATOM   79   N N     . ARG A 1 15 ? -7.806  -17.673 10.376  1.00   64.23  ? 16 ARG A N     1 
ATOM   80   C CA    . ARG A 1 15 ? -8.759  -17.954 11.442  1.00   63.69  ? 16 ARG A CA    1 
ATOM   81   C C     . ARG A 1 15 ? -8.973  -19.478 11.598  1.00   66.53  ? 16 ARG A C     1 
ATOM   82   O O     . ARG A 1 15 ? -8.518  -20.075 12.584  1.00   63.92  ? 16 ARG A O     1 
ATOM   83   C CB    . ARG A 1 15 ? -10.084 -17.219 11.185  1.00   61.15  ? 16 ARG A CB    1 
ATOM   84   C CG    . ARG A 1 15 ? -11.036 -17.259 12.364  1.00   60.17  ? 16 ARG A CG    1 
ATOM   85   C CD    . ARG A 1 15 ? -12.397 -16.615 12.104  1.00   59.80  ? 16 ARG A CD    1 
ATOM   86   N NE    . ARG A 1 15 ? -13.170 -17.217 11.016  1.00   61.68  ? 16 ARG A NE    1 
ATOM   87   C CZ    . ARG A 1 15 ? -13.729 -18.429 11.029  1.00   63.21  ? 16 ARG A CZ    1 
ATOM   88   N NH1   . ARG A 1 15 ? -13.592 -19.242 12.079  1.00   62.62  ? 16 ARG A NH1   1 
ATOM   89   N NH2   . ARG A 1 15 ? -14.414 -18.839 9.967   1.00   61.36  ? 16 ARG A NH2   1 
ATOM   90   N N     . ARG A 1 16 ? -9.639  -20.089 10.609  1.00   70.12  ? 17 ARG A N     1 
ATOM   91   C CA    . ARG A 1 16 ? -9.931  -21.534 10.583  1.00   71.38  ? 17 ARG A CA    1 
ATOM   92   C C     . ARG A 1 16 ? -8.749  -22.390 11.004  1.00   73.13  ? 17 ARG A C     1 
ATOM   93   O O     . ARG A 1 16 ? -8.907  -23.373 11.735  1.00   77.97  ? 17 ARG A O     1 
ATOM   94   C CB    . ARG A 1 16 ? -10.413 -21.974 9.202   1.00   70.85  ? 17 ARG A CB    1 
ATOM   95   C CG    . ARG A 1 16 ? -11.859 -21.640 8.907   1.00   72.35  ? 17 ARG A CG    1 
ATOM   96   C CD    . ARG A 1 16 ? -12.173 -21.858 7.438   1.00   75.13  ? 17 ARG A CD    1 
ATOM   97   N NE    . ARG A 1 16 ? -13.567 -21.550 7.109   1.00   79.60  ? 17 ARG A NE    1 
ATOM   98   C CZ    . ARG A 1 16 ? -14.044 -21.412 5.869   1.00   84.37  ? 17 ARG A CZ    1 
ATOM   99   N NH1   . ARG A 1 16 ? -13.241 -21.544 4.808   1.00   85.51  ? 17 ARG A NH1   1 
ATOM   100  N NH2   . ARG A 1 16 ? -15.333 -21.130 5.681   1.00   84.77  ? 17 ARG A NH2   1 
ATOM   101  N N     . GLU A 1 17 ? -7.564  -22.005 10.564  1.00   71.81  ? 18 GLU A N     1 
ATOM   102  C CA    . GLU A 1 17 ? -6.379  -22.806 10.806  1.00   73.57  ? 18 GLU A CA    1 
ATOM   103  C C     . GLU A 1 17 ? -5.609  -22.364 12.048  1.00   74.74  ? 18 GLU A C     1 
ATOM   104  O O     . GLU A 1 17 ? -4.538  -22.905 12.355  1.00   73.11  ? 18 GLU A O     1 
ATOM   105  C CB    . GLU A 1 17 ? -5.508  -22.815 9.549   1.00   74.79  ? 18 GLU A CB    1 
ATOM   106  C CG    . GLU A 1 17 ? -6.252  -23.431 8.361   1.00   75.65  ? 18 GLU A CG    1 
ATOM   107  C CD    . GLU A 1 17 ? -5.634  -23.114 7.018   1.00   76.09  ? 18 GLU A CD    1 
ATOM   108  O OE1   . GLU A 1 17 ? -4.389  -23.231 6.888   1.00   75.23  ? 18 GLU A OE1   1 
ATOM   109  O OE2   . GLU A 1 17 ? -6.409  -22.763 6.094   1.00   75.40  ? 18 GLU A OE2   1 
ATOM   110  N N     . ARG A 1 18 ? -6.171  -21.374 12.748  1.00   76.50  ? 19 ARG A N     1 
ATOM   111  C CA    . ARG A 1 18 ? -5.674  -20.890 14.041  1.00   77.52  ? 19 ARG A CA    1 
ATOM   112  C C     . ARG A 1 18 ? -4.183  -20.544 14.038  1.00   76.82  ? 19 ARG A C     1 
ATOM   113  O O     . ARG A 1 18 ? -3.450  -20.845 14.983  1.00   77.74  ? 19 ARG A O     1 
ATOM   114  C CB    . ARG A 1 18 ? -6.055  -21.873 15.154  1.00   81.17  ? 19 ARG A CB    1 
ATOM   115  C CG    . ARG A 1 18 ? -7.573  -22.083 15.250  1.00   85.09  ? 19 ARG A CG    1 
ATOM   116  C CD    . ARG A 1 18 ? -7.956  -23.361 15.972  1.00   90.10  ? 19 ARG A CD    1 
ATOM   117  N NE    . ARG A 1 18 ? -7.589  -23.315 17.387  1.00   95.18  ? 19 ARG A NE    1 
ATOM   118  C CZ    . ARG A 1 18 ? -6.537  -23.943 17.915  1.00   97.90  ? 19 ARG A CZ    1 
ATOM   119  N NH1   . ARG A 1 18 ? -5.742  -24.690 17.148  1.00   98.41  ? 19 ARG A NH1   1 
ATOM   120  N NH2   . ARG A 1 18 ? -6.283  -23.831 19.217  1.00   97.96  ? 19 ARG A NH2   1 
ATOM   121  N N     . VAL A 1 19 ? -3.755  -19.886 12.965  1.00   75.78  ? 20 VAL A N     1 
ATOM   122  C CA    . VAL A 1 19 ? -2.360  -19.513 12.769  1.00   75.01  ? 20 VAL A CA    1 
ATOM   123  C C     . VAL A 1 19 ? -2.032  -18.261 13.593  1.00   76.80  ? 20 VAL A C     1 
ATOM   124  O O     . VAL A 1 19 ? -2.805  -17.298 13.597  1.00   77.33  ? 20 VAL A O     1 
ATOM   125  C CB    . VAL A 1 19 ? -2.060  -19.226 11.267  1.00   73.66  ? 20 VAL A CB    1 
ATOM   126  C CG1   . VAL A 1 19 ? -0.583  -19.398 10.969  1.00   73.39  ? 20 VAL A CG1   1 
ATOM   127  C CG2   . VAL A 1 19 ? -2.887  -20.126 10.356  1.00   72.73  ? 20 VAL A CG2   1 
ATOM   128  N N     . PRO A 1 20 ? -0.898  -18.282 14.319  1.00   77.98  ? 21 PRO A N     1 
ATOM   129  C CA    . PRO A 1 20 ? -0.383  -17.062 14.946  1.00   77.60  ? 21 PRO A CA    1 
ATOM   130  C C     . PRO A 1 20 ? -0.093  -15.984 13.904  1.00   76.65  ? 21 PRO A C     1 
ATOM   131  O O     . PRO A 1 20 ? 0.559   -16.255 12.892  1.00   78.28  ? 21 PRO A O     1 
ATOM   132  C CB    . PRO A 1 20 ? 0.936   -17.514 15.595  1.00   78.02  ? 21 PRO A CB    1 
ATOM   133  C CG    . PRO A 1 20 ? 0.848   -18.985 15.707  1.00   77.91  ? 21 PRO A CG    1 
ATOM   134  C CD    . PRO A 1 20 ? -0.059  -19.461 14.613  1.00   78.33  ? 21 PRO A CD    1 
ATOM   135  N N     . VAL A 1 21 ? -0.577  -14.772 14.152  1.00   74.47  ? 22 VAL A N     1 
ATOM   136  C CA    . VAL A 1 21 ? -0.308  -13.648 13.259  1.00   70.39  ? 22 VAL A CA    1 
ATOM   137  C C     . VAL A 1 21 ? 0.354   -12.495 13.991  1.00   67.58  ? 22 VAL A C     1 
ATOM   138  O O     . VAL A 1 21 ? 0.127   -12.288 15.185  1.00   67.46  ? 22 VAL A O     1 
ATOM   139  C CB    . VAL A 1 21 ? -1.586  -13.132 12.552  1.00   69.48  ? 22 VAL A CB    1 
ATOM   140  C CG1   . VAL A 1 21 ? -2.269  -14.253 11.797  1.00   68.16  ? 22 VAL A CG1   1 
ATOM   141  C CG2   . VAL A 1 21 ? -2.547  -12.499 13.551  1.00   70.19  ? 22 VAL A CG2   1 
ATOM   142  N N     . SER A 1 22 ? 1.210   -11.784 13.269  1.00   64.02  ? 23 SER A N     1 
ATOM   143  C CA    . SER A 1 22 ? 1.603   -10.441 13.639  1.00   62.36  ? 23 SER A CA    1 
ATOM   144  C C     . SER A 1 22 ? 0.709   -9.457  12.887  1.00   61.16  ? 23 SER A C     1 
ATOM   145  O O     . SER A 1 22 ? 0.524   -9.561  11.669  1.00   59.02  ? 23 SER A O     1 
ATOM   146  C CB    . SER A 1 22 ? 3.063   -10.181 13.307  1.00   61.56  ? 23 SER A CB    1 
ATOM   147  O OG    . SER A 1 22 ? 3.890   -11.094 13.986  1.00   64.31  ? 23 SER A OG    1 
ATOM   148  N N     . ILE A 1 23 ? 0.127   -8.531  13.639  1.00   59.41  ? 24 ILE A N     1 
ATOM   149  C CA    . ILE A 1 23 ? -0.572  -7.392  13.073  1.00   56.36  ? 24 ILE A CA    1 
ATOM   150  C C     . ILE A 1 23 ? 0.278   -6.160  13.351  1.00   55.99  ? 24 ILE A C     1 
ATOM   151  O O     . ILE A 1 23 ? 0.426   -5.755  14.490  1.00   58.71  ? 24 ILE A O     1 
ATOM   152  C CB    . ILE A 1 23 ? -1.993  -7.248  13.653  1.00   54.48  ? 24 ILE A CB    1 
ATOM   153  C CG1   . ILE A 1 23 ? -2.833  -8.471  13.259  1.00   54.25  ? 24 ILE A CG1   1 
ATOM   154  C CG2   . ILE A 1 23 ? -2.644  -5.945  13.179  1.00   53.16  ? 24 ILE A CG2   1 
ATOM   155  C CD1   . ILE A 1 23 ? -4.315  -8.403  13.609  1.00   52.92  ? 24 ILE A CD1   1 
ATOM   156  N N     . TYR A 1 24 ? 0.878   -5.592  12.316  1.00   55.51  ? 25 TYR A N     1 
ATOM   157  C CA    . TYR A 1 24 ? 1.628   -4.358  12.499  1.00   54.21  ? 25 TYR A CA    1 
ATOM   158  C C     . TYR A 1 24 ? 0.694   -3.186  12.279  1.00   50.36  ? 25 TYR A C     1 
ATOM   159  O O     . TYR A 1 24 ? -0.104  -3.185  11.346  1.00   50.17  ? 25 TYR A O     1 
ATOM   160  C CB    . TYR A 1 24 ? 2.827   -4.292  11.558  1.00   57.50  ? 25 TYR A CB    1 
ATOM   161  C CG    . TYR A 1 24 ? 3.923   -5.289  11.872  1.00   59.11  ? 25 TYR A CG    1 
ATOM   162  C CD1   . TYR A 1 24 ? 5.094   -4.875  12.506  1.00   61.36  ? 25 TYR A CD1   1 
ATOM   163  C CD2   . TYR A 1 24 ? 3.799   -6.643  11.533  1.00   58.23  ? 25 TYR A CD2   1 
ATOM   164  C CE1   . TYR A 1 24 ? 6.116   -5.766  12.794  1.00   60.67  ? 25 TYR A CE1   1 
ATOM   165  C CE2   . TYR A 1 24 ? 4.820   -7.551  11.815  1.00   58.31  ? 25 TYR A CE2   1 
ATOM   166  C CZ    . TYR A 1 24 ? 5.981   -7.099  12.447  1.00   61.08  ? 25 TYR A CZ    1 
ATOM   167  O OH    . TYR A 1 24 ? 7.020   -7.967  12.749  1.00   61.61  ? 25 TYR A OH    1 
ATOM   168  N N     . LEU A 1 25 ? 0.776   -2.210  13.172  1.00   49.06  ? 26 LEU A N     1 
ATOM   169  C CA    . LEU A 1 25 ? -0.076  -1.045  13.123  1.00   47.71  ? 26 LEU A CA    1 
ATOM   170  C C     . LEU A 1 25 ? 0.658   0.052   12.400  1.00   46.64  ? 26 LEU A C     1 
ATOM   171  O O     . LEU A 1 25 ? 1.871   0.018   12.283  1.00   49.82  ? 26 LEU A O     1 
ATOM   172  C CB    . LEU A 1 25 ? -0.442  -0.576  14.533  1.00   48.09  ? 26 LEU A CB    1 
ATOM   173  C CG    . LEU A 1 25 ? -1.144  -1.526  15.505  1.00   47.24  ? 26 LEU A CG    1 
ATOM   174  C CD1   . LEU A 1 25 ? -1.172  -0.862  16.849  1.00   46.94  ? 26 LEU A CD1   1 
ATOM   175  C CD2   . LEU A 1 25 ? -2.565  -1.887  15.075  1.00   44.71  ? 26 LEU A CD2   1 
ATOM   176  N N     . VAL A 1 26 ? -0.082  1.054   11.958  1.00   47.69  ? 27 VAL A N     1 
ATOM   177  C CA    . VAL A 1 26 ? 0.480   2.163   11.187  1.00   46.02  ? 27 VAL A CA    1 
ATOM   178  C C     . VAL A 1 26 ? 1.566   2.935   11.939  1.00   48.26  ? 27 VAL A C     1 
ATOM   179  O O     . VAL A 1 26 ? 2.373   3.636   11.326  1.00   52.42  ? 27 VAL A O     1 
ATOM   180  C CB    . VAL A 1 26 ? -0.634  3.094   10.665  1.00   44.19  ? 27 VAL A CB    1 
ATOM   181  C CG1   . VAL A 1 26 ? -1.432  2.389   9.590   1.00   38.23  ? 27 VAL A CG1   1 
ATOM   182  C CG2   . VAL A 1 26 ? -1.567  3.535   11.817  1.00   47.06  ? 27 VAL A CG2   1 
ATOM   183  N N     . ASN A 1 27 ? 1.601   2.781   13.260  1.00   51.90  ? 28 ASN A N     1 
ATOM   184  C CA    . ASN A 1 27 ? 2.604   3.436   14.108  1.00   52.20  ? 28 ASN A CA    1 
ATOM   185  C C     . ASN A 1 27 ? 3.789   2.525   14.438  1.00   55.36  ? 28 ASN A C     1 
ATOM   186  O O     . ASN A 1 27 ? 4.717   2.944   15.117  1.00   57.99  ? 28 ASN A O     1 
ATOM   187  C CB    . ASN A 1 27 ? 1.966   3.978   15.401  1.00   51.58  ? 28 ASN A CB    1 
ATOM   188  C CG    . ASN A 1 27 ? 1.259   2.901   16.210  1.00   51.40  ? 28 ASN A CG    1 
ATOM   189  O OD1   . ASN A 1 27 ? 1.656   1.746   16.202  1.00   52.63  ? 28 ASN A OD1   1 
ATOM   190  N ND2   . ASN A 1 27 ? 0.197   3.277   16.898  1.00   51.77  ? 28 ASN A ND2   1 
ATOM   191  N N     . GLY A 1 28 ? 3.750   1.281   13.962  1.00   56.82  ? 29 GLY A N     1 
ATOM   192  C CA    . GLY A 1 28 ? 4.874   0.362   14.114  1.00   58.68  ? 29 GLY A CA    1 
ATOM   193  C C     . GLY A 1 28 ? 4.700   -0.735  15.149  1.00   61.15  ? 29 GLY A C     1 
ATOM   194  O O     . GLY A 1 28 ? 5.383   -1.759  15.091  1.00   61.97  ? 29 GLY A O     1 
ATOM   195  N N     . ILE A 1 29 ? 3.786   -0.524  16.091  1.00   62.68  ? 30 ILE A N     1 
ATOM   196  C CA    . ILE A 1 29 ? 3.494   -1.498  17.135  1.00   63.23  ? 30 ILE A CA    1 
ATOM   197  C C     . ILE A 1 29 ? 3.120   -2.840  16.518  1.00   64.50  ? 30 ILE A C     1 
ATOM   198  O O     . ILE A 1 29 ? 2.191   -2.923  15.717  1.00   64.92  ? 30 ILE A O     1 
ATOM   199  C CB    . ILE A 1 29 ? 2.344   -0.998  18.075  1.00   63.98  ? 30 ILE A CB    1 
ATOM   200  C CG1   . ILE A 1 29 ? 2.697   0.341   18.770  1.00   63.12  ? 30 ILE A CG1   1 
ATOM   201  C CG2   . ILE A 1 29 ? 1.922   -2.081  19.069  1.00   61.71  ? 30 ILE A CG2   1 
ATOM   202  C CD1   . ILE A 1 29 ? 4.167   0.548   19.123  1.00   62.99  ? 30 ILE A CD1   1 
ATOM   203  N N     . LYS A 1 30 ? 3.868   -3.880  16.871  1.00   67.20  ? 31 LYS A N     1 
ATOM   204  C CA    . LYS A 1 30 ? 3.529   -5.238  16.460  1.00   68.89  ? 31 LYS A CA    1 
ATOM   205  C C     . LYS A 1 30 ? 2.603   -5.876  17.478  1.00   68.30  ? 31 LYS A C     1 
ATOM   206  O O     . LYS A 1 30 ? 2.826   -5.758  18.674  1.00   71.59  ? 31 LYS A O     1 
ATOM   207  C CB    . LYS A 1 30 ? 4.777   -6.106  16.266  1.00   70.82  ? 31 LYS A CB    1 
ATOM   208  C CG    . LYS A 1 30 ? 4.472   -7.603  16.293  1.00   73.15  ? 31 LYS A CG    1 
ATOM   209  C CD    . LYS A 1 30 ? 5.442   -8.428  15.486  1.00   75.93  ? 31 LYS A CD    1 
ATOM   210  C CE    . LYS A 1 30 ? 6.752   -8.673  16.213  1.00   76.89  ? 31 LYS A CE    1 
ATOM   211  N NZ    . LYS A 1 30 ? 7.595   -9.609  15.414  1.00   78.52  ? 31 LYS A NZ    1 
ATOM   212  N N     . LEU A 1 31 ? 1.568   -6.553  16.997  1.00   67.55  ? 32 LEU A N     1 
ATOM   213  C CA    . LEU A 1 31 ? 0.635   -7.237  17.862  1.00   66.66  ? 32 LEU A CA    1 
ATOM   214  C C     . LEU A 1 31 ? 0.606   -8.741  17.549  1.00   68.30  ? 32 LEU A C     1 
ATOM   215  O O     . LEU A 1 31 ? 0.306   -9.147  16.418  1.00   66.77  ? 32 LEU A O     1 
ATOM   216  C CB    . LEU A 1 31 ? -0.762  -6.612  17.737  1.00   65.77  ? 32 LEU A CB    1 
ATOM   217  C CG    . LEU A 1 31 ? -1.049  -5.162  18.166  1.00   66.14  ? 32 LEU A CG    1 
ATOM   218  C CD1   . LEU A 1 31 ? -2.542  -4.869  18.030  1.00   64.67  ? 32 LEU A CD1   1 
ATOM   219  C CD2   . LEU A 1 31 ? -0.586  -4.844  19.596  1.00   65.43  ? 32 LEU A CD2   1 
ATOM   220  N N     . GLN A 1 32 ? 0.932   -9.557  18.557  1.00   69.08  ? 33 GLN A N     1 
ATOM   221  C CA    . GLN A 1 32 ? 0.912   -11.024 18.439  1.00   68.27  ? 33 GLN A CA    1 
ATOM   222  C C     . GLN A 1 32 ? -0.421  -11.572 18.917  1.00   66.02  ? 33 GLN A C     1 
ATOM   223  O O     . GLN A 1 32 ? -0.992  -11.080 19.886  1.00   68.01  ? 33 GLN A O     1 
ATOM   224  C CB    . GLN A 1 32 ? 2.036   -11.653 19.261  1.00   72.30  ? 33 GLN A CB    1 
ATOM   225  C CG    . GLN A 1 32 ? 3.447   -11.377 18.751  1.00   77.75  ? 33 GLN A CG    1 
ATOM   226  C CD    . GLN A 1 32 ? 3.966   -12.435 17.775  1.00   82.22  ? 33 GLN A CD    1 
ATOM   227  O OE1   . GLN A 1 32 ? 3.336   -13.484 17.548  1.00   82.31  ? 33 GLN A OE1   1 
ATOM   228  N NE2   . GLN A 1 32 ? 5.134   -12.159 17.195  1.00   83.35  ? 33 GLN A NE2   1 
ATOM   229  N N     . GLY A 1 33 ? -0.916  -12.599 18.244  1.00   63.93  ? 34 GLY A N     1 
ATOM   230  C CA    . GLY A 1 33 ? -2.192  -13.197 18.609  1.00   62.15  ? 34 GLY A CA    1 
ATOM   231  C C     . GLY A 1 33 ? -2.698  -14.051 17.478  1.00   61.78  ? 34 GLY A C     1 
ATOM   232  O O     . GLY A 1 33 ? -1.963  -14.303 16.532  1.00   62.03  ? 34 GLY A O     1 
ATOM   233  N N     . GLN A 1 34 ? -3.951  -14.487 17.586  1.00   62.89  ? 35 GLN A N     1 
ATOM   234  C CA    . GLN A 1 34 ? -4.624  -15.286 16.562  1.00   67.38  ? 35 GLN A CA    1 
ATOM   235  C C     . GLN A 1 34 ? -5.933  -14.606 16.211  1.00   66.28  ? 35 GLN A C     1 
ATOM   236  O O     . GLN A 1 34 ? -6.579  -14.023 17.083  1.00   67.18  ? 35 GLN A O     1 
ATOM   237  C CB    . GLN A 1 34 ? -4.934  -16.707 17.071  1.00   69.77  ? 35 GLN A CB    1 
ATOM   238  C CG    . GLN A 1 34 ? -3.719  -17.630 17.301  1.00   72.66  ? 35 GLN A CG    1 
ATOM   239  C CD    . GLN A 1 34 ? -4.120  -19.030 17.797  1.00   72.99  ? 35 GLN A CD    1 
ATOM   240  O OE1   . GLN A 1 34 ? -5.298  -19.404 17.765  1.00   75.04  ? 35 GLN A OE1   1 
ATOM   241  N NE2   . GLN A 1 34 ? -3.136  -19.805 18.250  1.00   73.45  ? 35 GLN A NE2   1 
ATOM   242  N N     . ILE A 1 35 ? -6.339  -14.694 14.947  1.00   64.09  ? 36 ILE A N     1 
ATOM   243  C CA    . ILE A 1 35 ? -7.574  -14.052 14.506  1.00   62.49  ? 36 ILE A CA    1 
ATOM   244  C C     . ILE A 1 35 ? -8.734  -14.880 14.996  1.00   64.49  ? 36 ILE A C     1 
ATOM   245  O O     . ILE A 1 35 ? -8.899  -16.033 14.604  1.00   69.01  ? 36 ILE A O     1 
ATOM   246  C CB    . ILE A 1 35 ? -7.630  -13.838 12.962  1.00   59.49  ? 36 ILE A CB    1 
ATOM   247  C CG1   . ILE A 1 35 ? -6.584  -12.811 12.560  1.00   60.02  ? 36 ILE A CG1   1 
ATOM   248  C CG2   . ILE A 1 35 ? -9.007  -13.360 12.514  1.00   53.73  ? 36 ILE A CG2   1 
ATOM   249  C CD1   . ILE A 1 35 ? -5.920  -13.115 11.279  1.00   63.37  ? 36 ILE A CD1   1 
ATOM   250  N N     . GLU A 1 36 ? -9.518  -14.289 15.885  1.00   65.59  ? 37 GLU A N     1 
ATOM   251  C CA    . GLU A 1 36 ? -10.673 -14.959 16.438  1.00   66.33  ? 37 GLU A CA    1 
ATOM   252  C C     . GLU A 1 36 ? -11.845 -14.694 15.523  1.00   64.06  ? 37 GLU A C     1 
ATOM   253  O O     . GLU A 1 36 ? -12.701 -15.552 15.330  1.00   66.55  ? 37 GLU A O     1 
ATOM   254  C CB    . GLU A 1 36 ? -10.961 -14.435 17.850  1.00   71.68  ? 37 GLU A CB    1 
ATOM   255  C CG    . GLU A 1 36 ? -12.145 -15.098 18.553  1.00   77.45  ? 37 GLU A CG    1 
ATOM   256  C CD    . GLU A 1 36 ? -11.900 -16.571 18.866  1.00   81.44  ? 37 GLU A CD    1 
ATOM   257  O OE1   . GLU A 1 36 ? -12.853 -17.370 18.707  1.00   83.67  ? 37 GLU A OE1   1 
ATOM   258  O OE2   . GLU A 1 36 ? -10.762 -16.927 19.269  1.00   82.21  ? 37 GLU A OE2   1 
ATOM   259  N N     . SER A 1 37 ? -11.872 -13.491 14.959  1.00   60.07  ? 38 SER A N     1 
ATOM   260  C CA    . SER A 1 37 ? -13.008 -13.029 14.183  1.00   51.92  ? 38 SER A CA    1 
ATOM   261  C C     . SER A 1 37 ? -12.659 -11.739 13.435  1.00   49.42  ? 38 SER A C     1 
ATOM   262  O O     . SER A 1 37 ? -11.585 -11.162 13.641  1.00   47.32  ? 38 SER A O     1 
ATOM   263  C CB    . SER A 1 37 ? -14.196 -12.806 15.104  1.00   52.78  ? 38 SER A CB    1 
ATOM   264  O OG    . SER A 1 37 ? -15.391 -12.796 14.354  1.00   56.98  ? 38 SER A OG    1 
ATOM   265  N N     . PHE A 1 38 ? -13.553 -11.301 12.556  1.00   44.09  ? 39 PHE A N     1 
ATOM   266  C CA    . PHE A 1 38 ? -13.346 -10.068 11.826  1.00   46.54  ? 39 PHE A CA    1 
ATOM   267  C C     . PHE A 1 38 ? -14.657 -9.673  11.205  1.00   47.29  ? 39 PHE A C     1 
ATOM   268  O O     . PHE A 1 38 ? -15.545 -10.512 11.065  1.00   47.60  ? 39 PHE A O     1 
ATOM   269  C CB    . PHE A 1 38 ? -12.220 -10.187 10.747  1.00   49.75  ? 39 PHE A CB    1 
ATOM   270  C CG    . PHE A 1 38 ? -12.487 -11.214 9.670   1.00   47.81  ? 39 PHE A CG    1 
ATOM   271  C CD1   . PHE A 1 38 ? -13.188 -10.872 8.519   1.00   49.84  ? 39 PHE A CD1   1 
ATOM   272  C CD2   . PHE A 1 38 ? -12.023 -12.527 9.808   1.00   49.98  ? 39 PHE A CD2   1 
ATOM   273  C CE1   . PHE A 1 38 ? -13.431 -11.830 7.504   1.00   51.22  ? 39 PHE A CE1   1 
ATOM   274  C CE2   . PHE A 1 38 ? -12.272 -13.489 8.815   1.00   49.35  ? 39 PHE A CE2   1 
ATOM   275  C CZ    . PHE A 1 38 ? -12.976 -13.139 7.663   1.00   49.04  ? 39 PHE A CZ    1 
ATOM   276  N N     . ASP A 1 39 ? -14.791 -8.393  10.872  1.00   45.12  ? 40 ASP A N     1 
ATOM   277  C CA    . ASP A 1 39 ? -15.838 -7.956  9.963   1.00   49.07  ? 40 ASP A CA    1 
ATOM   278  C C     . ASP A 1 39 ? -15.223 -6.936  8.984   1.00   48.35  ? 40 ASP A C     1 
ATOM   279  O O     . ASP A 1 39 ? -14.002 -6.891  8.836   1.00   48.26  ? 40 ASP A O     1 
ATOM   280  C CB    . ASP A 1 39 ? -17.053 -7.397  10.712  1.00   54.41  ? 40 ASP A CB    1 
ATOM   281  C CG    . ASP A 1 39 ? -16.703 -6.265  11.663  1.00   58.15  ? 40 ASP A CG    1 
ATOM   282  O OD1   . ASP A 1 39 ? -15.528 -5.833  11.724  1.00   62.61  ? 40 ASP A OD1   1 
ATOM   283  O OD2   . ASP A 1 39 ? -17.617 -5.810  12.376  1.00   60.50  ? 40 ASP A OD2   1 
ATOM   284  N N     . GLN A 1 40 ? -16.063 -6.137  8.337   1.00   47.86  ? 41 GLN A N     1 
ATOM   285  C CA    . GLN A 1 40 ? -15.610 -5.125  7.402   1.00   53.60  ? 41 GLN A CA    1 
ATOM   286  C C     . GLN A 1 40 ? -14.542 -4.174  7.962   1.00   55.46  ? 41 GLN A C     1 
ATOM   287  O O     . GLN A 1 40 ? -13.604 -3.823  7.251   1.00   57.39  ? 41 GLN A O     1 
ATOM   288  C CB    . GLN A 1 40 ? -16.801 -4.319  6.902   1.00   58.64  ? 41 GLN A CB    1 
ATOM   289  C CG    . GLN A 1 40 ? -16.468 -3.360  5.768   1.00   65.14  ? 41 GLN A CG    1 
ATOM   290  C CD    . GLN A 1 40 ? -17.700 -2.713  5.165   1.00   69.17  ? 41 GLN A CD    1 
ATOM   291  O OE1   . GLN A 1 40 ? -17.646 -2.176  4.058   1.00   71.67  ? 41 GLN A OE1   1 
ATOM   292  N NE2   . GLN A 1 40 ? -18.823 -2.769  5.883   1.00   70.21  ? 41 GLN A NE2   1 
ATOM   293  N N     . PHE A 1 41 ? -14.670 -3.778  9.229   1.00   53.85  ? 42 PHE A N     1 
ATOM   294  C CA    . PHE A 1 41 ? -13.843 -2.701  9.768   1.00   49.64  ? 42 PHE A CA    1 
ATOM   295  C C     . PHE A 1 41 ? -12.911 -3.070  10.912  1.00   47.38  ? 42 PHE A C     1 
ATOM   296  O O     . PHE A 1 41 ? -11.951 -2.350  11.178  1.00   45.93  ? 42 PHE A O     1 
ATOM   297  C CB    . PHE A 1 41 ? -14.719 -1.511  10.137  1.00   53.86  ? 42 PHE A CB    1 
ATOM   298  C CG    . PHE A 1 41 ? -15.342 -0.827  8.949   1.00   55.85  ? 42 PHE A CG    1 
ATOM   299  C CD1   . PHE A 1 41 ? -14.543 -0.146  8.019   1.00   57.01  ? 42 PHE A CD1   1 
ATOM   300  C CD2   . PHE A 1 41 ? -16.714 -0.853  8.760   1.00   57.22  ? 42 PHE A CD2   1 
ATOM   301  C CE1   . PHE A 1 41 ? -15.105 0.492   6.922   1.00   58.34  ? 42 PHE A CE1   1 
ATOM   302  C CE2   . PHE A 1 41 ? -17.295 -0.211  7.656   1.00   59.61  ? 42 PHE A CE2   1 
ATOM   303  C CZ    . PHE A 1 41 ? -16.485 0.461   6.736   1.00   57.96  ? 42 PHE A CZ    1 
ATOM   304  N N     . VAL A 1 42 ? -13.172 -4.193  11.574  1.00   46.36  ? 43 VAL A N     1 
ATOM   305  C CA    . VAL A 1 42 ? -12.367 -4.581  12.727  1.00   45.07  ? 43 VAL A CA    1 
ATOM   306  C C     . VAL A 1 42 ? -11.953 -6.041  12.706  1.00   47.42  ? 43 VAL A C     1 
ATOM   307  O O     . VAL A 1 42 ? -12.623 -6.888  12.121  1.00   47.27  ? 43 VAL A O     1 
ATOM   308  C CB    . VAL A 1 42 ? -13.085 -4.272  14.081  1.00   45.09  ? 43 VAL A CB    1 
ATOM   309  C CG1   . VAL A 1 42 ? -13.703 -2.872  14.067  1.00   44.10  ? 43 VAL A CG1   1 
ATOM   310  C CG2   . VAL A 1 42 ? -14.148 -5.303  14.376  1.00   40.85  ? 43 VAL A CG2   1 
ATOM   311  N N     . ILE A 1 43 ? -10.832 -6.314  13.361  1.00   49.69  ? 44 ILE A N     1 
ATOM   312  C CA    . ILE A 1 43 ? -10.392 -7.659  13.636  1.00   52.38  ? 44 ILE A CA    1 
ATOM   313  C C     . ILE A 1 43 ? -10.329 -7.873  15.160  1.00   55.09  ? 44 ILE A C     1 
ATOM   314  O O     . ILE A 1 43 ? -9.866  -7.003  15.903  1.00   52.13  ? 44 ILE A O     1 
ATOM   315  C CB    . ILE A 1 43 ? -9.010  -7.956  12.980  1.00   52.64  ? 44 ILE A CB    1 
ATOM   316  C CG1   . ILE A 1 43 ? -9.109  -7.861  11.451  1.00   51.00  ? 44 ILE A CG1   1 
ATOM   317  C CG2   . ILE A 1 43 ? -8.484  -9.344  13.409  1.00   50.46  ? 44 ILE A CG2   1 
ATOM   318  C CD1   . ILE A 1 43 ? -7.788  -7.587  10.748  1.00   47.91  ? 44 ILE A CD1   1 
ATOM   319  N N     . LEU A 1 44 ? -10.795 -9.043  15.601  1.00   59.22  ? 45 LEU A N     1 
ATOM   320  C CA    . LEU A 1 44 ? -10.637 -9.502  16.981  1.00   60.37  ? 45 LEU A CA    1 
ATOM   321  C C     . LEU A 1 44 ? -9.385  -10.366 17.123  1.00   57.17  ? 45 LEU A C     1 
ATOM   322  O O     . LEU A 1 44 ? -9.328  -11.474 16.616  1.00   60.57  ? 45 LEU A O     1 
ATOM   323  C CB    . LEU A 1 44 ? -11.889 -10.266 17.431  1.00   61.92  ? 45 LEU A CB    1 
ATOM   324  C CG    . LEU A 1 44 ? -12.089 -10.542 18.923  1.00   65.11  ? 45 LEU A CG    1 
ATOM   325  C CD1   . LEU A 1 44 ? -12.273 -9.252  19.705  1.00   65.64  ? 45 LEU A CD1   1 
ATOM   326  C CD2   . LEU A 1 44 ? -13.297 -11.445 19.131  1.00   65.46  ? 45 LEU A CD2   1 
ATOM   327  N N     . LEU A 1 45 ? -8.386  -9.836  17.812  1.00   56.63  ? 46 LEU A N     1 
ATOM   328  C CA    . LEU A 1 45 ? -7.110  -10.496 18.023  1.00   59.85  ? 46 LEU A CA    1 
ATOM   329  C C     . LEU A 1 45 ? -7.024  -11.180 19.416  1.00   65.84  ? 46 LEU A C     1 
ATOM   330  O O     . LEU A 1 45 ? -7.095  -10.515 20.457  1.00   64.22  ? 46 LEU A O     1 
ATOM   331  C CB    . LEU A 1 45 ? -5.992  -9.467  17.856  1.00   57.01  ? 46 LEU A CB    1 
ATOM   332  C CG    . LEU A 1 45 ? -4.554  -9.965  17.889  1.00   57.62  ? 46 LEU A CG    1 
ATOM   333  C CD1   . LEU A 1 45 ? -4.200  -10.715 16.599  1.00   57.32  ? 46 LEU A CD1   1 
ATOM   334  C CD2   . LEU A 1 45 ? -3.618  -8.804  18.136  1.00   55.98  ? 46 LEU A CD2   1 
ATOM   335  N N     . LYS A 1 46 ? -6.856  -12.507 19.413  1.00   70.69  ? 47 LYS A N     1 
ATOM   336  C CA    . LYS A 1 46 ? -6.892  -13.320 20.629  1.00   73.23  ? 47 LYS A CA    1 
ATOM   337  C C     . LYS A 1 46 ? -5.494  -13.632 21.148  1.00   74.91  ? 47 LYS A C     1 
ATOM   338  O O     . LYS A 1 46 ? -4.683  -14.251 20.464  1.00   75.82  ? 47 LYS A O     1 
ATOM   339  C CB    . LYS A 1 46 ? -7.657  -14.623 20.381  1.00   77.20  ? 47 LYS A CB    1 
ATOM   340  C CG    . LYS A 1 46 ? -8.217  -15.292 21.641  1.00   82.11  ? 47 LYS A CG    1 
ATOM   341  C CD    . LYS A 1 46 ? -9.663  -14.850 21.929  1.00   85.56  ? 47 LYS A CD    1 
ATOM   342  C CE    . LYS A 1 46 ? -10.042 -14.995 23.417  1.00   87.47  ? 47 LYS A CE    1 
ATOM   343  N NZ    . LYS A 1 46 ? -9.981  -16.405 23.924  1.00   88.44  ? 47 LYS A NZ    1 
ATOM   344  N N     . ASN A 1 47 ? -5.217  -13.173 22.361  1.00   76.20  ? 48 ASN A N     1 
ATOM   345  C CA    . ASN A 1 47 ? -4.027  -13.562 23.095  1.00   80.43  ? 48 ASN A CA    1 
ATOM   346  C C     . ASN A 1 47 ? -4.478  -13.677 24.562  1.00   81.93  ? 48 ASN A C     1 
ATOM   347  O O     . ASN A 1 47 ? -5.472  -14.361 24.845  1.00   80.73  ? 48 ASN A O     1 
ATOM   348  C CB    . ASN A 1 47 ? -2.922  -12.518 22.888  1.00   82.70  ? 48 ASN A CB    1 
ATOM   349  C CG    . ASN A 1 47 ? -1.509  -13.116 22.932  1.00   85.48  ? 48 ASN A CG    1 
ATOM   350  O OD1   . ASN A 1 47 ? -1.286  -14.268 22.555  1.00   86.57  ? 48 ASN A OD1   1 
ATOM   351  N ND2   . ASN A 1 47 ? -0.543  -12.311 23.378  1.00   85.75  ? 48 ASN A ND2   1 
ATOM   352  N N     . THR A 1 48 ? -3.783  -13.011 25.484  1.00   83.63  ? 49 THR A N     1 
ATOM   353  C CA    . THR A 1 48 ? -4.250  -12.886 26.873  1.00   85.44  ? 49 THR A CA    1 
ATOM   354  C C     . THR A 1 48 ? -5.734  -12.506 26.920  1.00   85.84  ? 49 THR A C     1 
ATOM   355  O O     . THR A 1 48 ? -6.506  -13.079 27.695  1.00   86.27  ? 49 THR A O     1 
ATOM   356  C CB    . THR A 1 48 ? -3.380  -11.877 27.666  1.00   86.86  ? 49 THR A CB    1 
ATOM   357  O OG1   . THR A 1 48 ? -2.239  -12.559 28.205  1.00   88.17  ? 49 THR A OG1   1 
ATOM   358  C CG2   . THR A 1 48 ? -4.154  -11.222 28.810  1.00   87.03  ? 49 THR A CG2   1 
ATOM   359  N N     . VAL A 1 49 ? -6.125  -11.550 26.074  1.00   86.50  ? 50 VAL A N     1 
ATOM   360  C CA    . VAL A 1 49 ? -7.536  -11.191 25.897  1.00   84.49  ? 50 VAL A CA    1 
ATOM   361  C C     . VAL A 1 49 ? -7.917  -11.004 24.418  1.00   80.76  ? 50 VAL A C     1 
ATOM   362  O O     . VAL A 1 49 ? -7.059  -10.834 23.553  1.00   79.94  ? 50 VAL A O     1 
ATOM   363  C CB    . VAL A 1 49 ? -7.922  -9.937  26.743  1.00   86.22  ? 50 VAL A CB    1 
ATOM   364  C CG1   . VAL A 1 49 ? -7.356  -8.654  26.117  1.00   87.55  ? 50 VAL A CG1   1 
ATOM   365  C CG2   . VAL A 1 49 ? -9.444  -9.841  26.929  1.00   86.30  ? 50 VAL A CG2   1 
ATOM   366  N N     . SER A 1 50 ? -9.218  -11.054 24.164  1.00   77.66  ? 51 SER A N     1 
ATOM   367  C CA    . SER A 1 50 ? -9.822  -10.771 22.884  1.00   75.33  ? 51 SER A CA    1 
ATOM   368  C C     . SER A 1 50 ? -10.010 -9.246  22.694  1.00   73.97  ? 51 SER A C     1 
ATOM   369  O O     . SER A 1 50 ? -11.047 -8.690  23.077  1.00   76.00  ? 51 SER A O     1 
ATOM   370  C CB    . SER A 1 50 ? -11.185 -11.461 22.850  1.00   78.02  ? 51 SER A CB    1 
ATOM   371  O OG    . SER A 1 50 ? -11.402 -12.173 21.645  1.00   82.73  ? 51 SER A OG    1 
ATOM   372  N N     . GLN A 1 51 ? -9.016  -8.572  22.115  1.00   68.02  ? 52 GLN A N     1 
ATOM   373  C CA    . GLN A 1 51 ? -9.128  -7.138  21.818  1.00   62.74  ? 52 GLN A CA    1 
ATOM   374  C C     . GLN A 1 51 ? -9.619  -6.880  20.399  1.00   61.61  ? 52 GLN A C     1 
ATOM   375  O O     . GLN A 1 51 ? -9.444  -7.706  19.506  1.00   62.72  ? 52 GLN A O     1 
ATOM   376  C CB    . GLN A 1 51 ? -7.783  -6.438  21.998  1.00   62.13  ? 52 GLN A CB    1 
ATOM   377  C CG    . GLN A 1 51 ? -6.797  -6.697  20.869  1.00   59.65  ? 52 GLN A CG    1 
ATOM   378  C CD    . GLN A 1 51 ? -5.427  -6.189  21.187  1.00   60.58  ? 52 GLN A CD    1 
ATOM   379  O OE1   . GLN A 1 51 ? -5.200  -4.970  21.082  1.00   61.98  ? 52 GLN A OE1   1 
ATOM   380  N NE2   . GLN A 1 51 ? -4.566  -7.009  21.551  1.00   62.37  ? 52 GLN A NE2   1 
ATOM   381  N N     . MET A 1 52 ? -10.209 -5.709  20.192  1.00   58.55  ? 53 MET A N     1 
ATOM   382  C CA    . MET A 1 52 ? -10.678 -5.302  18.879  1.00   53.86  ? 53 MET A CA    1 
ATOM   383  C C     . MET A 1 52 ? -9.720  -4.302  18.208  1.00   52.73  ? 53 MET A C     1 
ATOM   384  O O     . MET A 1 52 ? -9.523  -3.198  18.713  1.00   55.60  ? 53 MET A O     1 
ATOM   385  C CB    . MET A 1 52 ? -12.056 -4.694  19.009  1.00   51.03  ? 53 MET A CB    1 
ATOM   386  C CG    . MET A 1 52 ? -12.673 -4.385  17.703  1.00   51.19  ? 53 MET A CG    1 
ATOM   387  S SD    . MET A 1 52 ? -14.187 -3.514  17.949  1.00   55.03  ? 53 MET A SD    1 
ATOM   388  C CE    . MET A 1 52 ? -13.604 -2.051  18.789  1.00   55.71  ? 53 MET A CE    1 
ATOM   389  N N     . VAL A 1 53 ? -9.125  -4.707  17.087  1.00   49.32  ? 54 VAL A N     1 
ATOM   390  C CA    . VAL A 1 53 ? -8.225  -3.846  16.301  1.00   46.86  ? 54 VAL A CA    1 
ATOM   391  C C     . VAL A 1 53 ? -8.999  -3.260  15.124  1.00   44.54  ? 54 VAL A C     1 
ATOM   392  O O     . VAL A 1 53 ? -9.674  -3.999  14.389  1.00   44.52  ? 54 VAL A O     1 
ATOM   393  C CB    . VAL A 1 53 ? -6.973  -4.619  15.792  1.00   48.41  ? 54 VAL A CB    1 
ATOM   394  C CG1   . VAL A 1 53 ? -5.877  -3.665  15.310  1.00   45.24  ? 54 VAL A CG1   1 
ATOM   395  C CG2   . VAL A 1 53 ? -6.420  -5.539  16.891  1.00   47.47  ? 54 VAL A CG2   1 
ATOM   396  N N     . TYR A 1 54 ? -8.947  -1.936  14.966  1.00   40.97  ? 55 TYR A N     1 
ATOM   397  C CA    . TYR A 1 54 ? -9.530  -1.281  13.787  1.00   38.86  ? 55 TYR A CA    1 
ATOM   398  C C     . TYR A 1 54 ? -8.619  -1.501  12.583  1.00   35.79  ? 55 TYR A C     1 
ATOM   399  O O     . TYR A 1 54 ? -7.415  -1.339  12.694  1.00   34.91  ? 55 TYR A O     1 
ATOM   400  C CB    . TYR A 1 54 ? -9.761  0.223   14.025  1.00   37.26  ? 55 TYR A CB    1 
ATOM   401  C CG    . TYR A 1 54 ? -11.027 0.507   14.795  1.00   36.26  ? 55 TYR A CG    1 
ATOM   402  C CD1   . TYR A 1 54 ? -12.257 0.534   14.150  1.00   36.20  ? 55 TYR A CD1   1 
ATOM   403  C CD2   . TYR A 1 54 ? -11.000 0.687   16.185  1.00   33.91  ? 55 TYR A CD2   1 
ATOM   404  C CE1   . TYR A 1 54 ? -13.441 0.776   14.867  1.00   35.88  ? 55 TYR A CE1   1 
ATOM   405  C CE2   . TYR A 1 54 ? -12.157 0.924   16.909  1.00   34.31  ? 55 TYR A CE2   1 
ATOM   406  C CZ    . TYR A 1 54 ? -13.382 0.968   16.245  1.00   38.25  ? 55 TYR A CZ    1 
ATOM   407  O OH    . TYR A 1 54 ? -14.552 1.201   16.957  1.00   38.41  ? 55 TYR A OH    1 
ATOM   408  N N     . LYS A 1 55 ? -9.196  -1.894  11.451  1.00   38.65  ? 56 LYS A N     1 
ATOM   409  C CA    . LYS A 1 55 ? -8.417  -2.125  10.214  1.00   40.52  ? 56 LYS A CA    1 
ATOM   410  C C     . LYS A 1 55 ? -7.680  -0.876  9.713   1.00   41.95  ? 56 LYS A C     1 
ATOM   411  O O     . LYS A 1 55 ? -6.562  -0.986  9.239   1.00   41.39  ? 56 LYS A O     1 
ATOM   412  C CB    . LYS A 1 55 ? -9.315  -2.680  9.111   1.00   39.76  ? 56 LYS A CB    1 
ATOM   413  C CG    . LYS A 1 55 ? -9.681  -4.139  9.299   1.00   40.96  ? 56 LYS A CG    1 
ATOM   414  C CD    . LYS A 1 55 ? -10.618 -4.598  8.218   1.00   43.82  ? 56 LYS A CD    1 
ATOM   415  C CE    . LYS A 1 55 ? -10.972 -6.063  8.399   1.00   47.05  ? 56 LYS A CE    1 
ATOM   416  N NZ    . LYS A 1 55 ? -11.795 -6.560  7.271   1.00   46.95  ? 56 LYS A NZ    1 
ATOM   417  N N     . HIS A 1 56 ? -8.303  0.305   9.846   1.00   43.24  ? 57 HIS A N     1 
ATOM   418  C CA    . HIS A 1 56 ? -7.690  1.576   9.406   1.00   40.16  ? 57 HIS A CA    1 
ATOM   419  C C     . HIS A 1 56 ? -6.390  1.882   10.133  1.00   41.60  ? 57 HIS A C     1 
ATOM   420  O O     . HIS A 1 56 ? -5.630  2.755   9.711   1.00   45.73  ? 57 HIS A O     1 
ATOM   421  C CB    . HIS A 1 56 ? -8.676  2.754   9.541   1.00   38.99  ? 57 HIS A CB    1 
ATOM   422  C CG    . HIS A 1 56 ? -9.129  3.027   10.946  1.00   35.88  ? 57 HIS A CG    1 
ATOM   423  N ND1   . HIS A 1 56 ? -10.452 2.926   11.335  1.00   34.96  ? 57 HIS A ND1   1 
ATOM   424  C CD2   . HIS A 1 56 ? -8.438  3.392   12.053  1.00   33.20  ? 57 HIS A CD2   1 
ATOM   425  C CE1   . HIS A 1 56 ? -10.555 3.224   12.618  1.00   34.40  ? 57 HIS A CE1   1 
ATOM   426  N NE2   . HIS A 1 56 ? -9.344  3.496   13.082  1.00   34.35  ? 57 HIS A NE2   1 
ATOM   427  N N     . ALA A 1 57 ? -6.129  1.163   11.225  1.00   41.86  ? 58 ALA A N     1 
ATOM   428  C CA    . ALA A 1 57 ? -4.924  1.384   12.038  1.00   40.80  ? 58 ALA A CA    1 
ATOM   429  C C     . ALA A 1 57 ? -3.868  0.319   11.754  1.00   40.05  ? 58 ALA A C     1 
ATOM   430  O O     . ALA A 1 57 ? -2.731  0.411   12.214  1.00   42.60  ? 58 ALA A O     1 
ATOM   431  C CB    . ALA A 1 57 ? -5.281  1.414   13.530  1.00   37.34  ? 58 ALA A CB    1 
ATOM   432  N N     . ILE A 1 58 ? -4.264  -0.686  10.989  1.00   38.83  ? 59 ILE A N     1 
ATOM   433  C CA    . ILE A 1 58 ? -3.380  -1.770  10.570  1.00   43.33  ? 59 ILE A CA    1 
ATOM   434  C C     . ILE A 1 58 ? -2.590  -1.443  9.282   1.00   41.18  ? 59 ILE A C     1 
ATOM   435  O O     . ILE A 1 58 ? -3.167  -1.011  8.282   1.00   40.70  ? 59 ILE A O     1 
ATOM   436  C CB    . ILE A 1 58 ? -4.188  -3.083  10.378  1.00   42.13  ? 59 ILE A CB    1 
ATOM   437  C CG1   . ILE A 1 58 ? -4.787  -3.531  11.718  1.00   42.99  ? 59 ILE A CG1   1 
ATOM   438  C CG2   . ILE A 1 58 ? -3.309  -4.165  9.810   1.00   41.22  ? 59 ILE A CG2   1 
ATOM   439  C CD1   . ILE A 1 58 ? -5.818  -4.668  11.615  1.00   41.66  ? 59 ILE A CD1   1 
ATOM   440  N N     . SER A 1 59 ? -1.277  -1.638  9.316   1.00   42.08  ? 60 SER A N     1 
ATOM   441  C CA    . SER A 1 59 ? -0.482  -1.601  8.075   1.00   45.26  ? 60 SER A CA    1 
ATOM   442  C C     . SER A 1 59 ? -0.344  -2.981  7.410   1.00   45.79  ? 60 SER A C     1 
ATOM   443  O O     . SER A 1 59 ? -0.563  -3.089  6.207   1.00   46.31  ? 60 SER A O     1 
ATOM   444  C CB    . SER A 1 59 ? 0.877   -0.917  8.266   1.00   47.10  ? 60 SER A CB    1 
ATOM   445  O OG    . SER A 1 59 ? 1.740   -1.666  9.098   1.00   50.32  ? 60 SER A OG    1 
ATOM   446  N N     . THR A 1 60 ? -0.026  -4.025  8.187   1.00   45.93  ? 61 THR A N     1 
ATOM   447  C CA    . THR A 1 60 ? 0.099   -5.397  7.652   1.00   49.07  ? 61 THR A CA    1 
ATOM   448  C C     . THR A 1 60 ? -0.384  -6.503  8.599   1.00   51.91  ? 61 THR A C     1 
ATOM   449  O O     . THR A 1 60 ? -0.287  -6.388  9.829   1.00   51.95  ? 61 THR A O     1 
ATOM   450  C CB    . THR A 1 60 ? 1.560   -5.757  7.221   1.00   47.42  ? 61 THR A CB    1 
ATOM   451  O OG1   . THR A 1 60 ? 2.430   -5.689  8.358   1.00   49.44  ? 61 THR A OG1   1 
ATOM   452  C CG2   . THR A 1 60 ? 2.096   -4.805  6.123   1.00   45.89  ? 61 THR A CG2   1 
ATOM   453  N N     . VAL A 1 61 ? -0.918  -7.567  8.000   1.00   52.66  ? 62 VAL A N     1 
ATOM   454  C CA    . VAL A 1 61 ? -1.155  -8.828  8.687   1.00   53.16  ? 62 VAL A CA    1 
ATOM   455  C C     . VAL A 1 61 ? -0.200  -9.912  8.153   1.00   56.66  ? 62 VAL A C     1 
ATOM   456  O O     . VAL A 1 61 ? -0.381  -10.421 7.040   1.00   54.67  ? 62 VAL A O     1 
ATOM   457  C CB    . VAL A 1 61 ? -2.603  -9.297  8.539   1.00   51.83  ? 62 VAL A CB    1 
ATOM   458  C CG1   . VAL A 1 61 ? -2.816  -10.570 9.366   1.00   51.51  ? 62 VAL A CG1   1 
ATOM   459  C CG2   . VAL A 1 61 ? -3.560  -8.191  8.964   1.00   50.64  ? 62 VAL A CG2   1 
ATOM   460  N N     . VAL A 1 62 ? 0.790   -10.258 8.977   1.00   59.31  ? 63 VAL A N     1 
ATOM   461  C CA    . VAL A 1 62 ? 1.878   -11.181 8.633   1.00   62.43  ? 63 VAL A CA    1 
ATOM   462  C C     . VAL A 1 62 ? 1.765   -12.536 9.352   1.00   65.28  ? 63 VAL A C     1 
ATOM   463  O O     . VAL A 1 62 ? 1.879   -12.594 10.575  1.00   63.54  ? 63 VAL A O     1 
ATOM   464  C CB    . VAL A 1 62 ? 3.259   -10.582 9.040   1.00   61.84  ? 63 VAL A CB    1 
ATOM   465  C CG1   . VAL A 1 62 ? 4.416   -11.369 8.395   1.00   59.60  ? 63 VAL A CG1   1 
ATOM   466  C CG2   . VAL A 1 62 ? 3.335   -9.082  8.726   1.00   60.62  ? 63 VAL A CG2   1 
ATOM   467  N N     . PRO A 1 63 ? 1.575   -13.635 8.598   1.00   69.80  ? 64 PRO A N     1 
ATOM   468  C CA    . PRO A 1 63 ? 1.675   -14.976 9.205   1.00   73.50  ? 64 PRO A CA    1 
ATOM   469  C C     . PRO A 1 63 ? 3.063   -15.267 9.797   1.00   77.90  ? 64 PRO A C     1 
ATOM   470  O O     . PRO A 1 63 ? 4.084   -14.910 9.202   1.00   78.52  ? 64 PRO A O     1 
ATOM   471  C CB    . PRO A 1 63 ? 1.391   -15.915 8.031   1.00   73.25  ? 64 PRO A CB    1 
ATOM   472  C CG    . PRO A 1 63 ? 0.656   -15.073 7.028   1.00   72.76  ? 64 PRO A CG    1 
ATOM   473  C CD    . PRO A 1 63 ? 1.243   -13.705 7.166   1.00   70.64  ? 64 PRO A CD    1 
ATOM   474  N N     . SER A 1 64 ? 3.089   -15.893 10.973  1.00   84.87  ? 65 SER A N     1 
ATOM   475  C CA    . SER A 1 64 ? 4.341   -16.296 11.640  1.00   91.21  ? 65 SER A CA    1 
ATOM   476  C C     . SER A 1 64 ? 5.004   -17.484 10.925  1.00   94.54  ? 65 SER A C     1 
ATOM   477  O O     . SER A 1 64 ? 6.233   -17.612 10.898  1.00   93.71  ? 65 SER A O     1 
ATOM   478  C CB    . SER A 1 64 ? 4.059   -16.667 13.097  1.00   91.89  ? 65 SER A CB    1 
ATOM   479  O OG    . SER A 1 64 ? 3.104   -17.717 13.158  1.00   93.01  ? 65 SER A OG    1 
ATOM   480  N N     . ARG A 1 65 ? 4.157   -18.346 10.365  1.00   99.71  ? 66 ARG A N     1 
ATOM   481  C CA    . ARG A 1 65 ? 4.562   -19.468 9.526   1.00   104.67 ? 66 ARG A CA    1 
ATOM   482  C C     . ARG A 1 65 ? 3.697   -19.471 8.255   1.00   109.43 ? 66 ARG A C     1 
ATOM   483  O O     . ARG A 1 65 ? 2.542   -19.041 8.306   1.00   110.16 ? 66 ARG A O     1 
ATOM   484  C CB    . ARG A 1 65 ? 4.422   -20.792 10.293  1.00   104.29 ? 66 ARG A CB    1 
ATOM   485  C CG    . ARG A 1 65 ? 3.082   -21.018 11.014  1.00   103.68 ? 66 ARG A CG    1 
ATOM   486  C CD    . ARG A 1 65 ? 3.056   -22.397 11.663  1.00   103.42 ? 66 ARG A CD    1 
ATOM   487  N NE    . ARG A 1 65 ? 2.012   -22.557 12.675  1.00   102.17 ? 66 ARG A NE    1 
ATOM   488  C CZ    . ARG A 1 65 ? 0.770   -22.977 12.429  1.00   101.59 ? 66 ARG A CZ    1 
ATOM   489  N NH1   . ARG A 1 65 ? 0.386   -23.262 11.189  1.00   100.90 ? 66 ARG A NH1   1 
ATOM   490  N NH2   . ARG A 1 65 ? -0.097  -23.104 13.425  1.00   100.35 ? 66 ARG A NH2   1 
ATOM   491  N N     . PRO A 1 66 ? 4.248   -19.941 7.112   1.00   114.10 ? 67 PRO A N     1 
ATOM   492  C CA    . PRO A 1 66 ? 3.461   -19.948 5.863   1.00   116.91 ? 67 PRO A CA    1 
ATOM   493  C C     . PRO A 1 66 ? 2.182   -20.802 5.934   1.00   119.38 ? 67 PRO A C     1 
ATOM   494  O O     . PRO A 1 66 ? 2.138   -21.795 6.667   1.00   119.10 ? 67 PRO A O     1 
ATOM   495  C CB    . PRO A 1 66 ? 4.445   -20.515 4.826   1.00   116.69 ? 67 PRO A CB    1 
ATOM   496  C CG    . PRO A 1 66 ? 5.807   -20.283 5.417   1.00   115.73 ? 67 PRO A CG    1 
ATOM   497  C CD    . PRO A 1 66 ? 5.612   -20.464 6.894   1.00   115.00 ? 67 PRO A CD    1 
ATOM   498  N N     . VAL A 1 67 ? 1.157   -20.395 5.180   1.00   122.41 ? 68 VAL A N     1 
ATOM   499  C CA    . VAL A 1 67 ? -0.147  -21.075 5.162   1.00   125.18 ? 68 VAL A CA    1 
ATOM   500  C C     . VAL A 1 67 ? -0.069  -22.338 4.291   1.00   126.65 ? 68 VAL A C     1 
ATOM   501  O O     . VAL A 1 67 ? -0.057  -22.248 3.058   1.00   126.55 ? 68 VAL A O     1 
ATOM   502  C CB    . VAL A 1 67 ? -1.292  -20.142 4.649   1.00   125.44 ? 68 VAL A CB    1 
ATOM   503  C CG1   . VAL A 1 67 ? -2.642  -20.592 5.195   1.00   125.32 ? 68 VAL A CG1   1 
ATOM   504  C CG2   . VAL A 1 67 ? -1.039  -18.687 5.033   1.00   126.21 ? 68 VAL A CG2   1 
ATOM   505  N N     . SER A 1 68 ? -0.027  -23.501 4.948   1.00   128.02 ? 69 SER A N     1 
ATOM   506  C CA    . SER A 1 68 ? 0.230   -24.814 4.312   1.00   128.56 ? 69 SER A CA    1 
ATOM   507  C C     . SER A 1 68 ? 1.503   -24.844 3.450   1.00   129.07 ? 69 SER A C     1 
ATOM   508  O O     . SER A 1 68 ? 2.580   -25.211 3.927   1.00   129.26 ? 69 SER A O     1 
ATOM   509  C CB    . SER A 1 68 ? -0.984  -25.317 3.515   1.00   128.17 ? 69 SER A CB    1 
ATOM   510  O OG    . SER A 1 68 ? -2.128  -25.446 4.340   1.00   127.84 ? 69 SER A OG    1 
ATOM   511  O OXT   . SER A 1 68 ? 1.500   -24.510 2.263   1.00   129.17 ? 69 SER A OXT   1 
ATOM   512  N N     . GLY B 1 3  ? -10.256 5.944   -10.831 1.00   95.51  ? 4  GLY B N     1 
ATOM   513  C CA    . GLY B 1 3  ? -10.683 5.134   -9.645  1.00   96.32  ? 4  GLY B CA    1 
ATOM   514  C C     . GLY B 1 3  ? -10.062 3.749   -9.612  1.00   95.85  ? 4  GLY B C     1 
ATOM   515  O O     . GLY B 1 3  ? -10.169 3.026   -8.614  1.00   94.97  ? 4  GLY B O     1 
ATOM   516  N N     . GLN B 1 4  ? -9.395  3.396   -10.711 1.00   94.44  ? 5  GLN B N     1 
ATOM   517  C CA    . GLN B 1 4  ? -8.876  2.050   -10.945 1.00   92.15  ? 5  GLN B CA    1 
ATOM   518  C C     . GLN B 1 4  ? -8.017  2.031   -12.210 1.00   87.22  ? 5  GLN B C     1 
ATOM   519  O O     . GLN B 1 4  ? -7.200  1.134   -12.398 1.00   85.85  ? 5  GLN B O     1 
ATOM   520  C CB    . GLN B 1 4  ? -10.042 1.056   -11.104 1.00   94.08  ? 5  GLN B CB    1 
ATOM   521  C CG    . GLN B 1 4  ? -11.104 1.485   -12.151 1.00   95.09  ? 5  GLN B CG    1 
ATOM   522  C CD    . GLN B 1 4  ? -12.348 0.605   -12.166 1.00   95.53  ? 5  GLN B CD    1 
ATOM   523  O OE1   . GLN B 1 4  ? -12.785 0.094   -11.128 1.00   97.18  ? 5  GLN B OE1   1 
ATOM   524  N NE2   . GLN B 1 4  ? -12.933 0.436   -13.351 1.00   95.62  ? 5  GLN B NE2   1 
ATOM   525  N N     . SER B 1 5  ? -8.210  3.039   -13.061 1.00   83.27  ? 6  SER B N     1 
ATOM   526  C CA    . SER B 1 5  ? -7.704  3.034   -14.435 1.00   79.80  ? 6  SER B CA    1 
ATOM   527  C C     . SER B 1 5  ? -6.193  3.238   -14.547 1.00   76.91  ? 6  SER B C     1 
ATOM   528  O O     . SER B 1 5  ? -5.621  3.063   -15.628 1.00   78.15  ? 6  SER B O     1 
ATOM   529  C CB    . SER B 1 5  ? -8.451  4.073   -15.288 1.00   80.56  ? 6  SER B CB    1 
ATOM   530  O OG    . SER B 1 5  ? -7.867  5.361   -15.184 1.00   80.07  ? 6  SER B OG    1 
ATOM   531  N N     . LEU B 1 6  ? -5.561  3.621   -13.440 1.00   71.71  ? 7  LEU B N     1 
ATOM   532  C CA    . LEU B 1 6  ? -4.113  3.722   -13.371 1.00   65.69  ? 7  LEU B CA    1 
ATOM   533  C C     . LEU B 1 6  ? -3.599  2.686   -12.376 1.00   62.00  ? 7  LEU B C     1 
ATOM   534  O O     . LEU B 1 6  ? -2.590  2.027   -12.624 1.00   62.20  ? 7  LEU B O     1 
ATOM   535  C CB    . LEU B 1 6  ? -3.679  5.129   -12.950 1.00   67.60  ? 7  LEU B CB    1 
ATOM   536  C CG    . LEU B 1 6  ? -2.370  5.774   -13.450 1.00   70.28  ? 7  LEU B CG    1 
ATOM   537  C CD1   . LEU B 1 6  ? -1.775  6.705   -12.388 1.00   68.70  ? 7  LEU B CD1   1 
ATOM   538  C CD2   . LEU B 1 6  ? -1.298  4.772   -13.915 1.00   70.84  ? 7  LEU B CD2   1 
ATOM   539  N N     . GLN B 1 7  ? -4.306  2.531   -11.258 1.00   57.32  ? 8  GLN B N     1 
ATOM   540  C CA    . GLN B 1 7  ? -3.882  1.611   -10.195 1.00   53.95  ? 8  GLN B CA    1 
ATOM   541  C C     . GLN B 1 7  ? -3.876  0.128   -10.598 1.00   53.36  ? 8  GLN B C     1 
ATOM   542  O O     . GLN B 1 7  ? -2.907  -0.590  -10.337 1.00   52.34  ? 8  GLN B O     1 
ATOM   543  C CB    . GLN B 1 7  ? -4.703  1.801   -8.905  1.00   49.72  ? 8  GLN B CB    1 
ATOM   544  C CG    . GLN B 1 7  ? -3.948  1.317   -7.688  1.00   45.66  ? 8  GLN B CG    1 
ATOM   545  C CD    . GLN B 1 7  ? -4.739  1.375   -6.397  1.00   46.89  ? 8  GLN B CD    1 
ATOM   546  O OE1   . GLN B 1 7  ? -5.785  2.018   -6.313  1.00   44.22  ? 8  GLN B OE1   1 
ATOM   547  N NE2   . GLN B 1 7  ? -4.233  0.703   -5.374  1.00   39.08  ? 8  GLN B NE2   1 
ATOM   548  N N     . ASP B 1 8  ? -4.956  -0.339  -11.206 1.00   53.94  ? 9  ASP B N     1 
ATOM   549  C CA    . ASP B 1 8  ? -5.040  -1.751  -11.556 1.00   60.18  ? 9  ASP B CA    1 
ATOM   550  C C     . ASP B 1 8  ? -4.037  -2.205  -12.637 1.00   60.73  ? 9  ASP B C     1 
ATOM   551  O O     . ASP B 1 8  ? -3.338  -3.198  -12.419 1.00   64.70  ? 9  ASP B O     1 
ATOM   552  C CB    . ASP B 1 8  ? -6.480  -2.164  -11.854 1.00   64.15  ? 9  ASP B CB    1 
ATOM   553  C CG    . ASP B 1 8  ? -7.368  -2.123  -10.611 1.00   66.32  ? 9  ASP B CG    1 
ATOM   554  O OD1   . ASP B 1 8  ? -6.830  -2.095  -9.477  1.00   66.26  ? 9  ASP B OD1   1 
ATOM   555  O OD2   . ASP B 1 8  ? -8.605  -2.121  -10.774 1.00   68.04  ? 9  ASP B OD2   1 
ATOM   556  N N     . PRO B 1 9  ? -3.944  -1.482  -13.780 1.00   59.56  ? 10 PRO B N     1 
ATOM   557  C CA    . PRO B 1 9  ? -2.856  -1.698  -14.757 1.00   57.82  ? 10 PRO B CA    1 
ATOM   558  C C     . PRO B 1 9  ? -1.470  -1.661  -14.143 1.00   56.34  ? 10 PRO B C     1 
ATOM   559  O O     . PRO B 1 9  ? -0.651  -2.538  -14.408 1.00   57.27  ? 10 PRO B O     1 
ATOM   560  C CB    . PRO B 1 9  ? -3.010  -0.519  -15.723 1.00   59.59  ? 10 PRO B CB    1 
ATOM   561  C CG    . PRO B 1 9  ? -4.463  -0.199  -15.680 1.00   61.32  ? 10 PRO B CG    1 
ATOM   562  C CD    . PRO B 1 9  ? -4.897  -0.456  -14.257 1.00   60.81  ? 10 PRO B CD    1 
ATOM   563  N N     . PHE B 1 10 ? -1.198  -0.652  -13.324 1.00   55.23  ? 11 PHE B N     1 
ATOM   564  C CA    . PHE B 1 10 ? 0.102   -0.569  -12.684 1.00   49.89  ? 11 PHE B CA    1 
ATOM   565  C C     . PHE B 1 10 ? 0.406   -1.836  -11.897 1.00   50.16  ? 11 PHE B C     1 
ATOM   566  O O     . PHE B 1 10 ? 1.454   -2.444  -12.096 1.00   51.88  ? 11 PHE B O     1 
ATOM   567  C CB    . PHE B 1 10 ? 0.194   0.638   -11.768 1.00   47.06  ? 11 PHE B CB    1 
ATOM   568  C CG    . PHE B 1 10 ? 1.571   0.872   -11.223 1.00   45.25  ? 11 PHE B CG    1 
ATOM   569  C CD1   . PHE B 1 10 ? 1.923   0.413   -9.972  1.00   43.75  ? 11 PHE B CD1   1 
ATOM   570  C CD2   . PHE B 1 10 ? 2.520   1.546   -11.970 1.00   46.45  ? 11 PHE B CD2   1 
ATOM   571  C CE1   . PHE B 1 10 ? 3.198   0.627   -9.471  1.00   43.84  ? 11 PHE B CE1   1 
ATOM   572  C CE2   . PHE B 1 10 ? 3.803   1.763   -11.472 1.00   44.79  ? 11 PHE B CE2   1 
ATOM   573  C CZ    . PHE B 1 10 ? 4.134   1.299   -10.220 1.00   43.93  ? 11 PHE B CZ    1 
ATOM   574  N N     . LEU B 1 11 ? -0.507  -2.226  -11.009 1.00   49.55  ? 12 LEU B N     1 
ATOM   575  C CA    . LEU B 1 11 ? -0.261  -3.341  -10.091 1.00   48.30  ? 12 LEU B CA    1 
ATOM   576  C C     . LEU B 1 11 ? -0.324  -4.704  -10.787 1.00   47.32  ? 12 LEU B C     1 
ATOM   577  O O     . LEU B 1 11 ? 0.478   -5.577  -10.490 1.00   44.49  ? 12 LEU B O     1 
ATOM   578  C CB    . LEU B 1 11 ? -1.213  -3.286  -8.884  1.00   46.29  ? 12 LEU B CB    1 
ATOM   579  C CG    . LEU B 1 11 ? -1.057  -2.163  -7.851  1.00   43.45  ? 12 LEU B CG    1 
ATOM   580  C CD1   . LEU B 1 11 ? -2.285  -2.078  -6.992  1.00   40.71  ? 12 LEU B CD1   1 
ATOM   581  C CD2   . LEU B 1 11 ? 0.181   -2.353  -6.974  1.00   41.95  ? 12 LEU B CD2   1 
ATOM   582  N N     . ASN B 1 12 ? -1.274  -4.879  -11.705 1.00   49.72  ? 13 ASN B N     1 
ATOM   583  C CA    . ASN B 1 12 ? -1.322  -6.090  -12.530 1.00   55.97  ? 13 ASN B CA    1 
ATOM   584  C C     . ASN B 1 12 ? -0.079  -6.358  -13.396 1.00   58.67  ? 13 ASN B C     1 
ATOM   585  O O     . ASN B 1 12 ? 0.278   -7.525  -13.610 1.00   58.98  ? 13 ASN B O     1 
ATOM   586  C CB    . ASN B 1 12 ? -2.579  -6.125  -13.403 1.00   59.79  ? 13 ASN B CB    1 
ATOM   587  C CG    . ASN B 1 12 ? -3.590  -7.155  -12.924 1.00   64.20  ? 13 ASN B CG    1 
ATOM   588  O OD1   . ASN B 1 12 ? -3.221  -8.217  -12.392 1.00   66.47  ? 13 ASN B OD1   1 
ATOM   589  N ND2   . ASN B 1 12 ? -4.874  -6.850  -13.105 1.00   64.13  ? 13 ASN B ND2   1 
ATOM   590  N N     . ALA B 1 13 ? 0.568   -5.292  -13.884 1.00   56.20  ? 14 ALA B N     1 
ATOM   591  C CA    . ALA B 1 13 ? 1.800   -5.417  -14.677 1.00   55.98  ? 14 ALA B CA    1 
ATOM   592  C C     . ALA B 1 13 ? 2.917   -5.976  -13.817 1.00   57.88  ? 14 ALA B C     1 
ATOM   593  O O     . ALA B 1 13 ? 3.649   -6.885  -14.231 1.00   57.36  ? 14 ALA B O     1 
ATOM   594  C CB    . ALA B 1 13 ? 2.212   -4.072  -15.284 1.00   49.29  ? 14 ALA B CB    1 
ATOM   595  N N     . LEU B 1 14 ? 3.026   -5.429  -12.608 1.00   58.52  ? 15 LEU B N     1 
ATOM   596  C CA    . LEU B 1 14 ? 4.009   -5.872  -11.627 1.00   57.90  ? 15 LEU B CA    1 
ATOM   597  C C     . LEU B 1 14 ? 3.729   -7.299  -11.137 1.00   59.13  ? 15 LEU B C     1 
ATOM   598  O O     . LEU B 1 14 ? 4.660   -8.040  -10.832 1.00   62.06  ? 15 LEU B O     1 
ATOM   599  C CB    . LEU B 1 14 ? 4.048   -4.905  -10.443 1.00   56.74  ? 15 LEU B CB    1 
ATOM   600  C CG    . LEU B 1 14 ? 4.453   -3.438  -10.626 1.00   56.67  ? 15 LEU B CG    1 
ATOM   601  C CD1   . LEU B 1 14 ? 4.335   -2.714  -9.276  1.00   54.05  ? 15 LEU B CD1   1 
ATOM   602  C CD2   . LEU B 1 14 ? 5.872   -3.299  -11.186 1.00   54.60  ? 15 LEU B CD2   1 
ATOM   603  N N     . ARG B 1 15 ? 2.450   -7.673  -11.061 1.00   60.00  ? 16 ARG B N     1 
ATOM   604  C CA    . ARG B 1 15 ? 2.052   -9.036  -10.695 1.00   61.98  ? 16 ARG B CA    1 
ATOM   605  C C     . ARG B 1 15 ? 2.343   -10.068 -11.802 1.00   63.80  ? 16 ARG B C     1 
ATOM   606  O O     . ARG B 1 15 ? 3.039   -11.069 -11.566 1.00   61.48  ? 16 ARG B O     1 
ATOM   607  C CB    . ARG B 1 15 ? 0.570   -9.075  -10.325 1.00   62.11  ? 16 ARG B CB    1 
ATOM   608  C CG    . ARG B 1 15 ? 0.095   -10.411 -9.779  1.00   61.48  ? 16 ARG B CG    1 
ATOM   609  C CD    . ARG B 1 15 ? -1.393  -10.408 -9.592  1.00   64.59  ? 16 ARG B CD    1 
ATOM   610  N NE    . ARG B 1 15 ? -2.069  -10.375 -10.878 1.00   69.47  ? 16 ARG B NE    1 
ATOM   611  C CZ    . ARG B 1 15 ? -2.635  -11.432 -11.449 1.00   72.10  ? 16 ARG B CZ    1 
ATOM   612  N NH1   . ARG B 1 15 ? -2.627  -12.610 -10.830 1.00   74.05  ? 16 ARG B NH1   1 
ATOM   613  N NH2   . ARG B 1 15 ? -3.221  -11.306 -12.632 1.00   72.26  ? 16 ARG B NH2   1 
ATOM   614  N N     . ARG B 1 16 ? 1.799   -9.817  -12.994 1.00   66.41  ? 17 ARG B N     1 
ATOM   615  C CA    . ARG B 1 16 ? 1.969   -10.704 -14.155 1.00   69.37  ? 17 ARG B CA    1 
ATOM   616  C C     . ARG B 1 16 ? 3.431   -10.914 -14.555 1.00   68.94  ? 17 ARG B C     1 
ATOM   617  O O     . ARG B 1 16 ? 3.801   -12.012 -14.985 1.00   71.37  ? 17 ARG B O     1 
ATOM   618  C CB    . ARG B 1 16 ? 1.158   -10.201 -15.353 1.00   69.42  ? 17 ARG B CB    1 
ATOM   619  C CG    . ARG B 1 16 ? -0.359  -10.359 -15.190 1.00   72.46  ? 17 ARG B CG    1 
ATOM   620  C CD    . ARG B 1 16 ? -1.093  -9.852  -16.422 1.00   75.03  ? 17 ARG B CD    1 
ATOM   621  N NE    . ARG B 1 16 ? -2.552  -9.883  -16.269 1.00   81.35  ? 17 ARG B NE    1 
ATOM   622  C CZ    . ARG B 1 16 ? -3.427  -9.568  -17.231 1.00   84.33  ? 17 ARG B CZ    1 
ATOM   623  N NH1   . ARG B 1 16 ? -3.004  -9.193  -18.438 1.00   85.82  ? 17 ARG B NH1   1 
ATOM   624  N NH2   . ARG B 1 16 ? -4.734  -9.623  -16.988 1.00   85.01  ? 17 ARG B NH2   1 
ATOM   625  N N     . GLU B 1 17 ? 4.255   -9.879  -14.386 1.00   67.51  ? 18 GLU B N     1 
ATOM   626  C CA    . GLU B 1 17 ? 5.676   -9.923  -14.763 1.00   66.49  ? 18 GLU B CA    1 
ATOM   627  C C     . GLU B 1 17 ? 6.627   -10.217 -13.607 1.00   65.61  ? 18 GLU B C     1 
ATOM   628  O O     . GLU B 1 17 ? 7.837   -10.292 -13.813 1.00   63.64  ? 18 GLU B O     1 
ATOM   629  C CB    . GLU B 1 17 ? 6.094   -8.627  -15.479 1.00   69.64  ? 18 GLU B CB    1 
ATOM   630  C CG    . GLU B 1 17 ? 5.437   -8.429  -16.849 1.00   72.77  ? 18 GLU B CG    1 
ATOM   631  C CD    . GLU B 1 17 ? 5.627   -9.637  -17.764 1.00   76.31  ? 18 GLU B CD    1 
ATOM   632  O OE1   . GLU B 1 17 ? 6.804   -10.001 -18.016 1.00   77.39  ? 18 GLU B OE1   1 
ATOM   633  O OE2   . GLU B 1 17 ? 4.607   -10.223 -18.212 1.00   75.24  ? 18 GLU B OE2   1 
ATOM   634  N N     . ARG B 1 18 ? 6.079   -10.358 -12.398 1.00   66.27  ? 19 ARG B N     1 
ATOM   635  C CA    . ARG B 1 18 ? 6.836   -10.794 -11.211 1.00   67.15  ? 19 ARG B CA    1 
ATOM   636  C C     . ARG B 1 18 ? 8.031   -9.892  -10.857 1.00   65.80  ? 19 ARG B C     1 
ATOM   637  O O     . ARG B 1 18 ? 9.092   -10.367 -10.430 1.00   66.78  ? 19 ARG B O     1 
ATOM   638  C CB    . ARG B 1 18 ? 7.235   -12.277 -11.336 1.00   68.63  ? 19 ARG B CB    1 
ATOM   639  C CG    . ARG B 1 18 ? 6.066   -13.238 -11.086 1.00   70.72  ? 19 ARG B CG    1 
ATOM   640  C CD    . ARG B 1 18 ? 6.371   -14.661 -11.538 1.00   73.70  ? 19 ARG B CD    1 
ATOM   641  N NE    . ARG B 1 18 ? 5.916   -15.670 -10.574 1.00   78.00  ? 19 ARG B NE    1 
ATOM   642  C CZ    . ARG B 1 18 ? 4.733   -16.291 -10.598 1.00   79.19  ? 19 ARG B CZ    1 
ATOM   643  N NH1   . ARG B 1 18 ? 3.836   -16.024 -11.547 1.00   79.45  ? 19 ARG B NH1   1 
ATOM   644  N NH2   . ARG B 1 18 ? 4.445   -17.183 -9.656  1.00   78.11  ? 19 ARG B NH2   1 
ATOM   645  N N     . VAL B 1 19 ? 7.823   -8.586  -11.015 1.00   64.72  ? 20 VAL B N     1 
ATOM   646  C CA    . VAL B 1 19 ? 8.812   -7.555  -10.698 1.00   62.05  ? 20 VAL B CA    1 
ATOM   647  C C     . VAL B 1 19 ? 8.938   -7.377  -9.174  1.00   61.60  ? 20 VAL B C     1 
ATOM   648  O O     . VAL B 1 19 ? 7.926   -7.198  -8.480  1.00   62.88  ? 20 VAL B O     1 
ATOM   649  C CB    . VAL B 1 19 ? 8.397   -6.184  -11.329 1.00   62.05  ? 20 VAL B CB    1 
ATOM   650  C CG1   . VAL B 1 19 ? 9.535   -5.178  -11.289 1.00   62.38  ? 20 VAL B CG1   1 
ATOM   651  C CG2   . VAL B 1 19 ? 7.895   -6.354  -12.753 1.00   62.08  ? 20 VAL B CG2   1 
ATOM   652  N N     . PRO B 1 20 ? 10.174  -7.456  -8.639  1.00   60.84  ? 21 PRO B N     1 
ATOM   653  C CA    . PRO B 1 20 ? 10.422  -7.088  -7.250  1.00   59.34  ? 21 PRO B CA    1 
ATOM   654  C C     . PRO B 1 20 ? 10.034  -5.631  -6.975  1.00   61.18  ? 21 PRO B C     1 
ATOM   655  O O     . PRO B 1 20 ? 10.434  -4.714  -7.706  1.00   60.76  ? 21 PRO B O     1 
ATOM   656  C CB    . PRO B 1 20 ? 11.935  -7.265  -7.108  1.00   60.25  ? 21 PRO B CB    1 
ATOM   657  C CG    . PRO B 1 20 ? 12.276  -8.283  -8.127  1.00   60.77  ? 21 PRO B CG    1 
ATOM   658  C CD    . PRO B 1 20 ? 11.404  -7.939  -9.289  1.00   60.84  ? 21 PRO B CD    1 
ATOM   659  N N     . VAL B 1 21 ? 9.242   -5.430  -5.930  1.00   60.11  ? 22 VAL B N     1 
ATOM   660  C CA    . VAL B 1 21 ? 8.804   -4.099  -5.568  1.00   56.98  ? 22 VAL B CA    1 
ATOM   661  C C     . VAL B 1 21 ? 9.347   -3.688  -4.203  1.00   56.15  ? 22 VAL B C     1 
ATOM   662  O O     . VAL B 1 21 ? 9.587   -4.537  -3.340  1.00   55.98  ? 22 VAL B O     1 
ATOM   663  C CB    . VAL B 1 21 ? 7.254   -3.997  -5.590  1.00   56.50  ? 22 VAL B CB    1 
ATOM   664  C CG1   . VAL B 1 21 ? 6.731   -4.343  -6.953  1.00   55.75  ? 22 VAL B CG1   1 
ATOM   665  C CG2   . VAL B 1 21 ? 6.623   -4.907  -4.550  1.00   53.53  ? 22 VAL B CG2   1 
ATOM   666  N N     . SER B 1 22 ? 9.586   -2.389  -4.039  1.00   53.10  ? 23 SER B N     1 
ATOM   667  C CA    . SER B 1 22 ? 9.588   -1.780  -2.721  1.00   52.85  ? 23 SER B CA    1 
ATOM   668  C C     . SER B 1 22 ? 8.204   -1.139  -2.508  1.00   52.80  ? 23 SER B C     1 
ATOM   669  O O     . SER B 1 22 ? 7.709   -0.401  -3.369  1.00   47.44  ? 23 SER B O     1 
ATOM   670  C CB    . SER B 1 22 ? 10.681  -0.724  -2.568  1.00   51.78  ? 23 SER B CB    1 
ATOM   671  O OG    . SER B 1 22 ? 11.967  -1.265  -2.741  1.00   53.88  ? 23 SER B OG    1 
ATOM   672  N N     . ILE B 1 23 ? 7.574   -1.467  -1.381  1.00   51.00  ? 24 ILE B N     1 
ATOM   673  C CA    . ILE B 1 23 ? 6.373   -0.782  -0.939  1.00   48.62  ? 24 ILE B CA    1 
ATOM   674  C C     . ILE B 1 23 ? 6.756   0.005   0.299   1.00   46.44  ? 24 ILE B C     1 
ATOM   675  O O     . ILE B 1 23 ? 7.039   -0.583  1.330   1.00   44.75  ? 24 ILE B O     1 
ATOM   676  C CB    . ILE B 1 23 ? 5.226   -1.765  -0.584  1.00   46.17  ? 24 ILE B CB    1 
ATOM   677  C CG1   . ILE B 1 23 ? 4.802   -2.577  -1.801  1.00   44.60  ? 24 ILE B CG1   1 
ATOM   678  C CG2   . ILE B 1 23 ? 4.028   -1.003  -0.044  1.00   45.16  ? 24 ILE B CG2   1 
ATOM   679  C CD1   . ILE B 1 23 ? 3.823   -3.666  -1.519  1.00   44.07  ? 24 ILE B CD1   1 
ATOM   680  N N     . TYR B 1 24 ? 6.779   1.327   0.204   1.00   46.40  ? 25 TYR B N     1 
ATOM   681  C CA    . TYR B 1 24 ? 7.037   2.142   1.392   1.00   49.62  ? 25 TYR B CA    1 
ATOM   682  C C     . TYR B 1 24 ? 5.727   2.425   2.117   1.00   46.56  ? 25 TYR B C     1 
ATOM   683  O O     . TYR B 1 24 ? 4.727   2.756   1.482   1.00   45.36  ? 25 TYR B O     1 
ATOM   684  C CB    . TYR B 1 24 ? 7.717   3.462   1.022   1.00   54.84  ? 25 TYR B CB    1 
ATOM   685  C CG    . TYR B 1 24 ? 9.064   3.309   0.358   1.00   56.71  ? 25 TYR B CG    1 
ATOM   686  C CD1   . TYR B 1 24 ? 10.232  3.504   1.083   1.00   57.73  ? 25 TYR B CD1   1 
ATOM   687  C CD2   . TYR B 1 24 ? 9.169   2.966   -1.005  1.00   56.86  ? 25 TYR B CD2   1 
ATOM   688  C CE1   . TYR B 1 24 ? 11.476  3.379   0.483   1.00   59.90  ? 25 TYR B CE1   1 
ATOM   689  C CE2   . TYR B 1 24 ? 10.401  2.831   -1.619  1.00   57.69  ? 25 TYR B CE2   1 
ATOM   690  C CZ    . TYR B 1 24 ? 11.558  3.038   -0.867  1.00   59.75  ? 25 TYR B CZ    1 
ATOM   691  O OH    . TYR B 1 24 ? 12.798  2.912   -1.451  1.00   58.99  ? 25 TYR B OH    1 
ATOM   692  N N     . LEU B 1 25 ? 5.732   2.284   3.437   1.00   45.28  ? 26 LEU B N     1 
ATOM   693  C CA    . LEU B 1 25 ? 4.531   2.530   4.245   1.00   44.86  ? 26 LEU B CA    1 
ATOM   694  C C     . LEU B 1 25 ? 4.486   3.968   4.696   1.00   43.11  ? 26 LEU B C     1 
ATOM   695  O O     . LEU B 1 25 ? 5.512   4.637   4.714   1.00   46.97  ? 26 LEU B O     1 
ATOM   696  C CB    . LEU B 1 25 ? 4.463   1.583   5.451   1.00   44.33  ? 26 LEU B CB    1 
ATOM   697  C CG    . LEU B 1 25 ? 4.455   0.073   5.165   1.00   43.42  ? 26 LEU B CG    1 
ATOM   698  C CD1   . LEU B 1 25 ? 4.437   -0.685  6.478   1.00   45.93  ? 26 LEU B CD1   1 
ATOM   699  C CD2   . LEU B 1 25 ? 3.318   -0.408  4.268   1.00   40.80  ? 26 LEU B CD2   1 
ATOM   700  N N     . VAL B 1 26 ? 3.303   4.454   5.063   1.00   46.01  ? 27 VAL B N     1 
ATOM   701  C CA    . VAL B 1 26 ? 3.149   5.848   5.529   1.00   44.51  ? 27 VAL B CA    1 
ATOM   702  C C     . VAL B 1 26 ? 4.060   6.216   6.712   1.00   45.95  ? 27 VAL B C     1 
ATOM   703  O O     . VAL B 1 26 ? 4.302   7.380   6.970   1.00   48.02  ? 27 VAL B O     1 
ATOM   704  C CB    . VAL B 1 26 ? 1.688   6.181   5.882   1.00   44.07  ? 27 VAL B CB    1 
ATOM   705  C CG1   . VAL B 1 26 ? 0.820   6.232   4.637   1.00   40.67  ? 27 VAL B CG1   1 
ATOM   706  C CG2   . VAL B 1 26 ? 1.143   5.170   6.883   1.00   47.20  ? 27 VAL B CG2   1 
ATOM   707  N N     . ASN B 1 27 ? 4.555   5.217   7.434   1.00   51.31  ? 28 ASN B N     1 
ATOM   708  C CA    . ASN B 1 27 ? 5.477   5.436   8.557   1.00   51.73  ? 28 ASN B CA    1 
ATOM   709  C C     . ASN B 1 27 ? 6.967   5.374   8.151   1.00   53.17  ? 28 ASN B C     1 
ATOM   710  O O     . ASN B 1 27 ? 7.859   5.544   8.989   1.00   54.93  ? 28 ASN B O     1 
ATOM   711  C CB    . ASN B 1 27 ? 5.188   4.427   9.661   1.00   50.74  ? 28 ASN B CB    1 
ATOM   712  C CG    . ASN B 1 27 ? 5.338   3.010   9.186   1.00   53.06  ? 28 ASN B CG    1 
ATOM   713  O OD1   . ASN B 1 27 ? 5.991   2.763   8.181   1.00   54.12  ? 28 ASN B OD1   1 
ATOM   714  N ND2   . ASN B 1 27 ? 4.731   2.066   9.897   1.00   53.42  ? 28 ASN B ND2   1 
ATOM   715  N N     . GLY B 1 28 ? 7.227   5.119   6.872   1.00   52.38  ? 29 GLY B N     1 
ATOM   716  C CA    . GLY B 1 28 ? 8.583   5.082   6.356   1.00   53.06  ? 29 GLY B CA    1 
ATOM   717  C C     . GLY B 1 28 ? 9.198   3.701   6.198   1.00   53.28  ? 29 GLY B C     1 
ATOM   718  O O     . GLY B 1 28 ? 10.247  3.567   5.568   1.00   55.94  ? 29 GLY B O     1 
ATOM   719  N N     . ILE B 1 29 ? 8.566   2.679   6.770   1.00   53.35  ? 30 ILE B N     1 
ATOM   720  C CA    . ILE B 1 29 ? 9.040   1.293   6.632   1.00   54.40  ? 30 ILE B CA    1 
ATOM   721  C C     . ILE B 1 29 ? 9.064   0.891   5.146   1.00   54.66  ? 30 ILE B C     1 
ATOM   722  O O     . ILE B 1 29 ? 8.169   1.249   4.382   1.00   53.99  ? 30 ILE B O     1 
ATOM   723  C CB    . ILE B 1 29 ? 8.177   0.299   7.489   1.00   55.13  ? 30 ILE B CB    1 
ATOM   724  C CG1   . ILE B 1 29 ? 8.149   0.695   8.988   1.00   57.32  ? 30 ILE B CG1   1 
ATOM   725  C CG2   . ILE B 1 29 ? 8.585   -1.161  7.270   1.00   53.40  ? 30 ILE B CG2   1 
ATOM   726  C CD1   . ILE B 1 29 ? 9.496   0.984   9.652   1.00   59.05  ? 30 ILE B CD1   1 
ATOM   727  N N     . LYS B 1 30 ? 10.114  0.191   4.734   1.00   56.17  ? 31 LYS B N     1 
ATOM   728  C CA    . LYS B 1 30 ? 10.226  -0.288  3.362   1.00   57.07  ? 31 LYS B CA    1 
ATOM   729  C C     . LYS B 1 30 ? 9.958   -1.772  3.369   1.00   57.17  ? 31 LYS B C     1 
ATOM   730  O O     . LYS B 1 30 ? 10.609  -2.519  4.094   1.00   60.16  ? 31 LYS B O     1 
ATOM   731  C CB    . LYS B 1 30 ? 11.618  -0.017  2.804   1.00   60.02  ? 31 LYS B CB    1 
ATOM   732  C CG    . LYS B 1 30 ? 11.766  -0.253  1.306   1.00   64.76  ? 31 LYS B CG    1 
ATOM   733  C CD    . LYS B 1 30 ? 13.232  -0.455  0.897   1.00   67.50  ? 31 LYS B CD    1 
ATOM   734  C CE    . LYS B 1 30 ? 14.006  0.854   0.936   1.00   71.87  ? 31 LYS B CE    1 
ATOM   735  N NZ    . LYS B 1 30 ? 15.208  0.847   0.055   1.00   73.88  ? 31 LYS B NZ    1 
ATOM   736  N N     . LEU B 1 31 ? 8.971   -2.200  2.594   1.00   53.41  ? 32 LEU B N     1 
ATOM   737  C CA    . LEU B 1 31 ? 8.719   -3.615  2.443   1.00   52.75  ? 32 LEU B CA    1 
ATOM   738  C C     . LEU B 1 31 ? 9.133   -4.054  1.041   1.00   52.76  ? 32 LEU B C     1 
ATOM   739  O O     . LEU B 1 31 ? 9.059   -3.274  0.089   1.00   52.67  ? 32 LEU B O     1 
ATOM   740  C CB    . LEU B 1 31 ? 7.266   -3.976  2.771   1.00   50.62  ? 32 LEU B CB    1 
ATOM   741  C CG    . LEU B 1 31 ? 6.733   -3.648  4.182   1.00   51.45  ? 32 LEU B CG    1 
ATOM   742  C CD1   . LEU B 1 31 ? 5.257   -4.003  4.315   1.00   47.59  ? 32 LEU B CD1   1 
ATOM   743  C CD2   . LEU B 1 31 ? 7.540   -4.301  5.297   1.00   48.64  ? 32 LEU B CD2   1 
ATOM   744  N N     . GLN B 1 32 ? 9.602   -5.294  0.923   1.00   54.82  ? 33 GLN B N     1 
ATOM   745  C CA    . GLN B 1 32 ? 10.128  -5.795  -0.348  1.00   53.83  ? 33 GLN B CA    1 
ATOM   746  C C     . GLN B 1 32 ? 9.625   -7.188  -0.598  1.00   52.82  ? 33 GLN B C     1 
ATOM   747  O O     . GLN B 1 32 ? 9.520   -7.999  0.326   1.00   54.87  ? 33 GLN B O     1 
ATOM   748  C CB    . GLN B 1 32 ? 11.650  -5.783  -0.355  1.00   55.30  ? 33 GLN B CB    1 
ATOM   749  C CG    . GLN B 1 32 ? 12.257  -4.407  -0.201  1.00   59.74  ? 33 GLN B CG    1 
ATOM   750  C CD    . GLN B 1 32 ? 13.761  -4.413  -0.339  1.00   65.72  ? 33 GLN B CD    1 
ATOM   751  O OE1   . GLN B 1 32 ? 14.336  -5.270  -1.019  1.00   67.13  ? 33 GLN B OE1   1 
ATOM   752  N NE2   . GLN B 1 32 ? 14.412  -3.449  0.299   1.00   68.06  ? 33 GLN B NE2   1 
ATOM   753  N N     . GLY B 1 33 ? 9.304   -7.459  -1.855  1.00   50.39  ? 34 GLY B N     1 
ATOM   754  C CA    . GLY B 1 33 ? 8.783   -8.754  -2.243  1.00   49.87  ? 34 GLY B CA    1 
ATOM   755  C C     . GLY B 1 33 ? 8.195   -8.633  -3.628  1.00   51.47  ? 34 GLY B C     1 
ATOM   756  O O     . GLY B 1 33 ? 8.655   -7.824  -4.432  1.00   50.57  ? 34 GLY B O     1 
ATOM   757  N N     . GLN B 1 34 ? 7.181   -9.446  -3.904  1.00   51.39  ? 35 GLN B N     1 
ATOM   758  C CA    . GLN B 1 34 ? 6.483   -9.384  -5.158  1.00   54.66  ? 35 GLN B CA    1 
ATOM   759  C C     . GLN B 1 34 ? 4.988   -9.416  -4.910  1.00   55.23  ? 35 GLN B C     1 
ATOM   760  O O     . GLN B 1 34 ? 4.516   -9.996  -3.932  1.00   54.68  ? 35 GLN B O     1 
ATOM   761  C CB    . GLN B 1 34 ? 6.890   -10.555 -6.054  1.00   62.34  ? 35 GLN B CB    1 
ATOM   762  C CG    . GLN B 1 34 ? 8.343   -10.483 -6.534  1.00   68.98  ? 35 GLN B CG    1 
ATOM   763  C CD    . GLN B 1 34 ? 8.880   -11.828 -7.001  1.00   74.44  ? 35 GLN B CD    1 
ATOM   764  O OE1   . GLN B 1 34 ? 9.834   -11.883 -7.781  1.00   76.89  ? 35 GLN B OE1   1 
ATOM   765  N NE2   . GLN B 1 34 ? 8.265   -12.920 -6.532  1.00   75.91  ? 35 GLN B NE2   1 
ATOM   766  N N     . ILE B 1 35 ? 4.255   -8.782  -5.815  1.00   54.36  ? 36 ILE B N     1 
ATOM   767  C CA    . ILE B 1 35 ? 2.817   -8.672  -5.723  1.00   54.38  ? 36 ILE B CA    1 
ATOM   768  C C     . ILE B 1 35 ? 2.212   -9.999  -6.139  1.00   56.54  ? 36 ILE B C     1 
ATOM   769  O O     . ILE B 1 35 ? 2.148   -10.321 -7.327  1.00   58.74  ? 36 ILE B O     1 
ATOM   770  C CB    . ILE B 1 35 ? 2.297   -7.461  -6.560  1.00   52.00  ? 36 ILE B CB    1 
ATOM   771  C CG1   . ILE B 1 35 ? 2.748   -6.168  -5.889  1.00   53.17  ? 36 ILE B CG1   1 
ATOM   772  C CG2   . ILE B 1 35 ? 0.781   -7.469  -6.694  1.00   50.09  ? 36 ILE B CG2   1 
ATOM   773  C CD1   . ILE B 1 35 ? 2.904   -5.000  -6.809  1.00   54.80  ? 36 ILE B CD1   1 
ATOM   774  N N     . GLU B 1 36 ? 1.811   -10.778 -5.133  1.00   58.19  ? 37 GLU B N     1 
ATOM   775  C CA    . GLU B 1 36 ? 1.119   -12.047 -5.333  1.00   58.68  ? 37 GLU B CA    1 
ATOM   776  C C     . GLU B 1 36 ? -0.264  -11.821 -5.919  1.00   56.96  ? 37 GLU B C     1 
ATOM   777  O O     . GLU B 1 36 ? -0.640  -12.470 -6.889  1.00   56.91  ? 37 GLU B O     1 
ATOM   778  C CB    . GLU B 1 36 ? 0.994   -12.799 -4.009  1.00   65.70  ? 37 GLU B CB    1 
ATOM   779  C CG    . GLU B 1 36 ? 1.952   -13.959 -3.832  1.00   73.43  ? 37 GLU B CG    1 
ATOM   780  C CD    . GLU B 1 36 ? 1.385   -15.042 -2.918  1.00   77.51  ? 37 GLU B CD    1 
ATOM   781  O OE1   . GLU B 1 36 ? 0.166   -15.337 -3.015  1.00   79.00  ? 37 GLU B OE1   1 
ATOM   782  O OE2   . GLU B 1 36 ? 2.162   -15.601 -2.108  1.00   79.91  ? 37 GLU B OE2   1 
ATOM   783  N N     . SER B 1 37 ? -1.024  -10.917 -5.295  1.00   54.96  ? 38 SER B N     1 
ATOM   784  C CA    . SER B 1 37 ? -2.292  -10.410 -5.833  1.00   52.80  ? 38 SER B CA    1 
ATOM   785  C C     . SER B 1 37 ? -2.736  -9.180  -5.044  1.00   49.76  ? 38 SER B C     1 
ATOM   786  O O     . SER B 1 37 ? -1.996  -8.692  -4.190  1.00   50.30  ? 38 SER B O     1 
ATOM   787  C CB    . SER B 1 37 ? -3.390  -11.484 -5.866  1.00   53.91  ? 38 SER B CB    1 
ATOM   788  O OG    . SER B 1 37 ? -3.915  -11.721 -4.577  1.00   56.46  ? 38 SER B OG    1 
ATOM   789  N N     . PHE B 1 38 ? -3.935  -8.687  -5.340  1.00   45.63  ? 39 PHE B N     1 
ATOM   790  C CA    . PHE B 1 38 ? -4.432  -7.443  -4.779  1.00   47.61  ? 39 PHE B CA    1 
ATOM   791  C C     . PHE B 1 38 ? -5.931  -7.333  -5.016  1.00   49.82  ? 39 PHE B C     1 
ATOM   792  O O     . PHE B 1 38 ? -6.475  -8.016  -5.883  1.00   47.78  ? 39 PHE B O     1 
ATOM   793  C CB    . PHE B 1 38 ? -3.698  -6.221  -5.381  1.00   50.45  ? 39 PHE B CB    1 
ATOM   794  C CG    . PHE B 1 38 ? -3.906  -6.040  -6.865  1.00   50.83  ? 39 PHE B CG    1 
ATOM   795  C CD1   . PHE B 1 38 ? -4.919  -5.221  -7.345  1.00   51.18  ? 39 PHE B CD1   1 
ATOM   796  C CD2   . PHE B 1 38 ? -3.071  -6.680  -7.791  1.00   52.17  ? 39 PHE B CD2   1 
ATOM   797  C CE1   . PHE B 1 38 ? -5.114  -5.048  -8.734  1.00   51.53  ? 39 PHE B CE1   1 
ATOM   798  C CE2   . PHE B 1 38 ? -3.265  -6.515  -9.171  1.00   51.30  ? 39 PHE B CE2   1 
ATOM   799  C CZ    . PHE B 1 38 ? -4.285  -5.698  -9.637  1.00   50.46  ? 39 PHE B CZ    1 
ATOM   800  N N     . ASP B 1 39 ? -6.600  -6.494  -4.223  1.00   50.00  ? 40 ASP B N     1 
ATOM   801  C CA    . ASP B 1 39 ? -7.967  -6.069  -4.533  1.00   50.78  ? 40 ASP B CA    1 
ATOM   802  C C     . ASP B 1 39 ? -8.074  -4.584  -4.264  1.00   47.64  ? 40 ASP B C     1 
ATOM   803  O O     . ASP B 1 39 ? -7.060  -3.908  -4.150  1.00   47.19  ? 40 ASP B O     1 
ATOM   804  C CB    . ASP B 1 39 ? -9.038  -6.875  -3.760  1.00   56.07  ? 40 ASP B CB    1 
ATOM   805  C CG    . ASP B 1 39 ? -8.883  -6.789  -2.239  1.00   58.91  ? 40 ASP B CG    1 
ATOM   806  O OD1   . ASP B 1 39 ? -8.326  -5.799  -1.719  1.00   59.52  ? 40 ASP B OD1   1 
ATOM   807  O OD2   . ASP B 1 39 ? -9.328  -7.733  -1.553  1.00   62.59  ? 40 ASP B OD2   1 
ATOM   808  N N     . GLN B 1 40 ? -9.298  -4.089  -4.155  1.00   47.03  ? 41 GLN B N     1 
ATOM   809  C CA    . GLN B 1 40 ? -9.564  -2.678  -3.890  1.00   49.70  ? 41 GLN B CA    1 
ATOM   810  C C     . GLN B 1 40 ? -8.864  -2.135  -2.644  1.00   46.98  ? 41 GLN B C     1 
ATOM   811  O O     . GLN B 1 40 ? -8.461  -0.976  -2.618  1.00   45.48  ? 41 GLN B O     1 
ATOM   812  C CB    . GLN B 1 40 ? -11.073 -2.486  -3.770  1.00   54.17  ? 41 GLN B CB    1 
ATOM   813  C CG    . GLN B 1 40 ? -11.557 -1.068  -3.494  1.00   57.75  ? 41 GLN B CG    1 
ATOM   814  C CD    . GLN B 1 40 ? -13.078 -0.966  -3.548  1.00   58.68  ? 41 GLN B CD    1 
ATOM   815  O OE1   . GLN B 1 40 ? -13.784 -1.975  -3.681  1.00   60.69  ? 41 GLN B OE1   1 
ATOM   816  N NE2   . GLN B 1 40 ? -13.590 0.256   -3.453  1.00   63.11  ? 41 GLN B NE2   1 
ATOM   817  N N     . PHE B 1 41 ? -8.698  -2.969  -1.614  1.00   43.59  ? 42 PHE B N     1 
ATOM   818  C CA    . PHE B 1 41 ? -8.204  -2.462  -0.339  1.00   42.27  ? 42 PHE B CA    1 
ATOM   819  C C     . PHE B 1 41 ? -6.853  -2.989  0.147   1.00   41.55  ? 42 PHE B C     1 
ATOM   820  O O     . PHE B 1 41 ? -6.192  -2.332  0.937   1.00   38.61  ? 42 PHE B O     1 
ATOM   821  C CB    . PHE B 1 41 ? -9.277  -2.611  0.747   1.00   47.48  ? 42 PHE B CB    1 
ATOM   822  C CG    . PHE B 1 41 ? -10.535 -1.834  0.462   1.00   48.60  ? 42 PHE B CG    1 
ATOM   823  C CD1   . PHE B 1 41 ? -10.527 -0.445  0.471   1.00   48.30  ? 42 PHE B CD1   1 
ATOM   824  C CD2   . PHE B 1 41 ? -11.724 -2.494  0.169   1.00   52.59  ? 42 PHE B CD2   1 
ATOM   825  C CE1   . PHE B 1 41 ? -11.684 0.288   0.197   1.00   50.12  ? 42 PHE B CE1   1 
ATOM   826  C CE2   . PHE B 1 41 ? -12.898 -1.761  -0.104  1.00   54.89  ? 42 PHE B CE2   1 
ATOM   827  C CZ    . PHE B 1 41 ? -12.868 -0.361  -0.083  1.00   50.24  ? 42 PHE B CZ    1 
ATOM   828  N N     . VAL B 1 42 ? -6.443  -4.166  -0.321  1.00   41.56  ? 43 VAL B N     1 
ATOM   829  C CA    . VAL B 1 42 ? -5.190  -4.765  0.142   1.00   40.45  ? 43 VAL B CA    1 
ATOM   830  C C     . VAL B 1 42 ? -4.318  -5.256  -1.011  1.00   41.35  ? 43 VAL B C     1 
ATOM   831  O O     . VAL B 1 42 ? -4.786  -5.444  -2.136  1.00   38.86  ? 43 VAL B O     1 
ATOM   832  C CB    . VAL B 1 42 ? -5.435  -5.973  1.144   1.00   41.46  ? 43 VAL B CB    1 
ATOM   833  C CG1   . VAL B 1 42 ? -6.425  -5.599  2.240   1.00   36.82  ? 43 VAL B CG1   1 
ATOM   834  C CG2   . VAL B 1 42 ? -5.911  -7.225  0.401   1.00   35.81  ? 43 VAL B CG2   1 
ATOM   835  N N     . ILE B 1 43 ? -3.053  -5.498  -0.689  1.00   43.92  ? 44 ILE B N     1 
ATOM   836  C CA    . ILE B 1 43 ? -2.100  -6.134  -1.571  1.00   44.04  ? 44 ILE B CA    1 
ATOM   837  C C     . ILE B 1 43 ? -1.421  -7.279  -0.835  1.00   44.24  ? 44 ILE B C     1 
ATOM   838  O O     . ILE B 1 43 ? -0.922  -7.085  0.271   1.00   43.30  ? 44 ILE B O     1 
ATOM   839  C CB    . ILE B 1 43 ? -0.989  -5.125  -2.001  1.00   45.56  ? 44 ILE B CB    1 
ATOM   840  C CG1   . ILE B 1 43 ? -1.559  -4.002  -2.869  1.00   44.69  ? 44 ILE B CG1   1 
ATOM   841  C CG2   . ILE B 1 43 ? 0.182   -5.844  -2.733  1.00   45.52  ? 44 ILE B CG2   1 
ATOM   842  C CD1   . ILE B 1 43 ? -0.588  -2.811  -3.004  1.00   44.97  ? 44 ILE B CD1   1 
ATOM   843  N N     . LEU B 1 44 ? -1.364  -8.453  -1.464  1.00   49.16  ? 45 LEU B N     1 
ATOM   844  C CA    . LEU B 1 44 ? -0.508  -9.565  -0.998  1.00   48.85  ? 45 LEU B CA    1 
ATOM   845  C C     . LEU B 1 44 ? 0.936   -9.413  -1.460  1.00   48.37  ? 45 LEU B C     1 
ATOM   846  O O     . LEU B 1 44 ? 1.221   -9.512  -2.647  1.00   49.36  ? 45 LEU B O     1 
ATOM   847  C CB    . LEU B 1 44 ? -1.040  -10.908 -1.488  1.00   51.80  ? 45 LEU B CB    1 
ATOM   848  C CG    . LEU B 1 44 ? -2.067  -11.674 -0.648  1.00   58.77  ? 45 LEU B CG    1 
ATOM   849  C CD1   . LEU B 1 44 ? -1.387  -12.676 0.293   1.00   55.91  ? 45 LEU B CD1   1 
ATOM   850  C CD2   . LEU B 1 44 ? -3.029  -10.740 0.124   1.00   59.02  ? 45 LEU B CD2   1 
ATOM   851  N N     . LEU B 1 45 ? 1.831   -9.191  -0.500  1.00   47.17  ? 46 LEU B N     1 
ATOM   852  C CA    . LEU B 1 45 ? 3.259   -9.100  -0.725  1.00   51.93  ? 46 LEU B CA    1 
ATOM   853  C C     . LEU B 1 45 ? 4.007   -10.408 -0.339  1.00   58.66  ? 46 LEU B C     1 
ATOM   854  O O     . LEU B 1 45 ? 4.231   -10.678 0.842   1.00   59.20  ? 46 LEU B O     1 
ATOM   855  C CB    . LEU B 1 45 ? 3.823   -7.925  0.069   1.00   44.33  ? 46 LEU B CB    1 
ATOM   856  C CG    . LEU B 1 45 ? 5.295   -7.608  -0.179  1.00   45.02  ? 46 LEU B CG    1 
ATOM   857  C CD1   . LEU B 1 45 ? 5.573   -6.992  -1.582  1.00   41.86  ? 46 LEU B CD1   1 
ATOM   858  C CD2   . LEU B 1 45 ? 5.754   -6.693  0.909   1.00   45.01  ? 46 LEU B CD2   1 
ATOM   859  N N     . LYS B 1 46 ? 4.392   -11.204 -1.339  1.00   64.48  ? 47 LYS B N     1 
ATOM   860  C CA    . LYS B 1 46 ? 5.159   -12.427 -1.100  1.00   68.79  ? 47 LYS B CA    1 
ATOM   861  C C     . LYS B 1 46 ? 6.646   -12.149 -1.028  1.00   69.35  ? 47 LYS B C     1 
ATOM   862  O O     . LYS B 1 46 ? 7.228   -11.562 -1.942  1.00   70.37  ? 47 LYS B O     1 
ATOM   863  C CB    . LYS B 1 46 ? 4.903   -13.481 -2.179  1.00   70.42  ? 47 LYS B CB    1 
ATOM   864  C CG    . LYS B 1 46 ? 5.382   -14.883 -1.778  1.00   74.24  ? 47 LYS B CG    1 
ATOM   865  C CD    . LYS B 1 46 ? 5.374   -15.889 -2.936  1.00   74.08  ? 47 LYS B CD    1 
ATOM   866  C CE    . LYS B 1 46 ? 6.753   -16.018 -3.598  1.00   77.77  ? 47 LYS B CE    1 
ATOM   867  N NZ    . LYS B 1 46 ? 7.082   -14.875 -4.522  1.00   78.20  ? 47 LYS B NZ    1 
ATOM   868  N N     . ASN B 1 47 ? 7.242   -12.562 0.084   1.00   70.65  ? 48 ASN B N     1 
ATOM   869  C CA    . ASN B 1 47 ? 8.679   -12.678 0.218   1.00   74.02  ? 48 ASN B CA    1 
ATOM   870  C C     . ASN B 1 47 ? 8.977   -14.036 0.876   1.00   76.69  ? 48 ASN B C     1 
ATOM   871  O O     . ASN B 1 47 ? 8.588   -15.075 0.329   1.00   75.20  ? 48 ASN B O     1 
ATOM   872  C CB    . ASN B 1 47 ? 9.244   -11.509 1.015   1.00   74.87  ? 48 ASN B CB    1 
ATOM   873  C CG    . ASN B 1 47 ? 10.711  -11.271 0.735   1.00   76.28  ? 48 ASN B CG    1 
ATOM   874  O OD1   . ASN B 1 47 ? 11.405  -12.136 0.202   1.00   76.37  ? 48 ASN B OD1   1 
ATOM   875  N ND2   . ASN B 1 47 ? 11.195  -10.089 1.099   1.00   77.62  ? 48 ASN B ND2   1 
ATOM   876  N N     . THR B 1 48 ? 9.634   -14.039 2.041   1.00   78.65  ? 49 THR B N     1 
ATOM   877  C CA    . THR B 1 48 ? 9.833   -15.284 2.797   1.00   80.27  ? 49 THR B CA    1 
ATOM   878  C C     . THR B 1 48 ? 8.469   -15.800 3.246   1.00   79.75  ? 49 THR B C     1 
ATOM   879  O O     . THR B 1 48 ? 8.199   -16.999 3.196   1.00   79.81  ? 49 THR B O     1 
ATOM   880  C CB    . THR B 1 48 ? 10.779  -15.117 4.022   1.00   82.24  ? 49 THR B CB    1 
ATOM   881  O OG1   . THR B 1 48 ? 10.111  -14.397 5.068   1.00   83.71  ? 49 THR B OG1   1 
ATOM   882  C CG2   . THR B 1 48 ? 12.088  -14.396 3.638   1.00   83.16  ? 49 THR B CG2   1 
ATOM   883  N N     . VAL B 1 49 ? 7.613   -14.876 3.679   1.00   80.22  ? 50 VAL B N     1 
ATOM   884  C CA    . VAL B 1 49 ? 6.192   -15.167 3.889   1.00   78.44  ? 50 VAL B CA    1 
ATOM   885  C C     . VAL B 1 49 ? 5.349   -14.235 3.033   1.00   75.67  ? 50 VAL B C     1 
ATOM   886  O O     . VAL B 1 49 ? 5.787   -13.143 2.663   1.00   75.72  ? 50 VAL B O     1 
ATOM   887  C CB    . VAL B 1 49 ? 5.752   -15.031 5.379   1.00   80.80  ? 50 VAL B CB    1 
ATOM   888  C CG1   . VAL B 1 49 ? 6.265   -16.202 6.216   1.00   81.25  ? 50 VAL B CG1   1 
ATOM   889  C CG2   . VAL B 1 49 ? 6.194   -13.679 5.977   1.00   82.44  ? 50 VAL B CG2   1 
ATOM   890  N N     . SER B 1 50 ? 4.138   -14.686 2.728   1.00   71.58  ? 51 SER B N     1 
ATOM   891  C CA    . SER B 1 50 ? 3.129   -13.879 2.070   1.00   68.44  ? 51 SER B CA    1 
ATOM   892  C C     . SER B 1 50 ? 2.226   -13.126 3.092   1.00   66.41  ? 51 SER B C     1 
ATOM   893  O O     . SER B 1 50 ? 1.386   -13.738 3.761   1.00   69.29  ? 51 SER B O     1 
ATOM   894  C CB    . SER B 1 50 ? 2.309   -14.789 1.159   1.00   68.97  ? 51 SER B CB    1 
ATOM   895  O OG    . SER B 1 50 ? 1.202   -14.115 0.606   1.00   72.30  ? 51 SER B OG    1 
ATOM   896  N N     . GLN B 1 51 ? 2.414   -11.807 3.201   1.00   61.15  ? 52 GLN B N     1 
ATOM   897  C CA    . GLN B 1 51 ? 1.650   -10.942 4.119   1.00   56.36  ? 52 GLN B CA    1 
ATOM   898  C C     . GLN B 1 51 ? 0.646   -10.049 3.398   1.00   55.76  ? 52 GLN B C     1 
ATOM   899  O O     . GLN B 1 51 ? 0.841   -9.693  2.227   1.00   56.08  ? 52 GLN B O     1 
ATOM   900  C CB    . GLN B 1 51 ? 2.594   -10.043 4.927   1.00   56.40  ? 52 GLN B CB    1 
ATOM   901  C CG    . GLN B 1 51 ? 3.232   -8.914  4.123   1.00   55.30  ? 52 GLN B CG    1 
ATOM   902  C CD    . GLN B 1 51 ? 4.386   -8.263  4.844   1.00   57.24  ? 52 GLN B CD    1 
ATOM   903  O OE1   . GLN B 1 51 ? 4.204   -7.499  5.794   1.00   58.42  ? 52 GLN B OE1   1 
ATOM   904  N NE2   . GLN B 1 51 ? 5.588   -8.557  4.393   1.00   57.45  ? 52 GLN B NE2   1 
ATOM   905  N N     . MET B 1 52 ? -0.405  -9.653  4.121   1.00   52.89  ? 53 MET B N     1 
ATOM   906  C CA    . MET B 1 52 ? -1.435  -8.750  3.599   1.00   49.33  ? 53 MET B CA    1 
ATOM   907  C C     . MET B 1 52 ? -1.187  -7.286  3.987   1.00   47.80  ? 53 MET B C     1 
ATOM   908  O O     . MET B 1 52 ? -1.074  -6.956  5.165   1.00   49.59  ? 53 MET B O     1 
ATOM   909  C CB    . MET B 1 52 ? -2.812  -9.195  4.055   1.00   47.85  ? 53 MET B CB    1 
ATOM   910  C CG    . MET B 1 52 ? -3.935  -8.521  3.339   1.00   49.82  ? 53 MET B CG    1 
ATOM   911  S SD    . MET B 1 52 ? -5.557  -8.899  4.002   1.00   51.05  ? 53 MET B SD    1 
ATOM   912  C CE    . MET B 1 52 ? -5.280  -8.756  5.766   1.00   49.80  ? 53 MET B CE    1 
ATOM   913  N N     . VAL B 1 53 ? -1.096  -6.420  2.980   1.00   45.28  ? 54 VAL B N     1 
ATOM   914  C CA    . VAL B 1 53 ? -0.777  -5.005  3.183   1.00   42.32  ? 54 VAL B CA    1 
ATOM   915  C C     . VAL B 1 53 ? -2.000  -4.168  2.824   1.00   39.28  ? 54 VAL B C     1 
ATOM   916  O O     . VAL B 1 53 ? -2.520  -4.266  1.721   1.00   39.69  ? 54 VAL B O     1 
ATOM   917  C CB    . VAL B 1 53 ? 0.429   -4.554  2.328   1.00   44.00  ? 54 VAL B CB    1 
ATOM   918  C CG1   . VAL B 1 53 ? 0.963   -3.211  2.798   1.00   43.47  ? 54 VAL B CG1   1 
ATOM   919  C CG2   . VAL B 1 53 ? 1.537   -5.605  2.347   1.00   43.50  ? 54 VAL B CG2   1 
ATOM   920  N N     . TYR B 1 54 ? -2.477  -3.376  3.780   1.00   36.98  ? 55 TYR B N     1 
ATOM   921  C CA    . TYR B 1 54 ? -3.553  -2.422  3.536   1.00   34.38  ? 55 TYR B CA    1 
ATOM   922  C C     . TYR B 1 54 ? -3.042  -1.234  2.749   1.00   31.30  ? 55 TYR B C     1 
ATOM   923  O O     . TYR B 1 54 ? -2.088  -0.582  3.150   1.00   33.18  ? 55 TYR B O     1 
ATOM   924  C CB    . TYR B 1 54 ? -4.170  -1.956  4.870   1.00   34.60  ? 55 TYR B CB    1 
ATOM   925  C CG    . TYR B 1 54 ? -5.095  -2.991  5.453   1.00   35.38  ? 55 TYR B CG    1 
ATOM   926  C CD1   . TYR B 1 54 ? -6.408  -3.130  4.977   1.00   33.05  ? 55 TYR B CD1   1 
ATOM   927  C CD2   . TYR B 1 54 ? -4.644  -3.867  6.432   1.00   34.59  ? 55 TYR B CD2   1 
ATOM   928  C CE1   . TYR B 1 54 ? -7.254  -4.095  5.489   1.00   35.07  ? 55 TYR B CE1   1 
ATOM   929  C CE2   . TYR B 1 54 ? -5.474  -4.842  6.950   1.00   37.56  ? 55 TYR B CE2   1 
ATOM   930  C CZ    . TYR B 1 54 ? -6.781  -4.940  6.479   1.00   36.33  ? 55 TYR B CZ    1 
ATOM   931  O OH    . TYR B 1 54 ? -7.590  -5.912  6.993   1.00   36.49  ? 55 TYR B OH    1 
ATOM   932  N N     . LYS B 1 55 ? -3.689  -0.940  1.635   1.00   34.89  ? 56 LYS B N     1 
ATOM   933  C CA    . LYS B 1 55 ? -3.339  0.236   0.821   1.00   35.93  ? 56 LYS B CA    1 
ATOM   934  C C     . LYS B 1 55 ? -3.382  1.563   1.598   1.00   39.88  ? 56 LYS B C     1 
ATOM   935  O O     . LYS B 1 55 ? -2.550  2.439   1.339   1.00   40.06  ? 56 LYS B O     1 
ATOM   936  C CB    . LYS B 1 55 ? -4.238  0.309   -0.406  1.00   36.20  ? 56 LYS B CB    1 
ATOM   937  C CG    . LYS B 1 55 ? -4.010  -0.821  -1.394  1.00   34.68  ? 56 LYS B CG    1 
ATOM   938  C CD    . LYS B 1 55 ? -5.098  -0.813  -2.421  1.00   39.83  ? 56 LYS B CD    1 
ATOM   939  C CE    . LYS B 1 55 ? -4.831  -1.871  -3.499  1.00   44.68  ? 56 LYS B CE    1 
ATOM   940  N NZ    . LYS B 1 55 ? -5.703  -1.650  -4.702  1.00   46.35  ? 56 LYS B NZ    1 
ATOM   941  N N     . HIS B 1 56 ? -4.324  1.701   2.551   1.00   37.79  ? 57 HIS B N     1 
ATOM   942  C CA    . HIS B 1 56 ? -4.462  2.941   3.333   1.00   35.92  ? 57 HIS B CA    1 
ATOM   943  C C     . HIS B 1 56 ? -3.167  3.201   4.099   1.00   37.46  ? 57 HIS B C     1 
ATOM   944  O O     . HIS B 1 56 ? -2.920  4.308   4.572   1.00   35.89  ? 57 HIS B O     1 
ATOM   945  C CB    . HIS B 1 56 ? -5.691  2.906   4.286   1.00   33.60  ? 57 HIS B CB    1 
ATOM   946  C CG    . HIS B 1 56 ? -5.605  1.871   5.379   1.00   31.05  ? 57 HIS B CG    1 
ATOM   947  N ND1   . HIS B 1 56 ? -6.499  0.824   5.487   1.00   32.04  ? 57 HIS B ND1   1 
ATOM   948  C CD2   . HIS B 1 56 ? -4.729  1.717   6.403   1.00   28.44  ? 57 HIS B CD2   1 
ATOM   949  C CE1   . HIS B 1 56 ? -6.185  0.078   6.530   1.00   30.78  ? 57 HIS B CE1   1 
ATOM   950  N NE2   . HIS B 1 56 ? -5.108  0.594   7.099   1.00   30.42  ? 57 HIS B NE2   1 
ATOM   951  N N     . ALA B 1 57 ? -2.332  2.166   4.199   1.00   39.67  ? 58 ALA B N     1 
ATOM   952  C CA    . ALA B 1 57 ? -1.073  2.253   4.952   1.00   39.40  ? 58 ALA B CA    1 
ATOM   953  C C     . ALA B 1 57 ? 0.148   2.439   4.038   1.00   37.66  ? 58 ALA B C     1 
ATOM   954  O O     . ALA B 1 57 ? 1.260   2.675   4.513   1.00   40.37  ? 58 ALA B O     1 
ATOM   955  C CB    . ALA B 1 57 ? -0.904  1.012   5.821   1.00   35.09  ? 58 ALA B CB    1 
ATOM   956  N N     . ILE B 1 58 ? -0.076  2.347   2.731   1.00   36.49  ? 59 ILE B N     1 
ATOM   957  C CA    . ILE B 1 58 ? 0.986   2.469   1.727   1.00   36.39  ? 59 ILE B CA    1 
ATOM   958  C C     . ILE B 1 58 ? 1.124   3.930   1.273   1.00   35.40  ? 59 ILE B C     1 
ATOM   959  O O     . ILE B 1 58 ? 0.124   4.578   0.990   1.00   35.54  ? 59 ILE B O     1 
ATOM   960  C CB    . ILE B 1 58 ? 0.681   1.539   0.508   1.00   37.20  ? 59 ILE B CB    1 
ATOM   961  C CG1   . ILE B 1 58 ? 0.641   0.058   0.958   1.00   36.03  ? 59 ILE B CG1   1 
ATOM   962  C CG2   . ILE B 1 58 ? 1.693   1.752   -0.607  1.00   38.60  ? 59 ILE B CG2   1 
ATOM   963  C CD1   . ILE B 1 58 ? 0.334   -0.983  -0.179  1.00   34.74  ? 59 ILE B CD1   1 
ATOM   964  N N     . SER B 1 59 ? 2.347   4.458   1.226   1.00   38.70  ? 60 SER B N     1 
ATOM   965  C CA    . SER B 1 59 ? 2.589   5.741   0.540   1.00   42.06  ? 60 SER B CA    1 
ATOM   966  C C     . SER B 1 59 ? 2.983   5.598   -0.954  1.00   43.88  ? 60 SER B C     1 
ATOM   967  O O     . SER B 1 59 ? 2.454   6.320   -1.803  1.00   40.37  ? 60 SER B O     1 
ATOM   968  C CB    . SER B 1 59 ? 3.580   6.606   1.306   1.00   46.06  ? 60 SER B CB    1 
ATOM   969  O OG    . SER B 1 59 ? 4.912   6.283   0.992   1.00   51.41  ? 60 SER B OG    1 
ATOM   970  N N     . THR B 1 60 ? 3.881   4.652   -1.262  1.00   44.86  ? 61 THR B N     1 
ATOM   971  C CA    . THR B 1 60 ? 4.359   4.408   -2.638  1.00   47.11  ? 61 THR B CA    1 
ATOM   972  C C     . THR B 1 60 ? 4.697   2.940   -2.919  1.00   50.50  ? 61 THR B C     1 
ATOM   973  O O     . THR B 1 60 ? 5.201   2.222   -2.046  1.00   51.89  ? 61 THR B O     1 
ATOM   974  C CB    . THR B 1 60 ? 5.618   5.225   -3.004  1.00   45.24  ? 61 THR B CB    1 
ATOM   975  O OG1   . THR B 1 60 ? 6.715   4.758   -2.228  1.00   47.32  ? 61 THR B OG1   1 
ATOM   976  C CG2   . THR B 1 60 ? 5.436   6.728   -2.731  1.00   44.90  ? 61 THR B CG2   1 
ATOM   977  N N     . VAL B 1 61 ? 4.393   2.517   -4.146  1.00   50.04  ? 62 VAL B N     1 
ATOM   978  C CA    . VAL B 1 61 ? 4.859   1.262   -4.720  1.00   48.64  ? 62 VAL B CA    1 
ATOM   979  C C     . VAL B 1 61 ? 5.952   1.571   -5.778  1.00   50.01  ? 62 VAL B C     1 
ATOM   980  O O     . VAL B 1 61 ? 5.656   2.124   -6.847  1.00   48.21  ? 62 VAL B O     1 
ATOM   981  C CB    . VAL B 1 61 ? 3.680   0.475   -5.347  1.00   48.02  ? 62 VAL B CB    1 
ATOM   982  C CG1   . VAL B 1 61 ? 4.148   -0.876  -5.925  1.00   45.19  ? 62 VAL B CG1   1 
ATOM   983  C CG2   . VAL B 1 61 ? 2.568   0.273   -4.314  1.00   47.01  ? 62 VAL B CG2   1 
ATOM   984  N N     . VAL B 1 62 ? 7.205   1.249   -5.443  1.00   50.30  ? 63 VAL B N     1 
ATOM   985  C CA    . VAL B 1 62 ? 8.354   1.429   -6.341  1.00   53.61  ? 63 VAL B CA    1 
ATOM   986  C C     . VAL B 1 62 ? 8.812   0.098   -6.955  1.00   54.04  ? 63 VAL B C     1 
ATOM   987  O O     . VAL B 1 62 ? 9.265   -0.788  -6.238  1.00   52.58  ? 63 VAL B O     1 
ATOM   988  C CB    . VAL B 1 62 ? 9.571   2.111   -5.642  1.00   54.10  ? 63 VAL B CB    1 
ATOM   989  C CG1   . VAL B 1 62 ? 10.666  2.443   -6.658  1.00   54.63  ? 63 VAL B CG1   1 
ATOM   990  C CG2   . VAL B 1 62 ? 9.152   3.391   -4.924  1.00   57.34  ? 63 VAL B CG2   1 
ATOM   991  N N     . PRO B 1 63 ? 8.697   -0.040  -8.290  1.00   57.86  ? 64 PRO B N     1 
ATOM   992  C CA    . PRO B 1 63 ? 9.273   -1.215  -8.960  1.00   61.58  ? 64 PRO B CA    1 
ATOM   993  C C     . PRO B 1 63 ? 10.796  -1.112  -8.976  1.00   66.66  ? 64 PRO B C     1 
ATOM   994  O O     . PRO B 1 63 ? 11.329  -0.009  -9.128  1.00   68.59  ? 64 PRO B O     1 
ATOM   995  C CB    . PRO B 1 63 ? 8.741   -1.116  -10.394 1.00   60.66  ? 64 PRO B CB    1 
ATOM   996  C CG    . PRO B 1 63 ? 7.810   0.071   -10.442 1.00   60.22  ? 64 PRO B CG    1 
ATOM   997  C CD    . PRO B 1 63 ? 8.051   0.898   -9.230  1.00   58.30  ? 64 PRO B CD    1 
ATOM   998  N N     . SER B 1 64 ? 11.487  -2.242  -8.818  1.00   71.90  ? 65 SER B N     1 
ATOM   999  C CA    . SER B 1 64 ? 12.959  -2.282  -8.879  1.00   78.13  ? 65 SER B CA    1 
ATOM   1000 C C     . SER B 1 64 ? 13.518  -2.068  -10.305 1.00   82.79  ? 65 SER B C     1 
ATOM   1001 O O     . SER B 1 64 ? 14.404  -1.232  -10.512 1.00   81.35  ? 65 SER B O     1 
ATOM   1002 C CB    . SER B 1 64 ? 13.472  -3.606  -8.321  1.00   76.97  ? 65 SER B CB    1 
ATOM   1003 O OG    . SER B 1 64 ? 12.974  -4.677  -9.107  1.00   76.93  ? 65 SER B OG    1 
ATOM   1004 N N     . ARG B 1 65 ? 13.007  -2.837  -11.269 1.00   89.10  ? 66 ARG B N     1 
ATOM   1005 C CA    . ARG B 1 65 ? 13.356  -2.682  -12.690 1.00   95.69  ? 66 ARG B CA    1 
ATOM   1006 C C     . ARG B 1 65 ? 12.372  -1.711  -13.366 1.00   100.40 ? 66 ARG B C     1 
ATOM   1007 O O     . ARG B 1 65 ? 11.249  -1.544  -12.878 1.00   101.10 ? 66 ARG B O     1 
ATOM   1008 C CB    . ARG B 1 65 ? 13.359  -4.051  -13.398 1.00   94.92  ? 66 ARG B CB    1 
ATOM   1009 N N     . PRO B 1 66 ? 12.780  -1.059  -14.480 1.00   104.47 ? 67 PRO B N     1 
ATOM   1010 C CA    . PRO B 1 66 ? 11.883  -0.083  -15.123 1.00   107.25 ? 67 PRO B CA    1 
ATOM   1011 C C     . PRO B 1 66 ? 10.677  -0.693  -15.869 1.00   109.84 ? 67 PRO B C     1 
ATOM   1012 O O     . PRO B 1 66 ? 10.400  -0.305  -17.006 1.00   110.77 ? 67 PRO B O     1 
ATOM   1013 C CB    . PRO B 1 66 ? 12.814  0.658   -16.094 1.00   106.81 ? 67 PRO B CB    1 
ATOM   1014 C CG    . PRO B 1 66 ? 13.871  -0.339  -16.432 1.00   106.47 ? 67 PRO B CG    1 
ATOM   1015 C CD    . PRO B 1 66 ? 14.075  -1.164  -15.185 1.00   106.00 ? 67 PRO B CD    1 
ATOM   1016 N N     . VAL B 1 67 ? 9.964   -1.609  -15.204 1.00   112.81 ? 68 VAL B N     1 
ATOM   1017 C CA    . VAL B 1 67 ? 8.781   -2.322  -15.744 1.00   115.14 ? 68 VAL B CA    1 
ATOM   1018 C C     . VAL B 1 67 ? 9.081   -3.038  -17.075 1.00   116.38 ? 68 VAL B C     1 
ATOM   1019 O O     . VAL B 1 67 ? 9.786   -4.051  -17.085 1.00   116.53 ? 68 VAL B O     1 
ATOM   1020 C CB    . VAL B 1 67 ? 7.497   -1.414  -15.848 1.00   115.84 ? 68 VAL B CB    1 
ATOM   1021 C CG1   . VAL B 1 67 ? 6.238   -2.262  -16.070 1.00   115.17 ? 68 VAL B CG1   1 
ATOM   1022 C CG2   . VAL B 1 67 ? 7.328   -0.534  -14.602 1.00   116.19 ? 68 VAL B CG2   1 
ATOM   1023 N N     . SER C 1 5  ? -12.182 19.300  -9.399  1.00   69.06  ? 6  SER C N     1 
ATOM   1024 C CA    . SER C 1 5  ? -12.335 20.417  -10.382 1.00   70.76  ? 6  SER C CA    1 
ATOM   1025 C C     . SER C 1 5  ? -11.429 21.631  -10.072 1.00   69.89  ? 6  SER C C     1 
ATOM   1026 O O     . SER C 1 5  ? -11.431 22.638  -10.796 1.00   69.79  ? 6  SER C O     1 
ATOM   1027 C CB    . SER C 1 5  ? -13.812 20.815  -10.561 1.00   71.92  ? 6  SER C CB    1 
ATOM   1028 O OG    . SER C 1 5  ? -14.271 21.623  -9.498  1.00   75.80  ? 6  SER C OG    1 
ATOM   1029 N N     . LEU C 1 6  ? -10.669 21.533  -8.986  1.00   67.17  ? 7  LEU C N     1 
ATOM   1030 C CA    . LEU C 1 6  ? -9.411  22.261  -8.874  1.00   64.00  ? 7  LEU C CA    1 
ATOM   1031 C C     . LEU C 1 6  ? -8.271  21.226  -8.957  1.00   64.07  ? 7  LEU C C     1 
ATOM   1032 O O     . LEU C 1 6  ? -7.160  21.545  -9.382  1.00   63.76  ? 7  LEU C O     1 
ATOM   1033 C CB    . LEU C 1 6  ? -9.338  23.104  -7.591  1.00   64.19  ? 7  LEU C CB    1 
ATOM   1034 C CG    . LEU C 1 6  ? -7.971  23.667  -7.141  1.00   64.48  ? 7  LEU C CG    1 
ATOM   1035 C CD1   . LEU C 1 6  ? -7.386  24.739  -8.078  1.00   65.22  ? 7  LEU C CD1   1 
ATOM   1036 C CD2   . LEU C 1 6  ? -8.023  24.171  -5.714  1.00   63.00  ? 7  LEU C CD2   1 
ATOM   1037 N N     . GLN C 1 7  ? -8.569  19.980  -8.589  1.00   63.17  ? 8  GLN C N     1 
ATOM   1038 C CA    . GLN C 1 7  ? -7.542  18.937  -8.507  1.00   60.54  ? 8  GLN C CA    1 
ATOM   1039 C C     . GLN C 1 7  ? -7.083  18.437  -9.873  1.00   60.16  ? 8  GLN C C     1 
ATOM   1040 O O     . GLN C 1 7  ? -5.883  18.357  -10.128 1.00   59.61  ? 8  GLN C O     1 
ATOM   1041 C CB    . GLN C 1 7  ? -7.974  17.756  -7.621  1.00   57.21  ? 8  GLN C CB    1 
ATOM   1042 C CG    . GLN C 1 7  ? -6.773  17.025  -7.016  1.00   56.27  ? 8  GLN C CG    1 
ATOM   1043 C CD    . GLN C 1 7  ? -7.079  15.631  -6.476  1.00   54.79  ? 8  GLN C CD    1 
ATOM   1044 O OE1   . GLN C 1 7  ? -6.172  14.812  -6.332  1.00   53.33  ? 8  GLN C OE1   1 
ATOM   1045 N NE2   . GLN C 1 7  ? -8.341  15.359  -6.174  1.00   51.13  ? 8  GLN C NE2   1 
ATOM   1046 N N     . ASP C 1 8  ? -8.033  18.073  -10.727 1.00   61.53  ? 9  ASP C N     1 
ATOM   1047 C CA    . ASP C 1 8  ? -7.709  17.555  -12.057 1.00   63.67  ? 9  ASP C CA    1 
ATOM   1048 C C     . ASP C 1 8  ? -6.960  18.587  -12.915 1.00   64.17  ? 9  ASP C C     1 
ATOM   1049 O O     . ASP C 1 8  ? -5.841  18.304  -13.357 1.00   65.26  ? 9  ASP C O     1 
ATOM   1050 C CB    . ASP C 1 8  ? -8.962  17.033  -12.755 1.00   64.65  ? 9  ASP C CB    1 
ATOM   1051 C CG    . ASP C 1 8  ? -9.689  16.002  -11.925 1.00   66.83  ? 9  ASP C CG    1 
ATOM   1052 O OD1   . ASP C 1 8  ? -9.127  14.907  -11.719 1.00   66.45  ? 9  ASP C OD1   1 
ATOM   1053 O OD2   . ASP C 1 8  ? -10.822 16.287  -11.470 1.00   71.37  ? 9  ASP C OD2   1 
ATOM   1054 N N     . PRO C 1 9  ? -7.548  19.792  -13.119 1.00   63.92  ? 10 PRO C N     1 
ATOM   1055 C CA    . PRO C 1 9  ? -6.870  20.843  -13.879 1.00   62.69  ? 10 PRO C CA    1 
ATOM   1056 C C     . PRO C 1 9  ? -5.462  21.112  -13.388 1.00   61.39  ? 10 PRO C C     1 
ATOM   1057 O O     . PRO C 1 9  ? -4.565  21.343  -14.194 1.00   64.46  ? 10 PRO C O     1 
ATOM   1058 C CB    . PRO C 1 9  ? -7.746  22.073  -13.620 1.00   63.94  ? 10 PRO C CB    1 
ATOM   1059 C CG    . PRO C 1 9  ? -9.109  21.506  -13.441 1.00   64.66  ? 10 PRO C CG    1 
ATOM   1060 C CD    . PRO C 1 9  ? -8.885  20.241  -12.671 1.00   64.57  ? 10 PRO C CD    1 
ATOM   1061 N N     . PHE C 1 10 ? -5.267  21.082  -12.076 1.00   58.84  ? 11 PHE C N     1 
ATOM   1062 C CA    . PHE C 1 10 ? -3.964  21.381  -11.502 1.00   55.28  ? 11 PHE C CA    1 
ATOM   1063 C C     . PHE C 1 10 ? -2.936  20.324  -11.922 1.00   58.38  ? 11 PHE C C     1 
ATOM   1064 O O     . PHE C 1 10 ? -1.817  20.665  -12.343 1.00   57.57  ? 11 PHE C O     1 
ATOM   1065 C CB    . PHE C 1 10 ? -4.055  21.454  -9.983  1.00   47.66  ? 11 PHE C CB    1 
ATOM   1066 C CG    . PHE C 1 10 ? -2.784  21.900  -9.321  1.00   45.41  ? 11 PHE C CG    1 
ATOM   1067 C CD1   . PHE C 1 10 ? -1.895  20.970  -8.791  1.00   44.58  ? 11 PHE C CD1   1 
ATOM   1068 C CD2   . PHE C 1 10 ? -2.477  23.249  -9.216  1.00   45.64  ? 11 PHE C CD2   1 
ATOM   1069 C CE1   . PHE C 1 10 ? -0.710  21.387  -8.167  1.00   44.85  ? 11 PHE C CE1   1 
ATOM   1070 C CE2   . PHE C 1 10 ? -1.301  23.671  -8.593  1.00   45.93  ? 11 PHE C CE2   1 
ATOM   1071 C CZ    . PHE C 1 10 ? -0.417  22.742  -8.072  1.00   43.57  ? 11 PHE C CZ    1 
ATOM   1072 N N     . LEU C 1 11 ? -3.338  19.052  -11.817 1.00   58.84  ? 12 LEU C N     1 
ATOM   1073 C CA    . LEU C 1 11 ? -2.442  17.918  -12.023 1.00   56.19  ? 12 LEU C CA    1 
ATOM   1074 C C     . LEU C 1 11 ? -2.215  17.644  -13.499 1.00   55.63  ? 12 LEU C C     1 
ATOM   1075 O O     . LEU C 1 11 ? -1.152  17.168  -13.882 1.00   54.46  ? 12 LEU C O     1 
ATOM   1076 C CB    . LEU C 1 11 ? -2.984  16.662  -11.316 1.00   55.37  ? 12 LEU C CB    1 
ATOM   1077 C CG    . LEU C 1 11 ? -2.971  16.542  -9.780  1.00   53.16  ? 12 LEU C CG    1 
ATOM   1078 C CD1   . LEU C 1 11 ? -3.730  15.283  -9.333  1.00   49.52  ? 12 LEU C CD1   1 
ATOM   1079 C CD2   . LEU C 1 11 ? -1.556  16.548  -9.209  1.00   51.20  ? 12 LEU C CD2   1 
ATOM   1080 N N     . ASN C 1 12 ? -3.224  17.926  -14.321 1.00   58.06  ? 13 ASN C N     1 
ATOM   1081 C CA    . ASN C 1 12 ? -3.092  17.839  -15.775 1.00   60.14  ? 13 ASN C CA    1 
ATOM   1082 C C     . ASN C 1 12 ? -2.125  18.863  -16.355 1.00   60.37  ? 13 ASN C C     1 
ATOM   1083 O O     . ASN C 1 12 ? -1.327  18.538  -17.235 1.00   62.37  ? 13 ASN C O     1 
ATOM   1084 C CB    . ASN C 1 12 ? -4.449  17.986  -16.461 1.00   62.46  ? 13 ASN C CB    1 
ATOM   1085 C CG    . ASN C 1 12 ? -5.126  16.651  -16.711 1.00   64.81  ? 13 ASN C CG    1 
ATOM   1086 O OD1   . ASN C 1 12 ? -4.492  15.685  -17.151 1.00   68.30  ? 13 ASN C OD1   1 
ATOM   1087 N ND2   . ASN C 1 12 ? -6.423  16.594  -16.452 1.00   63.98  ? 13 ASN C ND2   1 
ATOM   1088 N N     . ALA C 1 13 ? -2.202  20.093  -15.856 1.00   59.57  ? 14 ALA C N     1 
ATOM   1089 C CA    . ALA C 1 13 ? -1.369  21.189  -16.339 1.00   59.23  ? 14 ALA C CA    1 
ATOM   1090 C C     . ALA C 1 13 ? 0.092   20.916  -16.044 1.00   61.26  ? 14 ALA C C     1 
ATOM   1091 O O     . ALA C 1 13 ? 0.965   21.256  -16.846 1.00   61.86  ? 14 ALA C O     1 
ATOM   1092 C CB    . ALA C 1 13 ? -1.796  22.505  -15.717 1.00   56.38  ? 14 ALA C CB    1 
ATOM   1093 N N     . LEU C 1 14 ? 0.356   20.308  -14.888 1.00   61.15  ? 15 LEU C N     1 
ATOM   1094 C CA    . LEU C 1 14 ? 1.710   19.887  -14.537 1.00   60.54  ? 15 LEU C CA    1 
ATOM   1095 C C     . LEU C 1 14 ? 2.149   18.709  -15.401 1.00   59.16  ? 15 LEU C C     1 
ATOM   1096 O O     . LEU C 1 14 ? 3.337   18.512  -15.616 1.00   59.27  ? 15 LEU C O     1 
ATOM   1097 C CB    . LEU C 1 14 ? 1.805   19.497  -13.061 1.00   59.37  ? 15 LEU C CB    1 
ATOM   1098 C CG    . LEU C 1 14 ? 1.441   20.510  -11.979 1.00   61.00  ? 15 LEU C CG    1 
ATOM   1099 C CD1   . LEU C 1 14 ? 1.183   19.791  -10.657 1.00   59.88  ? 15 LEU C CD1   1 
ATOM   1100 C CD2   . LEU C 1 14 ? 2.537   21.538  -11.821 1.00   61.53  ? 15 LEU C CD2   1 
ATOM   1101 N N     . ARG C 1 15 ? 1.190   17.917  -15.871 1.00   60.59  ? 16 ARG C N     1 
ATOM   1102 C CA    . ARG C 1 15 ? 1.500   16.726  -16.667 1.00   62.46  ? 16 ARG C CA    1 
ATOM   1103 C C     . ARG C 1 15 ? 1.835   17.113  -18.113 1.00   64.57  ? 16 ARG C C     1 
ATOM   1104 O O     . ARG C 1 15 ? 2.849   16.661  -18.659 1.00   64.10  ? 16 ARG C O     1 
ATOM   1105 C CB    . ARG C 1 15 ? 0.355   15.702  -16.620 1.00   60.17  ? 16 ARG C CB    1 
ATOM   1106 C CG    . ARG C 1 15 ? 0.647   14.416  -17.391 1.00   59.01  ? 16 ARG C CG    1 
ATOM   1107 C CD    . ARG C 1 15 ? -0.576  13.553  -17.558 1.00   59.25  ? 16 ARG C CD    1 
ATOM   1108 N NE    . ARG C 1 15 ? -1.730  14.318  -18.009 1.00   63.96  ? 16 ARG C NE    1 
ATOM   1109 C CZ    . ARG C 1 15 ? -2.053  14.528  -19.284 1.00   67.82  ? 16 ARG C CZ    1 
ATOM   1110 N NH1   . ARG C 1 15 ? -1.298  14.028  -20.262 1.00   68.39  ? 16 ARG C NH1   1 
ATOM   1111 N NH2   . ARG C 1 15 ? -3.136  15.247  -19.580 1.00   68.61  ? 16 ARG C NH2   1 
ATOM   1112 N N     . ARG C 1 16 ? 0.981   17.951  -18.708 1.00   66.50  ? 17 ARG C N     1 
ATOM   1113 C CA    . ARG C 1 16 ? 1.199   18.498  -20.055 1.00   66.64  ? 17 ARG C CA    1 
ATOM   1114 C C     . ARG C 1 16 ? 2.489   19.290  -20.144 1.00   65.75  ? 17 ARG C C     1 
ATOM   1115 O O     . ARG C 1 16 ? 3.409   18.908  -20.864 1.00   66.74  ? 17 ARG C O     1 
ATOM   1116 C CB    . ARG C 1 16 ? 0.025   19.369  -20.493 1.00   65.33  ? 17 ARG C CB    1 
ATOM   1117 C CG    . ARG C 1 16 ? -1.168  18.575  -20.923 1.00   68.82  ? 17 ARG C CG    1 
ATOM   1118 C CD    . ARG C 1 16 ? -2.309  19.480  -21.285 1.00   72.80  ? 17 ARG C CD    1 
ATOM   1119 N NE    . ARG C 1 16 ? -3.479  19.174  -20.475 1.00   79.29  ? 17 ARG C NE    1 
ATOM   1120 C CZ    . ARG C 1 16 ? -4.302  18.148  -20.690 1.00   82.80  ? 17 ARG C CZ    1 
ATOM   1121 N NH1   . ARG C 1 16 ? -4.094  17.316  -21.705 1.00   83.97  ? 17 ARG C NH1   1 
ATOM   1122 N NH2   . ARG C 1 16 ? -5.338  17.953  -19.879 1.00   84.33  ? 17 ARG C NH2   1 
ATOM   1123 N N     . GLU C 1 17 ? 2.559   20.381  -19.393 1.00   66.96  ? 18 GLU C N     1 
ATOM   1124 C CA    . GLU C 1 17 ? 3.710   21.286  -19.437 1.00   68.85  ? 18 GLU C CA    1 
ATOM   1125 C C     . GLU C 1 17 ? 4.968   20.633  -18.876 1.00   69.48  ? 18 GLU C C     1 
ATOM   1126 O O     . GLU C 1 17 ? 6.033   21.261  -18.817 1.00   69.34  ? 18 GLU C O     1 
ATOM   1127 C CB    . GLU C 1 17 ? 3.381   22.602  -18.713 1.00   72.06  ? 18 GLU C CB    1 
ATOM   1128 C CG    . GLU C 1 17 ? 2.295   23.426  -19.424 1.00   74.51  ? 18 GLU C CG    1 
ATOM   1129 C CD    . GLU C 1 17 ? 1.503   24.333  -18.485 1.00   77.35  ? 18 GLU C CD    1 
ATOM   1130 O OE1   . GLU C 1 17 ? 2.105   25.266  -17.885 1.00   77.27  ? 18 GLU C OE1   1 
ATOM   1131 O OE2   . GLU C 1 17 ? 0.268   24.118  -18.368 1.00   76.84  ? 18 GLU C OE2   1 
ATOM   1132 N N     . ARG C 1 18 ? 4.824   19.366  -18.477 1.00   70.10  ? 19 ARG C N     1 
ATOM   1133 C CA    . ARG C 1 18 ? 5.917   18.516  -17.985 1.00   68.39  ? 19 ARG C CA    1 
ATOM   1134 C C     . ARG C 1 18 ? 6.756   19.153  -16.877 1.00   65.70  ? 19 ARG C C     1 
ATOM   1135 O O     . ARG C 1 18 ? 7.971   18.951  -16.800 1.00   66.76  ? 19 ARG C O     1 
ATOM   1136 C CB    . ARG C 1 18 ? 6.785   18.026  -19.148 1.00   71.37  ? 19 ARG C CB    1 
ATOM   1137 C CG    . ARG C 1 18 ? 6.055   17.059  -20.059 1.00   74.83  ? 19 ARG C CG    1 
ATOM   1138 C CD    . ARG C 1 18 ? 6.724   16.959  -21.408 1.00   79.18  ? 19 ARG C CD    1 
ATOM   1139 N NE    . ARG C 1 18 ? 5.812   16.422  -22.420 1.00   82.57  ? 19 ARG C NE    1 
ATOM   1140 C CZ    . ARG C 1 18 ? 6.107   16.283  -23.713 1.00   83.46  ? 19 ARG C CZ    1 
ATOM   1141 N NH1   . ARG C 1 18 ? 7.300   16.645  -24.172 1.00   82.03  ? 19 ARG C NH1   1 
ATOM   1142 N NH2   . ARG C 1 18 ? 5.201   15.782  -24.548 1.00   84.16  ? 19 ARG C NH2   1 
ATOM   1143 N N     . VAL C 1 19 ? 6.088   19.895  -16.001 1.00   63.40  ? 20 VAL C N     1 
ATOM   1144 C CA    . VAL C 1 19 ? 6.765   20.621  -14.922 1.00   63.13  ? 20 VAL C CA    1 
ATOM   1145 C C     . VAL C 1 19 ? 7.186   19.709  -13.747 1.00   65.46  ? 20 VAL C C     1 
ATOM   1146 O O     . VAL C 1 19 ? 6.427   18.812  -13.327 1.00   64.80  ? 20 VAL C O     1 
ATOM   1147 C CB    . VAL C 1 19 ? 5.981   21.928  -14.478 1.00   59.92  ? 20 VAL C CB    1 
ATOM   1148 C CG1   . VAL C 1 19 ? 4.644   22.046  -15.176 1.00   56.94  ? 20 VAL C CG1   1 
ATOM   1149 C CG2   . VAL C 1 19 ? 5.835   22.028  -12.967 1.00   59.72  ? 20 VAL C CG2   1 
ATOM   1150 N N     . PRO C 1 20 ? 8.423   19.914  -13.245 1.00   66.65  ? 21 PRO C N     1 
ATOM   1151 C CA    . PRO C 1 20 ? 8.936   19.147  -12.114 1.00   65.40  ? 21 PRO C CA    1 
ATOM   1152 C C     . PRO C 1 20 ? 8.210   19.523  -10.819 1.00   64.75  ? 21 PRO C C     1 
ATOM   1153 O O     . PRO C 1 20 ? 8.052   20.711  -10.504 1.00   64.69  ? 21 PRO C O     1 
ATOM   1154 C CB    . PRO C 1 20 ? 10.420  19.556  -12.046 1.00   65.95  ? 21 PRO C CB    1 
ATOM   1155 C CG    . PRO C 1 20 ? 10.698  20.293  -13.327 1.00   66.21  ? 21 PRO C CG    1 
ATOM   1156 C CD    . PRO C 1 20 ? 9.409   20.900  -13.729 1.00   65.18  ? 21 PRO C CD    1 
ATOM   1157 N N     . VAL C 1 21 ? 7.763   18.514  -10.079 1.00   63.21  ? 22 VAL C N     1 
ATOM   1158 C CA    . VAL C 1 21 ? 7.040   18.752  -8.827  1.00   60.71  ? 22 VAL C CA    1 
ATOM   1159 C C     . VAL C 1 21 ? 7.777   18.190  -7.623  1.00   59.08  ? 22 VAL C C     1 
ATOM   1160 O O     . VAL C 1 21 ? 8.492   17.181  -7.717  1.00   58.07  ? 22 VAL C O     1 
ATOM   1161 C CB    . VAL C 1 21 ? 5.617   18.144  -8.849  1.00   60.36  ? 22 VAL C CB    1 
ATOM   1162 C CG1   . VAL C 1 21 ? 4.748   18.834  -9.902  1.00   60.78  ? 22 VAL C CG1   1 
ATOM   1163 C CG2   . VAL C 1 21 ? 5.671   16.627  -9.079  1.00   57.62  ? 22 VAL C CG2   1 
ATOM   1164 N N     . SER C 1 22 ? 7.607   18.857  -6.493  1.00   57.00  ? 23 SER C N     1 
ATOM   1165 C CA    . SER C 1 22 ? 7.878   18.230  -5.216  1.00   57.15  ? 23 SER C CA    1 
ATOM   1166 C C     . SER C 1 22 ? 6.551   17.719  -4.639  1.00   56.88  ? 23 SER C C     1 
ATOM   1167 O O     . SER C 1 22 ? 5.565   18.456  -4.576  1.00   55.67  ? 23 SER C O     1 
ATOM   1168 C CB    . SER C 1 22 ? 8.556   19.204  -4.266  1.00   58.76  ? 23 SER C CB    1 
ATOM   1169 O OG    . SER C 1 22 ? 9.851   19.518  -4.724  1.00   59.33  ? 23 SER C OG    1 
ATOM   1170 N N     . ILE C 1 23 ? 6.532   16.442  -4.272  1.00   55.01  ? 24 ILE C N     1 
ATOM   1171 C CA    . ILE C 1 23 ? 5.396   15.832  -3.591  1.00   51.52  ? 24 ILE C CA    1 
ATOM   1172 C C     . ILE C 1 23 ? 5.796   15.511  -2.156  1.00   51.23  ? 24 ILE C C     1 
ATOM   1173 O O     . ILE C 1 23 ? 6.605   14.606  -1.917  1.00   49.48  ? 24 ILE C O     1 
ATOM   1174 C CB    . ILE C 1 23 ? 4.905   14.558  -4.325  1.00   49.96  ? 24 ILE C CB    1 
ATOM   1175 C CG1   . ILE C 1 23 ? 4.221   14.957  -5.629  1.00   48.28  ? 24 ILE C CG1   1 
ATOM   1176 C CG2   . ILE C 1 23 ? 3.942   13.760  -3.457  1.00   47.95  ? 24 ILE C CG2   1 
ATOM   1177 C CD1   . ILE C 1 23 ? 3.948   13.842  -6.548  1.00   47.99  ? 24 ILE C CD1   1 
ATOM   1178 N N     . TYR C 1 24 ? 5.241   16.272  -1.209  1.00   51.05  ? 25 TYR C N     1 
ATOM   1179 C CA    . TYR C 1 24 ? 5.514   16.062  0.209   1.00   48.83  ? 25 TYR C CA    1 
ATOM   1180 C C     . TYR C 1 24 ? 4.509   15.086  0.773   1.00   45.20  ? 25 TYR C C     1 
ATOM   1181 O O     . TYR C 1 24 ? 3.310   15.246  0.598   1.00   45.20  ? 25 TYR C O     1 
ATOM   1182 C CB    . TYR C 1 24 ? 5.465   17.381  0.977   1.00   54.80  ? 25 TYR C CB    1 
ATOM   1183 C CG    . TYR C 1 24 ? 6.535   18.368  0.564   1.00   57.00  ? 25 TYR C CG    1 
ATOM   1184 C CD1   . TYR C 1 24 ? 7.762   18.413  1.224   1.00   57.80  ? 25 TYR C CD1   1 
ATOM   1185 C CD2   . TYR C 1 24 ? 6.319   19.258  -0.491  1.00   57.14  ? 25 TYR C CD2   1 
ATOM   1186 C CE1   . TYR C 1 24 ? 8.749   19.330  0.848   1.00   59.28  ? 25 TYR C CE1   1 
ATOM   1187 C CE2   . TYR C 1 24 ? 7.286   20.165  -0.876  1.00   58.41  ? 25 TYR C CE2   1 
ATOM   1188 C CZ    . TYR C 1 24 ? 8.502   20.200  -0.209  1.00   59.27  ? 25 TYR C CZ    1 
ATOM   1189 O OH    . TYR C 1 24 ? 9.462   21.113  -0.606  1.00   59.19  ? 25 TYR C OH    1 
ATOM   1190 N N     . LEU C 1 25 ? 5.011   14.051  1.422   1.00   42.92  ? 26 LEU C N     1 
ATOM   1191 C CA    . LEU C 1 25 ? 4.156   13.041  2.009   1.00   44.73  ? 26 LEU C CA    1 
ATOM   1192 C C     . LEU C 1 25 ? 3.783   13.454  3.427   1.00   44.51  ? 26 LEU C C     1 
ATOM   1193 O O     . LEU C 1 25 ? 4.361   14.394  3.975   1.00   44.15  ? 26 LEU C O     1 
ATOM   1194 C CB    . LEU C 1 25 ? 4.830   11.656  1.978   1.00   41.90  ? 26 LEU C CB    1 
ATOM   1195 C CG    . LEU C 1 25 ? 5.385   11.174  0.626   1.00   40.67  ? 26 LEU C CG    1 
ATOM   1196 C CD1   . LEU C 1 25 ? 6.126   9.859   0.817   1.00   37.76  ? 26 LEU C CD1   1 
ATOM   1197 C CD2   . LEU C 1 25 ? 4.309   11.044  -0.485  1.00   38.20  ? 26 LEU C CD2   1 
ATOM   1198 N N     . VAL C 1 26 ? 2.815   12.754  4.013   1.00   45.51  ? 27 VAL C N     1 
ATOM   1199 C CA    . VAL C 1 26 ? 2.318   13.099  5.347   1.00   45.29  ? 27 VAL C CA    1 
ATOM   1200 C C     . VAL C 1 26 ? 3.366   12.821  6.441   1.00   49.07  ? 27 VAL C C     1 
ATOM   1201 O O     . VAL C 1 26 ? 3.285   13.373  7.546   1.00   52.42  ? 27 VAL C O     1 
ATOM   1202 C CB    . VAL C 1 26 ? 0.950   12.431  5.655   1.00   42.71  ? 27 VAL C CB    1 
ATOM   1203 C CG1   . VAL C 1 26 ? -0.090  12.855  4.633   1.00   30.44  ? 27 VAL C CG1   1 
ATOM   1204 C CG2   . VAL C 1 26 ? 1.070   10.882  5.677   1.00   44.77  ? 27 VAL C CG2   1 
ATOM   1205 N N     . ASN C 1 27 ? 4.348   11.974  6.127   1.00   50.69  ? 28 ASN C N     1 
ATOM   1206 C CA    . ASN C 1 27 ? 5.501   11.726  7.013   1.00   52.92  ? 28 ASN C CA    1 
ATOM   1207 C C     . ASN C 1 27 ? 6.660   12.727  6.849   1.00   54.02  ? 28 ASN C C     1 
ATOM   1208 O O     . ASN C 1 27 ? 7.644   12.659  7.577   1.00   56.38  ? 28 ASN C O     1 
ATOM   1209 C CB    . ASN C 1 27 ? 6.023   10.301  6.833   1.00   53.07  ? 28 ASN C CB    1 
ATOM   1210 C CG    . ASN C 1 27 ? 6.388   9.995   5.405   1.00   55.46  ? 28 ASN C CG    1 
ATOM   1211 O OD1   . ASN C 1 27 ? 6.647   10.897  4.602   1.00   55.51  ? 28 ASN C OD1   1 
ATOM   1212 N ND2   . ASN C 1 27 ? 6.411   8.713   5.069   1.00   57.68  ? 28 ASN C ND2   1 
ATOM   1213 N N     . GLY C 1 28 ? 6.536   13.645  5.892   1.00   54.96  ? 29 GLY C N     1 
ATOM   1214 C CA    . GLY C 1 28 ? 7.523   14.692  5.683   1.00   53.41  ? 29 GLY C CA    1 
ATOM   1215 C C     . GLY C 1 28 ? 8.519   14.394  4.579   1.00   55.97  ? 29 GLY C C     1 
ATOM   1216 O O     . GLY C 1 28 ? 9.267   15.286  4.187   1.00   57.87  ? 29 GLY C O     1 
ATOM   1217 N N     . ILE C 1 29 ? 8.543   13.152  4.082   1.00   56.82  ? 30 ILE C N     1 
ATOM   1218 C CA    . ILE C 1 29 ? 9.400   12.786  2.942   1.00   57.98  ? 30 ILE C CA    1 
ATOM   1219 C C     . ILE C 1 29 ? 9.067   13.642  1.710   1.00   58.72  ? 30 ILE C C     1 
ATOM   1220 O O     . ILE C 1 29 ? 7.891   13.883  1.410   1.00   58.76  ? 30 ILE C O     1 
ATOM   1221 C CB    . ILE C 1 29 ? 9.292   11.266  2.555   1.00   58.48  ? 30 ILE C CB    1 
ATOM   1222 C CG1   . ILE C 1 29 ? 9.786   10.312  3.667   1.00   59.57  ? 30 ILE C CG1   1 
ATOM   1223 C CG2   . ILE C 1 29 ? 9.980   10.968  1.221   1.00   57.28  ? 30 ILE C CG2   1 
ATOM   1224 C CD1   . ILE C 1 29 ? 10.783  10.872  4.655   1.00   61.35  ? 30 ILE C CD1   1 
ATOM   1225 N N     . LYS C 1 30 ? 10.100  14.106  1.009   1.00   58.22  ? 31 LYS C N     1 
ATOM   1226 C CA    . LYS C 1 30 ? 9.894   14.858  -0.227  1.00   58.96  ? 31 LYS C CA    1 
ATOM   1227 C C     . LYS C 1 30 ? 10.208  13.980  -1.428  1.00   58.51  ? 31 LYS C C     1 
ATOM   1228 O O     . LYS C 1 30 ? 11.296  13.413  -1.534  1.00   62.15  ? 31 LYS C O     1 
ATOM   1229 C CB    . LYS C 1 30 ? 10.745  16.124  -0.268  1.00   59.01  ? 31 LYS C CB    1 
ATOM   1230 C CG    . LYS C 1 30 ? 10.199  17.197  -1.200  1.00   62.02  ? 31 LYS C CG    1 
ATOM   1231 C CD    . LYS C 1 30 ? 11.234  17.696  -2.220  1.00   66.46  ? 31 LYS C CD    1 
ATOM   1232 C CE    . LYS C 1 30 ? 12.509  18.296  -1.592  1.00   67.81  ? 31 LYS C CE    1 
ATOM   1233 N NZ    . LYS C 1 30 ? 12.466  19.783  -1.527  1.00   68.59  ? 31 LYS C NZ    1 
ATOM   1234 N N     . LEU C 1 31 ? 9.242   13.850  -2.325  1.00   53.64  ? 32 LEU C N     1 
ATOM   1235 C CA    . LEU C 1 31 ? 9.479   13.156  -3.553  1.00   53.33  ? 32 LEU C CA    1 
ATOM   1236 C C     . LEU C 1 31 ? 9.617   14.188  -4.673  1.00   55.42  ? 32 LEU C C     1 
ATOM   1237 O O     . LEU C 1 31 ? 8.922   15.211  -4.673  1.00   54.10  ? 32 LEU C O     1 
ATOM   1238 C CB    . LEU C 1 31 ? 8.370   12.126  -3.828  1.00   52.81  ? 32 LEU C CB    1 
ATOM   1239 C CG    . LEU C 1 31 ? 8.271   10.965  -2.818  1.00   53.49  ? 32 LEU C CG    1 
ATOM   1240 C CD1   . LEU C 1 31 ? 7.061   10.078  -3.055  1.00   49.22  ? 32 LEU C CD1   1 
ATOM   1241 C CD2   . LEU C 1 31 ? 9.551   10.139  -2.799  1.00   52.66  ? 32 LEU C CD2   1 
ATOM   1242 N N     . GLN C 1 32 ? 10.538  13.925  -5.603  1.00   57.89  ? 33 GLN C N     1 
ATOM   1243 C CA    . GLN C 1 32 ? 10.762  14.787  -6.771  1.00   59.32  ? 33 GLN C CA    1 
ATOM   1244 C C     . GLN C 1 32 ? 10.632  13.975  -8.051  1.00   58.14  ? 33 GLN C C     1 
ATOM   1245 O O     . GLN C 1 32 ? 10.940  12.775  -8.071  1.00   57.09  ? 33 GLN C O     1 
ATOM   1246 C CB    . GLN C 1 32 ? 12.134  15.453  -6.699  1.00   63.86  ? 33 GLN C CB    1 
ATOM   1247 C CG    . GLN C 1 32 ? 12.481  16.016  -5.331  1.00   69.48  ? 33 GLN C CG    1 
ATOM   1248 C CD    . GLN C 1 32 ? 13.434  17.202  -5.410  1.00   73.52  ? 33 GLN C CD    1 
ATOM   1249 O OE1   . GLN C 1 32 ? 14.621  17.093  -5.069  1.00   74.29  ? 33 GLN C OE1   1 
ATOM   1250 N NE2   . GLN C 1 32 ? 12.918  18.345  -5.862  1.00   74.42  ? 33 GLN C NE2   1 
ATOM   1251 N N     . GLY C 1 33 ? 10.148  14.621  -9.111  1.00   55.35  ? 34 GLY C N     1 
ATOM   1252 C CA    . GLY C 1 33 ? 9.916   13.939  -10.382 1.00   50.58  ? 34 GLY C CA    1 
ATOM   1253 C C     . GLY C 1 33 ? 8.871   14.659  -11.194 1.00   49.71  ? 34 GLY C C     1 
ATOM   1254 O O     . GLY C 1 33 ? 8.646   15.840  -10.990 1.00   51.04  ? 34 GLY C O     1 
ATOM   1255 N N     . GLN C 1 34 ? 8.217   13.948  -12.106 1.00   50.79  ? 35 GLN C N     1 
ATOM   1256 C CA    . GLN C 1 34 ? 7.153   14.535  -12.900 1.00   53.38  ? 35 GLN C CA    1 
ATOM   1257 C C     . GLN C 1 34 ? 5.880   13.704  -12.904 1.00   55.26  ? 35 GLN C C     1 
ATOM   1258 O O     . GLN C 1 34 ? 5.914   12.466  -12.952 1.00   55.35  ? 35 GLN C O     1 
ATOM   1259 C CB    . GLN C 1 34 ? 7.618   14.710  -14.345 1.00   58.03  ? 35 GLN C CB    1 
ATOM   1260 C CG    . GLN C 1 34 ? 8.656   15.791  -14.517 1.00   62.74  ? 35 GLN C CG    1 
ATOM   1261 C CD    . GLN C 1 34 ? 9.222   15.834  -15.907 1.00   64.82  ? 35 GLN C CD    1 
ATOM   1262 O OE1   . GLN C 1 34 ? 10.376  16.210  -16.091 1.00   65.49  ? 35 GLN C OE1   1 
ATOM   1263 N NE2   . GLN C 1 34 ? 8.415   15.457  -16.902 1.00   66.66  ? 35 GLN C NE2   1 
ATOM   1264 N N     . ILE C 1 35 ? 4.748   14.391  -12.890 1.00   54.14  ? 36 ILE C N     1 
ATOM   1265 C CA    . ILE C 1 35 ? 3.477   13.713  -12.993 1.00   55.36  ? 36 ILE C CA    1 
ATOM   1266 C C     . ILE C 1 35 ? 3.471   13.086  -14.374 1.00   58.62  ? 36 ILE C C     1 
ATOM   1267 O O     . ILE C 1 35 ? 3.359   13.787  -15.379 1.00   62.36  ? 36 ILE C O     1 
ATOM   1268 C CB    . ILE C 1 35 ? 2.253   14.674  -12.845 1.00   51.71  ? 36 ILE C CB    1 
ATOM   1269 C CG1   . ILE C 1 35 ? 2.363   15.562  -11.586 1.00   50.00  ? 36 ILE C CG1   1 
ATOM   1270 C CG2   . ILE C 1 35 ? 0.918   13.903  -13.003 1.00   43.98  ? 36 ILE C CG2   1 
ATOM   1271 C CD1   . ILE C 1 35 ? 1.822   14.984  -10.329 1.00   53.39  ? 36 ILE C CD1   1 
ATOM   1272 N N     . GLU C 1 36 ? 3.627   11.768  -14.415 1.00   60.08  ? 37 GLU C N     1 
ATOM   1273 C CA    . GLU C 1 36 ? 3.480   11.019  -15.648 1.00   61.63  ? 37 GLU C CA    1 
ATOM   1274 C C     . GLU C 1 36 ? 2.000   10.830  -15.984 1.00   60.01  ? 37 GLU C C     1 
ATOM   1275 O O     . GLU C 1 36 ? 1.565   11.163  -17.080 1.00   59.36  ? 37 GLU C O     1 
ATOM   1276 C CB    . GLU C 1 36 ? 4.192   9.683   -15.522 1.00   66.46  ? 37 GLU C CB    1 
ATOM   1277 C CG    . GLU C 1 36 ? 4.019   8.771   -16.713 1.00   73.31  ? 37 GLU C CG    1 
ATOM   1278 C CD    . GLU C 1 36 ? 4.907   7.561   -16.617 1.00   77.91  ? 37 GLU C CD    1 
ATOM   1279 O OE1   . GLU C 1 36 ? 5.926   7.637   -15.888 1.00   79.32  ? 37 GLU C OE1   1 
ATOM   1280 O OE2   . GLU C 1 36 ? 4.583   6.539   -17.261 1.00   80.76  ? 37 GLU C OE2   1 
ATOM   1281 N N     . SER C 1 37 ? 1.245   10.254  -15.049 1.00   59.14  ? 38 SER C N     1 
ATOM   1282 C CA    . SER C 1 37 ? -0.218  10.329  -15.062 1.00   57.18  ? 38 SER C CA    1 
ATOM   1283 C C     . SER C 1 37 ? -0.774  10.271  -13.643 1.00   55.56  ? 38 SER C C     1 
ATOM   1284 O O     . SER C 1 37 ? -0.017  10.381  -12.671 1.00   52.88  ? 38 SER C O     1 
ATOM   1285 C CB    . SER C 1 37 ? -0.846  9.255   -15.952 1.00   58.16  ? 38 SER C CB    1 
ATOM   1286 O OG    . SER C 1 37 ? -0.448  7.971   -15.548 1.00   62.17  ? 38 SER C OG    1 
ATOM   1287 N N     . PHE C 1 38 ? -2.096  10.130  -13.540 1.00   54.76  ? 39 PHE C N     1 
ATOM   1288 C CA    . PHE C 1 38 ? -2.790  10.056  -12.268 1.00   54.07  ? 39 PHE C CA    1 
ATOM   1289 C C     . PHE C 1 38 ? -4.187  9.526   -12.504 1.00   55.93  ? 39 PHE C C     1 
ATOM   1290 O O     . PHE C 1 38 ? -4.661  9.514   -13.637 1.00   56.21  ? 39 PHE C O     1 
ATOM   1291 C CB    . PHE C 1 38 ? -2.836  11.425  -11.560 1.00   58.38  ? 39 PHE C CB    1 
ATOM   1292 C CG    . PHE C 1 38 ? -3.628  12.476  -12.292 1.00   59.42  ? 39 PHE C CG    1 
ATOM   1293 C CD1   . PHE C 1 38 ? -4.986  12.659  -12.021 1.00   61.19  ? 39 PHE C CD1   1 
ATOM   1294 C CD2   . PHE C 1 38 ? -3.012  13.301  -13.237 1.00   60.30  ? 39 PHE C CD2   1 
ATOM   1295 C CE1   . PHE C 1 38 ? -5.735  13.638  -12.696 1.00   62.07  ? 39 PHE C CE1   1 
ATOM   1296 C CE2   . PHE C 1 38 ? -3.743  14.274  -13.924 1.00   61.66  ? 39 PHE C CE2   1 
ATOM   1297 C CZ    . PHE C 1 38 ? -5.111  14.450  -13.647 1.00   60.83  ? 39 PHE C CZ    1 
ATOM   1298 N N     . ASP C 1 39 ? -4.833  9.050   -11.441 1.00   54.94  ? 40 ASP C N     1 
ATOM   1299 C CA    . ASP C 1 39 ? -6.266  8.783   -11.484 1.00   54.53  ? 40 ASP C CA    1 
ATOM   1300 C C     . ASP C 1 39 ? -6.926  9.290   -10.194 1.00   52.47  ? 40 ASP C C     1 
ATOM   1301 O O     . ASP C 1 39 ? -6.384  10.174  -9.538  1.00   51.66  ? 40 ASP C O     1 
ATOM   1302 C CB    . ASP C 1 39 ? -6.569  7.303   -11.807 1.00   56.12  ? 40 ASP C CB    1 
ATOM   1303 C CG    . ASP C 1 39 ? -6.148  6.336   -10.704 1.00   56.23  ? 40 ASP C CG    1 
ATOM   1304 O OD1   . ASP C 1 39 ? -5.651  6.764   -9.642  1.00   58.26  ? 40 ASP C OD1   1 
ATOM   1305 O OD2   . ASP C 1 39 ? -6.327  5.121   -10.912 1.00   56.05  ? 40 ASP C OD2   1 
ATOM   1306 N N     . GLN C 1 40 ? -8.080  8.743   -9.832  1.00   52.81  ? 41 GLN C N     1 
ATOM   1307 C CA    . GLN C 1 40 ? -8.784  9.203   -8.647  1.00   54.41  ? 41 GLN C CA    1 
ATOM   1308 C C     . GLN C 1 40 ? -8.015  8.987   -7.338  1.00   53.38  ? 41 GLN C C     1 
ATOM   1309 O O     . GLN C 1 40 ? -8.161  9.776   -6.400  1.00   55.32  ? 41 GLN C O     1 
ATOM   1310 C CB    . GLN C 1 40 ? -10.157 8.553   -8.552  1.00   57.92  ? 41 GLN C CB    1 
ATOM   1311 C CG    . GLN C 1 40 ? -11.027 9.146   -7.444  1.00   64.70  ? 41 GLN C CG    1 
ATOM   1312 C CD    . GLN C 1 40 ? -12.299 8.371   -7.233  1.00   68.01  ? 41 GLN C CD    1 
ATOM   1313 O OE1   . GLN C 1 40 ? -12.337 7.154   -7.421  1.00   72.13  ? 41 GLN C OE1   1 
ATOM   1314 N NE2   . GLN C 1 40 ? -13.358 9.069   -6.845  1.00   69.91  ? 41 GLN C NE2   1 
ATOM   1315 N N     . PHE C 1 41 ? -7.200  7.936   -7.276  1.00   49.58  ? 42 PHE C N     1 
ATOM   1316 C CA    . PHE C 1 41 ? -6.535  7.580   -6.025  1.00   48.57  ? 42 PHE C CA    1 
ATOM   1317 C C     . PHE C 1 41 ? -5.008  7.639   -6.021  1.00   46.79  ? 42 PHE C C     1 
ATOM   1318 O O     . PHE C 1 41 ? -4.411  7.772   -4.960  1.00   49.62  ? 42 PHE C O     1 
ATOM   1319 C CB    . PHE C 1 41 ? -7.042  6.226   -5.499  1.00   51.78  ? 42 PHE C CB    1 
ATOM   1320 C CG    . PHE C 1 41 ? -8.502  6.233   -5.110  1.00   51.28  ? 42 PHE C CG    1 
ATOM   1321 C CD1   . PHE C 1 41 ? -9.420  5.479   -5.818  1.00   52.61  ? 42 PHE C CD1   1 
ATOM   1322 C CD2   . PHE C 1 41 ? -8.953  7.017   -4.040  1.00   52.34  ? 42 PHE C CD2   1 
ATOM   1323 C CE1   . PHE C 1 41 ? -10.780 5.482   -5.456  1.00   55.26  ? 42 PHE C CE1   1 
ATOM   1324 C CE2   . PHE C 1 41 ? -10.302 7.037   -3.669  1.00   52.29  ? 42 PHE C CE2   1 
ATOM   1325 C CZ    . PHE C 1 41 ? -11.220 6.265   -4.379  1.00   53.00  ? 42 PHE C CZ    1 
ATOM   1326 N N     . VAL C 1 42 ? -4.375  7.541   -7.186  1.00   43.30  ? 43 VAL C N     1 
ATOM   1327 C CA    . VAL C 1 42 ? -2.917  7.530   -7.240  1.00   40.97  ? 43 VAL C CA    1 
ATOM   1328 C C     . VAL C 1 42 ? -2.345  8.529   -8.237  1.00   42.56  ? 43 VAL C C     1 
ATOM   1329 O O     . VAL C 1 42 ? -3.003  8.938   -9.185  1.00   44.05  ? 43 VAL C O     1 
ATOM   1330 C CB    . VAL C 1 42 ? -2.332  6.102   -7.553  1.00   41.43  ? 43 VAL C CB    1 
ATOM   1331 C CG1   . VAL C 1 42 ? -2.914  5.040   -6.620  1.00   35.85  ? 43 VAL C CG1   1 
ATOM   1332 C CG2   . VAL C 1 42 ? -2.541  5.729   -9.034  1.00   35.68  ? 43 VAL C CG2   1 
ATOM   1333 N N     . ILE C 1 43 ? -1.098  8.903   -8.002  1.00   43.33  ? 44 ILE C N     1 
ATOM   1334 C CA    . ILE C 1 43 ? -0.306  9.641   -8.959  1.00   44.80  ? 44 ILE C CA    1 
ATOM   1335 C C     . ILE C 1 43 ? 0.923   8.817   -9.383  1.00   45.65  ? 44 ILE C C     1 
ATOM   1336 O O     . ILE C 1 43 ? 1.644   8.300   -8.549  1.00   46.28  ? 44 ILE C O     1 
ATOM   1337 C CB    . ILE C 1 43 ? 0.146   11.002  -8.361  1.00   43.51  ? 44 ILE C CB    1 
ATOM   1338 C CG1   . ILE C 1 43 ? -1.067  11.899  -8.104  1.00   39.47  ? 44 ILE C CG1   1 
ATOM   1339 C CG2   . ILE C 1 43 ? 1.207   11.658  -9.257  1.00   43.71  ? 44 ILE C CG2   1 
ATOM   1340 C CD1   . ILE C 1 43 ? -0.767  13.116  -7.284  1.00   39.06  ? 44 ILE C CD1   1 
ATOM   1341 N N     . LEU C 1 44 ? 1.154   8.704   -10.687 1.00   51.71  ? 45 LEU C N     1 
ATOM   1342 C CA    . LEU C 1 44 ? 2.387   8.125   -11.200 1.00   51.41  ? 45 LEU C CA    1 
ATOM   1343 C C     . LEU C 1 44 ? 3.476   9.181   -11.308 1.00   50.10  ? 45 LEU C C     1 
ATOM   1344 O O     . LEU C 1 44 ? 3.367   10.131  -12.081 1.00   53.30  ? 45 LEU C O     1 
ATOM   1345 C CB    . LEU C 1 44 ? 2.149   7.495   -12.558 1.00   57.96  ? 45 LEU C CB    1 
ATOM   1346 C CG    . LEU C 1 44 ? 2.785   6.117   -12.691 1.00   63.23  ? 45 LEU C CG    1 
ATOM   1347 C CD1   . LEU C 1 44 ? 1.728   5.079   -12.319 1.00   65.57  ? 45 LEU C CD1   1 
ATOM   1348 C CD2   . LEU C 1 44 ? 3.299   5.890   -14.105 1.00   64.50  ? 45 LEU C CD2   1 
ATOM   1349 N N     . LEU C 1 45 ? 4.527   9.009   -10.526 1.00   47.42  ? 46 LEU C N     1 
ATOM   1350 C CA    . LEU C 1 45 ? 5.613   9.960   -10.481 1.00   48.51  ? 46 LEU C CA    1 
ATOM   1351 C C     . LEU C 1 45 ? 6.868   9.422   -11.203 1.00   55.44  ? 46 LEU C C     1 
ATOM   1352 O O     . LEU C 1 45 ? 7.556   8.518   -10.704 1.00   55.90  ? 46 LEU C O     1 
ATOM   1353 C CB    . LEU C 1 45 ? 5.917   10.335  -9.025  1.00   40.22  ? 46 LEU C CB    1 
ATOM   1354 C CG    . LEU C 1 45 ? 6.923   11.465  -8.799  1.00   40.27  ? 46 LEU C CG    1 
ATOM   1355 C CD1   . LEU C 1 45 ? 6.405   12.867  -9.213  1.00   34.68  ? 46 LEU C CD1   1 
ATOM   1356 C CD2   . LEU C 1 45 ? 7.365   11.428  -7.382  1.00   37.35  ? 46 LEU C CD2   1 
ATOM   1357 N N     . LYS C 1 46 ? 7.148   9.976   -12.382 1.00   61.18  ? 47 LYS C N     1 
ATOM   1358 C CA    . LYS C 1 46 ? 8.354   9.623   -13.139 1.00   66.15  ? 47 LYS C CA    1 
ATOM   1359 C C     . LYS C 1 46 ? 9.595   10.400  -12.700 1.00   65.87  ? 47 LYS C C     1 
ATOM   1360 O O     . LYS C 1 46 ? 9.565   11.615  -12.507 1.00   64.77  ? 47 LYS C O     1 
ATOM   1361 C CB    . LYS C 1 46 ? 8.146   9.797   -14.646 1.00   70.96  ? 47 LYS C CB    1 
ATOM   1362 C CG    . LYS C 1 46 ? 9.155   9.014   -15.480 1.00   75.70  ? 47 LYS C CG    1 
ATOM   1363 C CD    . LYS C 1 46 ? 9.438   9.690   -16.809 1.00   79.03  ? 47 LYS C CD    1 
ATOM   1364 C CE    . LYS C 1 46 ? 10.906  9.501   -17.216 1.00   81.69  ? 47 LYS C CE    1 
ATOM   1365 N NZ    . LYS C 1 46 ? 11.838  10.367  -16.417 1.00   81.99  ? 47 LYS C NZ    1 
ATOM   1366 N N     . ASN C 1 47 ? 10.680  9.666   -12.531 1.00   67.12  ? 48 ASN C N     1 
ATOM   1367 C CA    . ASN C 1 47 ? 12.003  10.236  -12.371 1.00   72.80  ? 48 ASN C CA    1 
ATOM   1368 C C     . ASN C 1 47 ? 12.970  9.180   -12.920 1.00   75.06  ? 48 ASN C C     1 
ATOM   1369 O O     . ASN C 1 47 ? 12.973  8.926   -14.131 1.00   76.83  ? 48 ASN C O     1 
ATOM   1370 C CB    . ASN C 1 47 ? 12.280  10.596  -10.913 1.00   72.53  ? 48 ASN C CB    1 
ATOM   1371 C CG    . ASN C 1 47 ? 13.548  11.409  -10.738 1.00   74.95  ? 48 ASN C CG    1 
ATOM   1372 O OD1   . ASN C 1 47 ? 14.607  11.070  -11.277 1.00   77.69  ? 48 ASN C OD1   1 
ATOM   1373 N ND2   . ASN C 1 47 ? 13.455  12.478  -9.963  1.00   74.96  ? 48 ASN C ND2   1 
ATOM   1374 N N     . THR C 1 48 ? 13.760  8.547   -12.059 1.00   75.60  ? 49 THR C N     1 
ATOM   1375 C CA    . THR C 1 48 ? 14.544  7.396   -12.493 1.00   79.19  ? 49 THR C CA    1 
ATOM   1376 C C     . THR C 1 48 ? 13.631  6.197   -12.802 1.00   79.13  ? 49 THR C C     1 
ATOM   1377 O O     . THR C 1 48 ? 13.856  5.471   -13.775 1.00   79.90  ? 49 THR C O     1 
ATOM   1378 C CB    . THR C 1 48 ? 15.681  7.036   -11.515 1.00   80.70  ? 49 THR C CB    1 
ATOM   1379 O OG1   . THR C 1 48 ? 15.928  5.629   -11.586 1.00   83.75  ? 49 THR C OG1   1 
ATOM   1380 C CG2   . THR C 1 48 ? 15.323  7.414   -10.076 1.00   82.93  ? 49 THR C CG2   1 
ATOM   1381 N N     . VAL C 1 49 ? 12.597  6.006   -11.980 1.00   79.46  ? 50 VAL C N     1 
ATOM   1382 C CA    . VAL C 1 49 ? 11.493  5.075   -12.302 1.00   76.26  ? 50 VAL C CA    1 
ATOM   1383 C C     . VAL C 1 49 ? 10.115  5.732   -12.240 1.00   72.28  ? 50 VAL C C     1 
ATOM   1384 O O     . VAL C 1 49 ? 9.961   6.849   -11.766 1.00   71.26  ? 50 VAL C O     1 
ATOM   1385 C CB    . VAL C 1 49 ? 11.462  3.798   -11.397 1.00   77.33  ? 50 VAL C CB    1 
ATOM   1386 C CG1   . VAL C 1 49 ? 11.610  2.535   -12.242 1.00   76.97  ? 50 VAL C CG1   1 
ATOM   1387 C CG2   . VAL C 1 49 ? 12.480  3.876   -10.237 1.00   76.68  ? 50 VAL C CG2   1 
ATOM   1388 N N     . SER C 1 50 ? 9.117   5.022   -12.746 1.00   70.61  ? 51 SER C N     1 
ATOM   1389 C CA    . SER C 1 50 ? 7.735   5.354   -12.490 1.00   68.78  ? 51 SER C CA    1 
ATOM   1390 C C     . SER C 1 50 ? 7.257   4.633   -11.227 1.00   65.35  ? 51 SER C C     1 
ATOM   1391 O O     . SER C 1 50 ? 7.023   3.419   -11.242 1.00   65.32  ? 51 SER C O     1 
ATOM   1392 C CB    . SER C 1 50 ? 6.862   4.971   -13.681 1.00   70.31  ? 51 SER C CB    1 
ATOM   1393 O OG    . SER C 1 50 ? 7.169   5.792   -14.781 1.00   75.42  ? 51 SER C OG    1 
ATOM   1394 N N     . GLN C 1 51 ? 7.135   5.383   -10.133 1.00   61.49  ? 52 GLN C N     1 
ATOM   1395 C CA    . GLN C 1 51 ? 6.509   4.864   -8.918  1.00   56.30  ? 52 GLN C CA    1 
ATOM   1396 C C     . GLN C 1 51 ? 5.062   5.334   -8.800  1.00   53.29  ? 52 GLN C C     1 
ATOM   1397 O O     . GLN C 1 51 ? 4.705   6.410   -9.282  1.00   51.43  ? 52 GLN C O     1 
ATOM   1398 C CB    . GLN C 1 51 ? 7.310   5.226   -7.669  1.00   55.31  ? 52 GLN C CB    1 
ATOM   1399 C CG    . GLN C 1 51 ? 7.381   6.707   -7.336  1.00   54.35  ? 52 GLN C CG    1 
ATOM   1400 C CD    . GLN C 1 51 ? 8.236   6.967   -6.116  1.00   56.78  ? 52 GLN C CD    1 
ATOM   1401 O OE1   . GLN C 1 51 ? 7.983   6.418   -5.043  1.00   60.87  ? 52 GLN C OE1   1 
ATOM   1402 N NE2   . GLN C 1 51 ? 9.261   7.799   -6.268  1.00   54.75  ? 52 GLN C NE2   1 
ATOM   1403 N N     . MET C 1 52 ? 4.241   4.499   -8.171  1.00   50.60  ? 53 MET C N     1 
ATOM   1404 C CA    . MET C 1 52 ? 2.868   4.838   -7.855  1.00   48.62  ? 53 MET C CA    1 
ATOM   1405 C C     . MET C 1 52 ? 2.764   5.414   -6.434  1.00   46.52  ? 53 MET C C     1 
ATOM   1406 O O     . MET C 1 52 ? 3.115   4.749   -5.459  1.00   47.38  ? 53 MET C O     1 
ATOM   1407 C CB    . MET C 1 52 ? 1.977   3.616   -8.003  1.00   45.76  ? 53 MET C CB    1 
ATOM   1408 C CG    . MET C 1 52 ? 0.530   3.917   -7.873  1.00   46.43  ? 53 MET C CG    1 
ATOM   1409 S SD    . MET C 1 52 ? -0.451  2.456   -8.121  1.00   51.00  ? 53 MET C SD    1 
ATOM   1410 C CE    . MET C 1 52 ? 0.006   1.537   -6.657  1.00   53.38  ? 53 MET C CE    1 
ATOM   1411 N N     . VAL C 1 53 ? 2.271   6.647   -6.347  1.00   43.01  ? 54 VAL C N     1 
ATOM   1412 C CA    . VAL C 1 53 ? 2.123   7.377   -5.098  1.00   41.46  ? 54 VAL C CA    1 
ATOM   1413 C C     . VAL C 1 53 ? 0.639   7.462   -4.758  1.00   39.88  ? 54 VAL C C     1 
ATOM   1414 O O     . VAL C 1 53 ? -0.152  7.972   -5.539  1.00   40.70  ? 54 VAL C O     1 
ATOM   1415 C CB    . VAL C 1 53 ? 2.701   8.799   -5.234  1.00   43.81  ? 54 VAL C CB    1 
ATOM   1416 C CG1   . VAL C 1 53 ? 2.830   9.488   -3.864  1.00   43.24  ? 54 VAL C CG1   1 
ATOM   1417 C CG2   . VAL C 1 53 ? 4.057   8.774   -5.974  1.00   39.60  ? 54 VAL C CG2   1 
ATOM   1418 N N     . TYR C 1 54 ? 0.254   6.920   -3.607  1.00   39.89  ? 55 TYR C N     1 
ATOM   1419 C CA    . TYR C 1 54 ? -1.132  7.019   -3.140  1.00   36.76  ? 55 TYR C CA    1 
ATOM   1420 C C     . TYR C 1 54 ? -1.435  8.445   -2.689  1.00   35.26  ? 55 TYR C C     1 
ATOM   1421 O O     . TYR C 1 54 ? -0.700  9.004   -1.896  1.00   36.04  ? 55 TYR C O     1 
ATOM   1422 C CB    . TYR C 1 54 ? -1.394  6.012   -2.014  1.00   34.66  ? 55 TYR C CB    1 
ATOM   1423 C CG    . TYR C 1 54 ? -1.664  4.624   -2.544  1.00   35.28  ? 55 TYR C CG    1 
ATOM   1424 C CD1   . TYR C 1 54 ? -2.927  4.268   -3.007  1.00   31.65  ? 55 TYR C CD1   1 
ATOM   1425 C CD2   . TYR C 1 54 ? -0.635  3.686   -2.636  1.00   35.11  ? 55 TYR C CD2   1 
ATOM   1426 C CE1   . TYR C 1 54 ? -3.165  2.993   -3.513  1.00   32.90  ? 55 TYR C CE1   1 
ATOM   1427 C CE2   . TYR C 1 54 ? -0.853  2.429   -3.129  1.00   36.17  ? 55 TYR C CE2   1 
ATOM   1428 C CZ    . TYR C 1 54 ? -2.126  2.084   -3.561  1.00   35.79  ? 55 TYR C CZ    1 
ATOM   1429 O OH    . TYR C 1 54 ? -2.321  0.828   -4.063  1.00   36.15  ? 55 TYR C OH    1 
ATOM   1430 N N     . LYS C 1 55 ? -2.508  9.030   -3.205  1.00   36.44  ? 56 LYS C N     1 
ATOM   1431 C CA    . LYS C 1 55 ? -2.905  10.389  -2.812  1.00   39.66  ? 56 LYS C CA    1 
ATOM   1432 C C     . LYS C 1 55 ? -3.164  10.554  -1.310  1.00   41.45  ? 56 LYS C C     1 
ATOM   1433 O O     . LYS C 1 55 ? -2.909  11.626  -0.766  1.00   41.40  ? 56 LYS C O     1 
ATOM   1434 C CB    . LYS C 1 55 ? -4.130  10.848  -3.600  1.00   38.56  ? 56 LYS C CB    1 
ATOM   1435 C CG    . LYS C 1 55 ? -3.862  11.126  -5.075  1.00   38.91  ? 56 LYS C CG    1 
ATOM   1436 C CD    . LYS C 1 55 ? -5.186  11.273  -5.807  1.00   40.96  ? 56 LYS C CD    1 
ATOM   1437 C CE    . LYS C 1 55 ? -5.009  11.951  -7.145  1.00   45.38  ? 56 LYS C CE    1 
ATOM   1438 N NZ    . LYS C 1 55 ? -6.331  12.466  -7.652  1.00   46.10  ? 56 LYS C NZ    1 
ATOM   1439 N N     . HIS C 1 56 ? -3.656  9.495   -0.650  1.00   39.77  ? 57 HIS C N     1 
ATOM   1440 C CA    . HIS C 1 56 ? -3.920  9.533   0.798   1.00   37.09  ? 57 HIS C CA    1 
ATOM   1441 C C     . HIS C 1 56 ? -2.651  9.753   1.612   1.00   39.21  ? 57 HIS C C     1 
ATOM   1442 O O     . HIS C 1 56 ? -2.719  10.130  2.782   1.00   39.70  ? 57 HIS C O     1 
ATOM   1443 C CB    . HIS C 1 56 ? -4.694  8.283   1.282   1.00   32.13  ? 57 HIS C CB    1 
ATOM   1444 C CG    . HIS C 1 56 ? -3.960  6.985   1.105   1.00   31.42  ? 57 HIS C CG    1 
ATOM   1445 N ND1   . HIS C 1 56 ? -4.471  5.943   0.360   1.00   28.71  ? 57 HIS C ND1   1 
ATOM   1446 C CD2   . HIS C 1 56 ? -2.771  6.549   1.592   1.00   29.32  ? 57 HIS C CD2   1 
ATOM   1447 C CE1   . HIS C 1 56 ? -3.633  4.924   0.395   1.00   28.80  ? 57 HIS C CE1   1 
ATOM   1448 N NE2   . HIS C 1 56 ? -2.589  5.269   1.130   1.00   30.72  ? 57 HIS C NE2   1 
ATOM   1449 N N     . ALA C 1 57 ? -1.495  9.521   0.986   1.00   37.78  ? 58 ALA C N     1 
ATOM   1450 C CA    . ALA C 1 57 ? -0.205  9.702   1.658   1.00   36.32  ? 58 ALA C CA    1 
ATOM   1451 C C     . ALA C 1 57 ? 0.434   11.062  1.369   1.00   36.16  ? 58 ALA C C     1 
ATOM   1452 O O     . ALA C 1 57 ? 1.443   11.406  1.953   1.00   39.45  ? 58 ALA C O     1 
ATOM   1453 C CB    . ALA C 1 57 ? 0.746   8.586   1.273   1.00   34.33  ? 58 ALA C CB    1 
ATOM   1454 N N     . ILE C 1 58 ? -0.165  11.830  0.472   1.00   35.52  ? 59 ILE C N     1 
ATOM   1455 C CA    . ILE C 1 58 ? 0.353   13.129  0.080   1.00   38.89  ? 59 ILE C CA    1 
ATOM   1456 C C     . ILE C 1 58 ? -0.225  14.276  0.938   1.00   37.03  ? 59 ILE C C     1 
ATOM   1457 O O     . ILE C 1 58 ? -1.428  14.324  1.130   1.00   38.31  ? 59 ILE C O     1 
ATOM   1458 C CB    . ILE C 1 58 ? 0.024   13.375  -1.431  1.00   40.10  ? 59 ILE C CB    1 
ATOM   1459 C CG1   . ILE C 1 58 ? 0.625   12.248  -2.299  1.00   41.30  ? 59 ILE C CG1   1 
ATOM   1460 C CG2   . ILE C 1 58 ? 0.490   14.743  -1.861  1.00   41.11  ? 59 ILE C CG2   1 
ATOM   1461 C CD1   . ILE C 1 58 ? 0.271   12.292  -3.812  1.00   39.44  ? 59 ILE C CD1   1 
ATOM   1462 N N     . SER C 1 59 ? 0.628   15.178  1.441   1.00   38.92  ? 60 SER C N     1 
ATOM   1463 C CA    . SER C 1 59 ? 0.188   16.477  1.994   1.00   44.69  ? 60 SER C CA    1 
ATOM   1464 C C     . SER C 1 59 ? 0.004   17.510  0.887   1.00   47.21  ? 60 SER C C     1 
ATOM   1465 O O     . SER C 1 59 ? -1.070  18.087  0.747   1.00   44.18  ? 60 SER C O     1 
ATOM   1466 C CB    . SER C 1 59 ? 1.187   17.094  2.982   1.00   47.68  ? 60 SER C CB    1 
ATOM   1467 O OG    . SER C 1 59 ? 2.102   16.168  3.512   1.00   53.61  ? 60 SER C OG    1 
ATOM   1468 N N     . THR C 1 60 ? 1.083   17.766  0.138   1.00   49.54  ? 61 THR C N     1 
ATOM   1469 C CA    . THR C 1 60 ? 1.096   18.794  -0.917  1.00   51.30  ? 61 THR C CA    1 
ATOM   1470 C C     . THR C 1 60 ? 1.794   18.373  -2.219  1.00   51.12  ? 61 THR C C     1 
ATOM   1471 O O     . THR C 1 60 ? 2.711   17.544  -2.216  1.00   49.96  ? 61 THR C O     1 
ATOM   1472 C CB    . THR C 1 60 ? 1.758   20.106  -0.438  1.00   52.40  ? 61 THR C CB    1 
ATOM   1473 O OG1   . THR C 1 60 ? 3.148   19.875  -0.231  1.00   54.45  ? 61 THR C OG1   1 
ATOM   1474 C CG2   . THR C 1 60 ? 1.138   20.614  0.872   1.00   50.79  ? 61 THR C CG2   1 
ATOM   1475 N N     . VAL C 1 61 ? 1.318   18.942  -3.328  1.00   50.99  ? 62 VAL C N     1 
ATOM   1476 C CA    . VAL C 1 61 ? 2.022   18.908  -4.606  1.00   48.58  ? 62 VAL C CA    1 
ATOM   1477 C C     . VAL C 1 61 ? 2.473   20.332  -4.978  1.00   52.37  ? 62 VAL C C     1 
ATOM   1478 O O     . VAL C 1 61 ? 1.647   21.185  -5.327  1.00   51.88  ? 62 VAL C O     1 
ATOM   1479 C CB    . VAL C 1 61 ? 1.160   18.334  -5.729  1.00   46.97  ? 62 VAL C CB    1 
ATOM   1480 C CG1   . VAL C 1 61 ? 2.007   18.175  -6.990  1.00   47.03  ? 62 VAL C CG1   1 
ATOM   1481 C CG2   . VAL C 1 61 ? 0.558   16.999  -5.317  1.00   45.47  ? 62 VAL C CG2   1 
ATOM   1482 N N     . VAL C 1 62 ? 3.782   20.566  -4.890  1.00   52.71  ? 63 VAL C N     1 
ATOM   1483 C CA    . VAL C 1 62 ? 4.387   21.867  -5.146  1.00   57.87  ? 63 VAL C CA    1 
ATOM   1484 C C     . VAL C 1 62 ? 5.061   21.942  -6.541  1.00   61.90  ? 63 VAL C C     1 
ATOM   1485 O O     . VAL C 1 62 ? 6.070   21.269  -6.773  1.00   62.55  ? 63 VAL C O     1 
ATOM   1486 C CB    . VAL C 1 62 ? 5.459   22.182  -4.073  1.00   57.55  ? 63 VAL C CB    1 
ATOM   1487 C CG1   . VAL C 1 62 ? 5.858   23.652  -4.107  1.00   55.15  ? 63 VAL C CG1   1 
ATOM   1488 C CG2   . VAL C 1 62 ? 4.966   21.791  -2.678  1.00   58.76  ? 63 VAL C CG2   1 
ATOM   1489 N N     . PRO C 1 63 ? 4.506   22.756  -7.470  1.00   64.68  ? 64 PRO C N     1 
ATOM   1490 C CA    . PRO C 1 63 ? 5.245   23.113  -8.695  1.00   67.38  ? 64 PRO C CA    1 
ATOM   1491 C C     . PRO C 1 63 ? 6.584   23.819  -8.423  1.00   71.87  ? 64 PRO C C     1 
ATOM   1492 O O     . PRO C 1 63 ? 6.655   24.715  -7.569  1.00   72.23  ? 64 PRO C O     1 
ATOM   1493 C CB    . PRO C 1 63 ? 4.293   24.077  -9.411  1.00   64.52  ? 64 PRO C CB    1 
ATOM   1494 C CG    . PRO C 1 63 ? 2.946   23.773  -8.869  1.00   64.00  ? 64 PRO C CG    1 
ATOM   1495 C CD    . PRO C 1 63 ? 3.156   23.357  -7.451  1.00   64.11  ? 64 PRO C CD    1 
ATOM   1496 N N     . SER C 1 64 ? 7.631   23.411  -9.142  1.00   77.17  ? 65 SER C N     1 
ATOM   1497 C CA    . SER C 1 64 ? 8.935   24.104  -9.107  1.00   83.34  ? 65 SER C CA    1 
ATOM   1498 C C     . SER C 1 64 ? 8.872   25.498  -9.761  1.00   86.84  ? 65 SER C C     1 
ATOM   1499 O O     . SER C 1 64 ? 9.551   26.434  -9.326  1.00   87.87  ? 65 SER C O     1 
ATOM   1500 C CB    . SER C 1 64 ? 10.011  23.263  -9.796  1.00   81.96  ? 65 SER C CB    1 
ATOM   1501 O OG    . SER C 1 64 ? 9.680   23.076  -11.164 1.00   81.47  ? 65 SER C OG    1 
ATOM   1502 N N     . ARG C 1 65 ? 8.065   25.616  -10.814 1.00   90.65  ? 66 ARG C N     1 
ATOM   1503 C CA    . ARG C 1 65 ? 7.783   26.896  -11.458 1.00   93.93  ? 66 ARG C CA    1 
ATOM   1504 C C     . ARG C 1 65 ? 6.267   27.153  -11.402 1.00   97.19  ? 66 ARG C C     1 
ATOM   1505 O O     . ARG C 1 65 ? 5.480   26.200  -11.497 1.00   96.44  ? 66 ARG C O     1 
ATOM   1506 C CB    . ARG C 1 65 ? 8.307   26.905  -12.908 1.00   94.11  ? 66 ARG C CB    1 
ATOM   1507 C CG    . ARG C 1 65 ? 7.431   26.164  -13.936 1.00   93.70  ? 66 ARG C CG    1 
ATOM   1508 C CD    . ARG C 1 65 ? 7.991   26.263  -15.344 1.00   92.43  ? 66 ARG C CD    1 
ATOM   1509 N NE    . ARG C 1 65 ? 8.737   25.064  -15.713 1.00   91.32  ? 66 ARG C NE    1 
ATOM   1510 C CZ    . ARG C 1 65 ? 8.341   24.175  -16.623 1.00   90.93  ? 66 ARG C CZ    1 
ATOM   1511 N NH1   . ARG C 1 65 ? 7.197   24.345  -17.284 1.00   89.70  ? 66 ARG C NH1   1 
ATOM   1512 N NH2   . ARG C 1 65 ? 9.096   23.113  -16.880 1.00   90.15  ? 66 ARG C NH2   1 
ATOM   1513 N N     . PRO C 1 66 ? 5.848   28.431  -11.236 1.00   99.84  ? 67 PRO C N     1 
ATOM   1514 C CA    . PRO C 1 66 ? 4.408   28.738  -11.152 1.00   100.95 ? 67 PRO C CA    1 
ATOM   1515 C C     . PRO C 1 66 ? 3.597   28.140  -12.314 1.00   101.67 ? 67 PRO C C     1 
ATOM   1516 O O     . PRO C 1 66 ? 2.647   27.368  -12.092 1.00   101.47 ? 67 PRO C O     1 
ATOM   1517 C CB    . PRO C 1 66 ? 4.375   30.275  -11.192 1.00   100.87 ? 67 PRO C CB    1 
ATOM   1518 C CG    . PRO C 1 66 ? 5.694   30.683  -10.596 1.00   100.30 ? 67 PRO C CG    1 
ATOM   1519 C CD    . PRO C 1 66 ? 6.673   29.653  -11.107 1.00   100.31 ? 67 PRO C CD    1 
ATOM   1520 O OP3   . A   D 2 1  ? 11.785  24.110  6.679   0.83   72.21  ? 1  A   H OP3   1 
ATOM   1521 P P     . A   D 2 1  ? 11.585  22.862  5.898   0.83   75.10  ? 1  A   H P     1 
ATOM   1522 O OP1   . A   D 2 1  ? 12.671  21.909  6.249   0.83   76.18  ? 1  A   H OP1   1 
ATOM   1523 O OP2   . A   D 2 1  ? 11.401  23.225  4.471   0.83   72.83  ? 1  A   H OP2   1 
ATOM   1524 O "O5'" . A   D 2 1  ? 10.221  22.226  6.434   0.83   72.92  ? 1  A   H "O5'" 1 
ATOM   1525 C "C5'" . A   D 2 1  ? 10.275  21.146  7.365   0.83   68.76  ? 1  A   H "C5'" 1 
ATOM   1526 C "C4'" . A   D 2 1  ? 9.419   20.013  6.852   0.83   65.60  ? 1  A   H "C4'" 1 
ATOM   1527 O "O4'" . A   D 2 1  ? 8.393   20.615  6.030   0.83   61.84  ? 1  A   H "O4'" 1 
ATOM   1528 C "C3'" . A   D 2 1  ? 10.149  18.982  5.997   0.83   65.45  ? 1  A   H "C3'" 1 
ATOM   1529 O "O3'" . A   D 2 1  ? 9.933   17.656  6.510   0.83   69.06  ? 1  A   H "O3'" 1 
ATOM   1530 C "C2'" . A   D 2 1  ? 9.557   19.172  4.597   0.83   62.94  ? 1  A   H "C2'" 1 
ATOM   1531 O "O2'" . A   D 2 1  ? 9.383   17.935  3.939   0.83   61.76  ? 1  A   H "O2'" 1 
ATOM   1532 C "C1'" . A   D 2 1  ? 8.203   19.829  4.882   0.83   59.27  ? 1  A   H "C1'" 1 
ATOM   1533 N N9    . A   D 2 1  ? 7.675   20.747  3.870   0.83   58.46  ? 1  A   H N9    1 
ATOM   1534 C C8    . A   D 2 1  ? 8.309   21.821  3.305   0.83   57.14  ? 1  A   H C8    1 
ATOM   1535 N N7    . A   D 2 1  ? 7.584   22.474  2.436   0.83   56.69  ? 1  A   H N7    1 
ATOM   1536 C C5    . A   D 2 1  ? 6.387   21.786  2.426   0.83   56.16  ? 1  A   H C5    1 
ATOM   1537 C C6    . A   D 2 1  ? 5.189   21.970  1.708   0.83   57.60  ? 1  A   H C6    1 
ATOM   1538 N N6    . A   D 2 1  ? 5.008   22.962  0.823   0.83   56.90  ? 1  A   H N6    1 
ATOM   1539 N N1    . A   D 2 1  ? 4.178   21.087  1.937   0.83   57.02  ? 1  A   H N1    1 
ATOM   1540 C C2    . A   D 2 1  ? 4.347   20.106  2.828   0.83   56.22  ? 1  A   H C2    1 
ATOM   1541 N N3    . A   D 2 1  ? 5.422   19.838  3.564   0.83   56.35  ? 1  A   H N3    1 
ATOM   1542 C C4    . A   D 2 1  ? 6.415   20.722  3.315   0.83   57.73  ? 1  A   H C4    1 
ATOM   1543 P P     . A   D 2 2  ? 10.847  17.009  7.677   0.83   74.62  ? 2  A   H P     1 
ATOM   1544 O OP1   . A   D 2 2  ? 10.112  15.874  8.287   0.83   73.06  ? 2  A   H OP1   1 
ATOM   1545 O OP2   . A   D 2 2  ? 11.318  18.114  8.545   0.83   73.45  ? 2  A   H OP2   1 
ATOM   1546 O "O5'" . A   D 2 2  ? 12.117  16.406  6.901   0.83   75.85  ? 2  A   H "O5'" 1 
ATOM   1547 C "C5'" . A   D 2 2  ? 11.979  15.397  5.904   0.83   78.12  ? 2  A   H "C5'" 1 
ATOM   1548 C "C4'" . A   D 2 2  ? 13.342  14.990  5.376   0.83   80.46  ? 2  A   H "C4'" 1 
ATOM   1549 O "O4'" . A   D 2 2  ? 14.261  14.888  6.492   0.83   83.47  ? 2  A   H "O4'" 1 
ATOM   1550 C "C3'" . A   D 2 2  ? 13.403  13.629  4.682   0.83   80.97  ? 2  A   H "C3'" 1 
ATOM   1551 O "O3'" . A   D 2 2  ? 14.322  13.676  3.594   0.83   76.59  ? 2  A   H "O3'" 1 
ATOM   1552 C "C2'" . A   D 2 2  ? 13.903  12.693  5.782   0.83   83.85  ? 2  A   H "C2'" 1 
ATOM   1553 O "O2'" . A   D 2 2  ? 14.522  11.522  5.277   0.83   85.00  ? 2  A   H "O2'" 1 
ATOM   1554 C "C1'" . A   D 2 2  ? 14.907  13.627  6.449   0.83   86.79  ? 2  A   H "C1'" 1 
ATOM   1555 N N9    . A   D 2 2  ? 15.341  13.254  7.798   0.83   88.50  ? 2  A   H N9    1 
ATOM   1556 C C8    . A   D 2 2  ? 14.587  12.728  8.821   0.83   88.96  ? 2  A   H C8    1 
ATOM   1557 N N7    . A   D 2 2  ? 15.272  12.500  9.918   0.83   89.23  ? 2  A   H N7    1 
ATOM   1558 C C5    . A   D 2 2  ? 16.563  12.910  9.594   0.83   89.45  ? 2  A   H C5    1 
ATOM   1559 C C6    . A   D 2 2  ? 17.776  12.938  10.325  0.83   88.69  ? 2  A   H C6    1 
ATOM   1560 N N6    . A   D 2 2  ? 17.870  12.520  11.590  0.83   88.65  ? 2  A   H N6    1 
ATOM   1561 N N1    . A   D 2 2  ? 18.890  13.410  9.709   0.83   88.63  ? 2  A   H N1    1 
ATOM   1562 C C2    . A   D 2 2  ? 18.797  13.835  8.437   0.83   88.89  ? 2  A   H C2    1 
ATOM   1563 N N3    . A   D 2 2  ? 17.715  13.861  7.650   0.83   89.06  ? 2  A   H N3    1 
ATOM   1564 C C4    . A   D 2 2  ? 16.623  13.381  8.291   0.83   89.24  ? 2  A   H C4    1 
ATOM   1565 P P     . A   D 2 3  ? 13.801  13.880  2.096   0.83   73.45  ? 3  A   H P     1 
ATOM   1566 O OP1   . A   D 2 3  ? 14.856  14.555  1.304   0.83   74.26  ? 3  A   H OP1   1 
ATOM   1567 O OP2   . A   D 2 3  ? 12.471  14.532  2.182   0.83   74.42  ? 3  A   H OP2   1 
ATOM   1568 O "O5'" . A   D 2 3  ? 13.637  12.383  1.571   0.83   68.90  ? 3  A   H "O5'" 1 
ATOM   1569 C "C5'" . A   D 2 3  ? 14.025  12.060  0.263   0.83   68.01  ? 3  A   H "C5'" 1 
ATOM   1570 C "C4'" . A   D 2 3  ? 13.844  10.576  0.035   0.83   67.32  ? 3  A   H "C4'" 1 
ATOM   1571 O "O4'" . A   D 2 3  ? 12.936  10.389  -1.067  0.83   64.62  ? 3  A   H "O4'" 1 
ATOM   1572 C "C3'" . A   D 2 3  ? 15.105  9.800   -0.332  0.83   68.39  ? 3  A   H "C3'" 1 
ATOM   1573 O "O3'" . A   D 2 3  ? 15.043  8.501   0.251   0.83   70.16  ? 3  A   H "O3'" 1 
ATOM   1574 C "C2'" . A   D 2 3  ? 15.055  9.711   -1.852  0.83   67.69  ? 3  A   H "C2'" 1 
ATOM   1575 O "O2'" . A   D 2 3  ? 15.677  8.529   -2.338  0.83   71.04  ? 3  A   H "O2'" 1 
ATOM   1576 C "C1'" . A   D 2 3  ? 13.555  9.618   -2.069  0.83   62.43  ? 3  A   H "C1'" 1 
ATOM   1577 N N9    . A   D 2 3  ? 13.081  10.093  -3.358  0.83   60.83  ? 3  A   H N9    1 
ATOM   1578 C C8    . A   D 2 3  ? 12.804  11.379  -3.744  0.83   60.18  ? 3  A   H C8    1 
ATOM   1579 N N7    . A   D 2 3  ? 12.364  11.470  -4.975  0.83   59.37  ? 3  A   H N7    1 
ATOM   1580 C C5    . A   D 2 3  ? 12.362  10.157  -5.420  0.83   59.22  ? 3  A   H C5    1 
ATOM   1581 C C6    . A   D 2 3  ? 12.008  9.556   -6.640  0.83   59.48  ? 3  A   H C6    1 
ATOM   1582 N N6    . A   D 2 3  ? 11.566  10.239  -7.695  0.83   60.21  ? 3  A   H N6    1 
ATOM   1583 N N1    . A   D 2 3  ? 12.113  8.211   -6.742  0.83   60.87  ? 3  A   H N1    1 
ATOM   1584 C C2    . A   D 2 3  ? 12.556  7.498   -5.700  0.83   60.59  ? 3  A   H C2    1 
ATOM   1585 N N3    . A   D 2 3  ? 12.916  7.953   -4.499  0.83   61.27  ? 3  A   H N3    1 
ATOM   1586 C C4    . A   D 2 3  ? 12.795  9.295   -4.430  0.83   60.11  ? 3  A   H C4    1 
ATOM   1587 P P     . A   D 2 4  ? 16.132  8.013   1.319   0.83   72.03  ? 4  A   H P     1 
ATOM   1588 O OP1   . A   D 2 4  ? 16.966  9.192   1.676   0.83   70.37  ? 4  A   H OP1   1 
ATOM   1589 O OP2   . A   D 2 4  ? 16.700  6.742   0.799   0.83   68.85  ? 4  A   H OP2   1 
ATOM   1590 O "O5'" . A   D 2 4  ? 15.273  7.597   2.607   0.83   71.00  ? 4  A   H "O5'" 1 
ATOM   1591 C "C5'" . A   D 2 4  ? 14.677  8.552   3.495   0.83   67.77  ? 4  A   H "C5'" 1 
ATOM   1592 C "C4'" . A   D 2 4  ? 13.304  8.060   3.944   0.83   65.64  ? 4  A   H "C4'" 1 
ATOM   1593 O "O4'" . A   D 2 4  ? 12.396  8.153   2.820   0.83   63.24  ? 4  A   H "O4'" 1 
ATOM   1594 C "C3'" . A   D 2 4  ? 13.201  6.621   4.455   0.83   64.13  ? 4  A   H "C3'" 1 
ATOM   1595 O "O3'" . A   D 2 4  ? 12.273  6.514   5.546   0.83   68.05  ? 4  A   H "O3'" 1 
ATOM   1596 C "C2'" . A   D 2 4  ? 12.692  5.864   3.236   0.83   62.24  ? 4  A   H "C2'" 1 
ATOM   1597 O "O2'" . A   D 2 4  ? 12.020  4.671   3.600   0.83   60.30  ? 4  A   H "O2'" 1 
ATOM   1598 C "C1'" . A   D 2 4  ? 11.774  6.912   2.596   0.83   60.26  ? 4  A   H "C1'" 1 
ATOM   1599 N N9    . A   D 2 4  ? 11.605  6.790   1.148   0.83   60.46  ? 4  A   H N9    1 
ATOM   1600 C C8    . A   D 2 4  ? 12.603  6.703   0.209   0.83   59.54  ? 4  A   H C8    1 
ATOM   1601 N N7    . A   D 2 4  ? 12.177  6.596   -1.025  0.83   59.19  ? 4  A   H N7    1 
ATOM   1602 C C5    . A   D 2 4  ? 10.800  6.617   -0.898  0.83   58.98  ? 4  A   H C5    1 
ATOM   1603 C C6    . A   D 2 4  ? 9.769   6.539   -1.849  0.83   58.53  ? 4  A   H C6    1 
ATOM   1604 N N6    . A   D 2 4  ? 10.000  6.422   -3.164  0.83   58.22  ? 4  A   H N6    1 
ATOM   1605 N N1    . A   D 2 4  ? 8.496   6.587   -1.387  0.83   59.06  ? 4  A   H N1    1 
ATOM   1606 C C2    . A   D 2 4  ? 8.268   6.715   -0.072  0.83   58.81  ? 4  A   H C2    1 
ATOM   1607 N N3    . A   D 2 4  ? 9.156   6.803   0.918   0.83   58.46  ? 4  A   H N3    1 
ATOM   1608 C C4    . A   D 2 4  ? 10.418  6.746   0.436   0.83   60.43  ? 4  A   H C4    1 
ATOM   1609 P P     . A   D 2 5  ? 12.740  6.609   7.086   0.83   71.73  ? 5  A   H P     1 
ATOM   1610 O OP1   . A   D 2 5  ? 11.531  6.617   7.949   0.83   71.37  ? 5  A   H OP1   1 
ATOM   1611 O OP2   . A   D 2 5  ? 13.692  7.743   7.159   0.83   71.07  ? 5  A   H OP2   1 
ATOM   1612 O "O5'" . A   D 2 5  ? 13.543  5.241   7.361   0.83   73.01  ? 5  A   H "O5'" 1 
ATOM   1613 C "C5'" . A   D 2 5  ? 12.846  4.028   7.646   0.83   76.05  ? 5  A   H "C5'" 1 
ATOM   1614 C "C4'" . A   D 2 5  ? 13.804  2.871   7.878   0.83   78.33  ? 5  A   H "C4'" 1 
ATOM   1615 O "O4'" . A   D 2 5  ? 14.772  3.224   8.897   0.83   80.36  ? 5  A   H "O4'" 1 
ATOM   1616 C "C3'" . A   D 2 5  ? 13.167  1.584   8.390   0.83   79.20  ? 5  A   H "C3'" 1 
ATOM   1617 O "O3'" . A   D 2 5  ? 13.924  0.467   7.935   0.83   76.93  ? 5  A   H "O3'" 1 
ATOM   1618 C "C2'" . A   D 2 5  ? 13.281  1.733   9.903   0.83   81.17  ? 5  A   H "C2'" 1 
ATOM   1619 O "O2'" . A   D 2 5  ? 13.196  0.490   10.574  0.83   81.80  ? 5  A   H "O2'" 1 
ATOM   1620 C "C1'" . A   D 2 5  ? 14.691  2.306   9.973   0.83   83.20  ? 5  A   H "C1'" 1 
ATOM   1621 N N9    . A   D 2 5  ? 15.042  3.003   11.210  0.83   84.61  ? 5  A   H N9    1 
ATOM   1622 C C8    . A   D 2 5  ? 14.235  3.802   11.979  0.83   85.04  ? 5  A   H C8    1 
ATOM   1623 N N7    . A   D 2 5  ? 14.835  4.300   13.036  0.83   85.58  ? 5  A   H N7    1 
ATOM   1624 C C5    . A   D 2 5  ? 16.128  3.799   12.949  0.83   85.73  ? 5  A   H C5    1 
ATOM   1625 C C6    . A   D 2 5  ? 17.272  3.959   13.769  0.83   85.24  ? 5  A   H C6    1 
ATOM   1626 N N6    . A   D 2 5  ? 17.256  4.708   14.878  0.83   84.85  ? 5  A   H N6    1 
ATOM   1627 N N1    . A   D 2 5  ? 18.419  3.324   13.407  0.83   84.86  ? 5  A   H N1    1 
ATOM   1628 C C2    . A   D 2 5  ? 18.417  2.578   12.287  0.83   84.88  ? 5  A   H C2    1 
ATOM   1629 N N3    . A   D 2 5  ? 17.407  2.354   11.439  0.83   84.71  ? 5  A   H N3    1 
ATOM   1630 C C4    . A   D 2 5  ? 16.279  2.996   11.827  0.83   85.19  ? 5  A   H C4    1 
ATOM   1631 P P     . A   D 2 6  ? 13.381  -0.458  6.754   0.83   75.30  ? 6  A   H P     1 
ATOM   1632 O OP1   . A   D 2 6  ? 14.519  -1.177  6.133   0.83   76.90  ? 6  A   H OP1   1 
ATOM   1633 O OP2   . A   D 2 6  ? 12.529  0.405   5.909   0.83   76.39  ? 6  A   H OP2   1 
ATOM   1634 O "O5'" . A   D 2 6  ? 12.458  -1.502  7.525   0.83   71.26  ? 6  A   H "O5'" 1 
ATOM   1635 C "C5'" . A   D 2 6  ? 12.224  -2.766  6.966   0.83   68.43  ? 6  A   H "C5'" 1 
ATOM   1636 C "C4'" . A   D 2 6  ? 11.560  -3.656  7.997   0.83   66.48  ? 6  A   H "C4'" 1 
ATOM   1637 O "O4'" . A   D 2 6  ? 10.471  -4.379  7.379   0.83   63.36  ? 6  A   H "O4'" 1 
ATOM   1638 C "C3'" . A   D 2 6  ? 12.451  -4.735  8.598   0.83   67.67  ? 6  A   H "C3'" 1 
ATOM   1639 O "O3'" . A   D 2 6  ? 11.897  -5.111  9.855   0.83   72.08  ? 6  A   H "O3'" 1 
ATOM   1640 C "C2'" . A   D 2 6  ? 12.316  -5.856  7.570   0.83   66.95  ? 6  A   H "C2'" 1 
ATOM   1641 O "O2'" . A   D 2 6  ? 12.631  -7.141  8.077   0.83   65.24  ? 6  A   H "O2'" 1 
ATOM   1642 C "C1'" . A   D 2 6  ? 10.821  -5.752  7.257   0.83   63.27  ? 6  A   H "C1'" 1 
ATOM   1643 N N9    . A   D 2 6  ? 10.451  -6.266  5.938   0.83   61.73  ? 6  A   H N9    1 
ATOM   1644 C C8    . A   D 2 6  ? 10.756  -5.766  4.690   0.83   61.15  ? 6  A   H C8    1 
ATOM   1645 N N7    . A   D 2 6  ? 10.251  -6.479  3.702   0.83   59.85  ? 6  A   H N7    1 
ATOM   1646 C C5    . A   D 2 6  ? 9.580   -7.509  4.348   0.83   60.32  ? 6  A   H C5    1 
ATOM   1647 C C6    . A   D 2 6  ? 8.831   -8.616  3.892   0.83   61.34  ? 6  A   H C6    1 
ATOM   1648 N N6    . A   D 2 6  ? 8.624   -8.880  2.600   0.83   61.81  ? 6  A   H N6    1 
ATOM   1649 N N1    . A   D 2 6  ? 8.291   -9.454  4.813   0.83   61.31  ? 6  A   H N1    1 
ATOM   1650 C C2    . A   D 2 6  ? 8.487   -9.213  6.115   0.83   60.70  ? 6  A   H C2    1 
ATOM   1651 N N3    . A   D 2 6  ? 9.170   -8.207  6.667   0.83   61.44  ? 6  A   H N3    1 
ATOM   1652 C C4    . A   D 2 6  ? 9.691   -7.388  5.725   0.83   61.25  ? 6  A   H C4    1 
ATOM   1653 P P     . A   D 2 7  ? 12.647  -4.814  11.241  0.83   74.55  ? 7  A   H P     1 
ATOM   1654 O OP1   . A   D 2 7  ? 13.958  -4.189  10.931  0.83   72.24  ? 7  A   H OP1   1 
ATOM   1655 O OP2   . A   D 2 7  ? 12.522  -6.063  12.027  0.83   74.14  ? 7  A   H OP2   1 
ATOM   1656 O "O5'" . A   D 2 7  ? 11.716  -3.759  12.021  0.83   73.80  ? 7  A   H "O5'" 1 
ATOM   1657 C "C5'" . A   D 2 7  ? 11.808  -2.339  11.852  0.83   69.96  ? 7  A   H "C5'" 1 
ATOM   1658 C "C4'" . A   D 2 7  ? 10.411  -1.739  11.907  0.83   67.31  ? 7  A   H "C4'" 1 
ATOM   1659 O "O4'" . A   D 2 7  ? 9.639   -2.355  10.848  0.83   64.38  ? 7  A   H "O4'" 1 
ATOM   1660 C "C3'" . A   D 2 7  ? 9.616   -1.957  13.196  0.83   66.95  ? 7  A   H "C3'" 1 
ATOM   1661 O "O3'" . A   D 2 7  ? 8.922   -0.767  13.612  0.83   70.37  ? 7  A   H "O3'" 1 
ATOM   1662 C "C2'" . A   D 2 7  ? 8.637   -3.060  12.819  0.83   64.67  ? 7  A   H "C2'" 1 
ATOM   1663 O "O2'" . A   D 2 7  ? 7.441   -2.975  13.563  0.83   65.77  ? 7  A   H "O2'" 1 
ATOM   1664 C "C1'" . A   D 2 7  ? 8.390   -2.759  11.345  0.83   61.38  ? 7  A   H "C1'" 1 
ATOM   1665 N N9    . A   D 2 7  ? 7.956   -3.911  10.564  0.83   60.52  ? 7  A   H N9    1 
ATOM   1666 C C8    . A   D 2 7  ? 8.610   -5.111  10.437  0.83   60.48  ? 7  A   H C8    1 
ATOM   1667 N N7    . A   D 2 7  ? 8.002   -5.990  9.682   0.83   59.29  ? 7  A   H N7    1 
ATOM   1668 C C5    . A   D 2 7  ? 6.868   -5.313  9.272   0.83   59.36  ? 7  A   H C5    1 
ATOM   1669 C C6    . A   D 2 7  ? 5.802   -5.695  8.447   0.83   59.35  ? 7  A   H C6    1 
ATOM   1670 N N6    . A   D 2 7  ? 5.729   -6.902  7.874   0.83   59.10  ? 7  A   H N6    1 
ATOM   1671 N N1    . A   D 2 7  ? 4.820   -4.787  8.244   0.83   59.91  ? 7  A   H N1    1 
ATOM   1672 C C2    . A   D 2 7  ? 4.893   -3.577  8.813   0.83   58.97  ? 7  A   H C2    1 
ATOM   1673 N N3    . A   D 2 7  ? 5.847   -3.105  9.606   0.83   59.28  ? 7  A   H N3    1 
ATOM   1674 C C4    . A   D 2 7  ? 6.815   -4.029  9.800   0.83   60.51  ? 7  A   H C4    1 
ATOM   1675 P P     . A   D 2 8  ? 9.484   0.161   14.805  0.83   74.17  ? 8  A   H P     1 
ATOM   1676 O OP1   . A   D 2 8  ? 8.574   1.325   14.969  0.83   71.09  ? 8  A   H OP1   1 
ATOM   1677 O OP2   . A   D 2 8  ? 10.916  0.407   14.510  0.83   72.32  ? 8  A   H OP2   1 
ATOM   1678 O "O5'" . A   D 2 8  ? 9.400   -0.800  16.104  0.83   75.13  ? 8  A   H "O5'" 1 
ATOM   1679 C "C5'" . A   D 2 8  ? 8.267   -0.823  16.992  0.83   76.48  ? 8  A   H "C5'" 1 
ATOM   1680 C "C4'" . A   D 2 8  ? 8.662   -1.220  18.410  0.83   77.80  ? 8  A   H "C4'" 1 
ATOM   1681 O "O4'" . A   D 2 8  ? 9.631   -0.271  18.913  0.83   79.19  ? 8  A   H "O4'" 1 
ATOM   1682 C "C3'" . A   D 2 8  ? 7.526   -1.234  19.436  0.83   78.72  ? 8  A   H "C3'" 1 
ATOM   1683 O "O3'" . A   D 2 8  ? 7.545   -2.446  20.209  0.83   76.15  ? 8  A   H "O3'" 1 
ATOM   1684 C "C2'" . A   D 2 8  ? 7.772   0.014   20.293  0.83   80.09  ? 8  A   H "C2'" 1 
ATOM   1685 O "O2'" . A   D 2 8  ? 7.350   -0.118  21.639  0.83   80.36  ? 8  A   H "O2'" 1 
ATOM   1686 C "C1'" . A   D 2 8  ? 9.289   0.131   20.222  0.83   82.39  ? 8  A   H "C1'" 1 
ATOM   1687 N N9    . A   D 2 8  ? 9.827   1.476   20.424  0.83   83.69  ? 8  A   H N9    1 
ATOM   1688 C C8    . A   D 2 8  ? 9.345   2.660   19.921  0.83   84.01  ? 8  A   H C8    1 
ATOM   1689 N N7    . A   D 2 8  ? 10.050  3.716   20.270  0.83   84.13  ? 8  A   H N7    1 
ATOM   1690 C C5    . A   D 2 8  ? 11.071  3.192   21.054  0.83   84.67  ? 8  A   H C5    1 
ATOM   1691 C C6    . A   D 2 8  ? 12.164  3.789   21.730  0.83   84.34  ? 8  A   H C6    1 
ATOM   1692 N N6    . A   D 2 8  ? 12.409  5.108   21.718  0.83   83.87  ? 8  A   H N6    1 
ATOM   1693 N N1    . A   D 2 8  ? 13.000  2.970   22.422  0.83   84.16  ? 8  A   H N1    1 
ATOM   1694 C C2    . A   D 2 8  ? 12.762  1.646   22.436  0.83   84.45  ? 8  A   H C2    1 
ATOM   1695 N N3    . A   D 2 8  ? 11.773  0.973   21.839  0.83   85.12  ? 8  A   H N3    1 
ATOM   1696 C C4    . A   D 2 8  ? 10.952  1.808   21.158  0.83   84.86  ? 8  A   H C4    1 
ATOM   1697 P P     . A   D 2 9  ? 6.541   -3.667  19.907  0.83   73.78  ? 9  A   H P     1 
ATOM   1698 O OP1   . A   D 2 9  ? 7.128   -4.884  20.515  0.83   74.71  ? 9  A   H OP1   1 
ATOM   1699 O OP2   . A   D 2 9  ? 6.253   -3.659  18.454  0.83   74.82  ? 9  A   H OP2   1 
ATOM   1700 O "O5'" . A   D 2 9  ? 5.213   -3.312  20.719  0.83   71.36  ? 9  A   H "O5'" 1 
ATOM   1701 C "C5'" . A   D 2 9  ? 4.352   -4.375  21.089  0.83   69.96  ? 9  A   H "C5'" 1 
ATOM   1702 C "C4'" . A   D 2 9  ? 3.436   -4.020  22.244  0.83   69.42  ? 9  A   H "C4'" 1 
ATOM   1703 O "O4'" . A   D 2 9  ? 2.141   -4.610  22.002  0.83   68.05  ? 9  A   H "O4'" 1 
ATOM   1704 C "C3'" . A   D 2 9  ? 3.839   -4.560  23.614  0.83   70.92  ? 9  A   H "C3'" 1 
ATOM   1705 O "O3'" . A   D 2 9  ? 3.334   -3.701  24.627  0.83   71.79  ? 9  A   H "O3'" 1 
ATOM   1706 C "C2'" . A   D 2 9  ? 3.094   -5.876  23.722  0.83   70.03  ? 9  A   H "C2'" 1 
ATOM   1707 O "O2'" . A   D 2 9  ? 2.877   -6.247  25.072  0.83   71.29  ? 9  A   H "O2'" 1 
ATOM   1708 C "C1'" . A   D 2 9  ? 1.782   -5.457  23.074  0.83   66.79  ? 9  A   H "C1'" 1 
ATOM   1709 N N9    . A   D 2 9  ? 1.012   -6.570  22.547  0.83   66.14  ? 9  A   H N9    1 
ATOM   1710 C C8    . A   D 2 9  ? 1.397   -7.461  21.578  0.83   66.28  ? 9  A   H C8    1 
ATOM   1711 N N7    . A   D 2 9  ? 0.482   -8.366  21.310  0.83   66.42  ? 9  A   H N7    1 
ATOM   1712 C C5    . A   D 2 9  ? -0.566  -8.051  22.162  0.83   65.47  ? 9  A   H C5    1 
ATOM   1713 C C6    . A   D 2 9  ? -1.838  -8.629  22.375  0.83   66.01  ? 9  A   H C6    1 
ATOM   1714 N N6    . A   D 2 9  ? -2.284  -9.693  21.705  0.83   65.98  ? 9  A   H N6    1 
ATOM   1715 N N1    . A   D 2 9  ? -2.645  -8.066  23.310  0.83   66.38  ? 9  A   H N1    1 
ATOM   1716 C C2    . A   D 2 9  ? -2.204  -6.989  23.985  0.83   65.97  ? 9  A   H C2    1 
ATOM   1717 N N3    . A   D 2 9  ? -1.033  -6.356  23.869  0.83   65.08  ? 9  A   H N3    1 
ATOM   1718 C C4    . A   D 2 9  ? -0.253  -6.940  22.935  0.83   65.61  ? 9  A   H C4    1 
HETATM 1719 C "C3'" . NHE E 3 .  ? -16.207 4.207   5.643   0.0000 20.00  ? 70 NHE A "C3'" 1 
HETATM 1720 C "C2'" . NHE E 3 .  ? -14.803 4.139   5.040   0.0000 20.00  ? 70 NHE A "C2'" 1 
HETATM 1721 C "C1'" . NHE E 3 .  ? -14.381 2.675   4.893   0.0000 20.00  ? 70 NHE A "C1'" 1 
HETATM 1722 C "C6'" . NHE E 3 .  ? -15.366 1.950   3.978   0.0000 20.00  ? 70 NHE A "C6'" 1 
HETATM 1723 N N     . NHE E 3 .  ? -13.033 2.610   4.314   0.0000 20.00  ? 70 NHE A N     1 
HETATM 1724 C C1    . NHE E 3 .  ? -12.406 1.391   4.841   0.0000 20.00  ? 70 NHE A C1    1 
HETATM 1725 C C2    . NHE E 3 .  ? -11.092 1.285   4.305   1.00   103.62 ? 70 NHE A C2    1 
HETATM 1726 S S     . NHE E 3 .  ? -10.307 -0.067  4.878   1.00   105.07 ? 70 NHE A S     1 
HETATM 1727 O O1    . NHE E 3 .  ? -11.027 -1.309  4.492   1.00   103.53 ? 70 NHE A O1    1 
HETATM 1728 O O2    . NHE E 3 .  ? -10.250 0.026   6.357   1.00   103.79 ? 70 NHE A O2    1 
HETATM 1729 O O3    . NHE E 3 .  ? -8.936  -0.098  4.310   1.00   103.45 ? 70 NHE A O3    1 
HETATM 1730 C "C5'" . NHE E 3 .  ? -16.770 2.018   4.582   0.0000 20.00  ? 70 NHE A "C5'" 1 
HETATM 1731 C "C4'" . NHE E 3 .  ? -17.192 3.482   4.727   0.0000 20.00  ? 70 NHE A "C4'" 1 
HETATM 1732 C "C3'" . NHE F 3 .  ? -21.025 2.845   6.761   0.0000 20.00  ? 71 NHE A "C3'" 1 
HETATM 1733 C "C2'" . NHE F 3 .  ? -20.360 3.660   7.871   0.0000 20.00  ? 71 NHE A "C2'" 1 
HETATM 1734 C "C1'" . NHE F 3 .  ? -18.868 3.322   7.929   0.0000 20.00  ? 71 NHE A "C1'" 1 
HETATM 1735 C "C6'" . NHE F 3 .  ? -18.217 3.657   6.587   0.0000 20.00  ? 71 NHE A "C6'" 1 
HETATM 1736 N N     . NHE F 3 .  ? -18.228 4.105   8.994   0.0000 20.00  ? 71 NHE A N     1 
HETATM 1737 C C1    . NHE F 3 .  ? -17.109 3.297   9.496   0.0000 20.00  ? 71 NHE A C1    1 
HETATM 1738 C C2    . NHE F 3 .  ? -15.979 3.843   9.971   1.00   112.08 ? 71 NHE A C2    1 
HETATM 1739 S S     . NHE F 3 .  ? -14.967 3.237   11.143  1.00   112.09 ? 71 NHE A S     1 
HETATM 1740 O O1    . NHE F 3 .  ? -13.736 2.680   10.525  1.00   110.61 ? 71 NHE A O1    1 
HETATM 1741 O O2    . NHE F 3 .  ? -15.696 2.188   11.904  1.00   110.65 ? 71 NHE A O2    1 
HETATM 1742 O O3    . NHE F 3 .  ? -14.587 4.347   12.045  1.00   111.56 ? 71 NHE A O3    1 
HETATM 1743 C "C5'" . NHE F 3 .  ? -18.883 2.841   5.477   0.0000 20.00  ? 71 NHE A "C5'" 1 
HETATM 1744 C "C4'" . NHE F 3 .  ? -20.374 3.181   5.419   0.0000 20.00  ? 71 NHE A "C4'" 1 
HETATM 1745 C "C3'" . NHE G 3 .  ? -14.860 3.364   -0.291  0.0000 20.00  ? 70 NHE C "C3'" 1 
HETATM 1746 C "C2'" . NHE G 3 .  ? -13.692 4.348   -0.218  0.0000 20.00  ? 70 NHE C "C2'" 1 
HETATM 1747 C "C1'" . NHE G 3 .  ? -12.533 3.833   -1.074  0.0000 20.00  ? 70 NHE C "C1'" 1 
HETATM 1748 C "C6'" . NHE G 3 .  ? -12.994 3.692   -2.524  0.0000 20.00  ? 70 NHE C "C6'" 1 
HETATM 1749 N N     . NHE G 3 .  ? -11.413 4.779   -1.004  0.0000 20.00  ? 70 NHE C N     1 
HETATM 1750 C C1    . NHE G 3 .  ? -10.184 3.991   -1.170  0.0000 20.00  ? 70 NHE C C1    1 
HETATM 1751 C C2    . NHE G 3 .  ? -9.120  4.545   -1.144  1.00   100.09 ? 70 NHE C C2    1 
HETATM 1752 S S     . NHE G 3 .  ? -7.574  3.947   -1.277  1.00   101.24 ? 70 NHE C S     1 
HETATM 1753 O O1    . NHE G 3 .  ? -7.335  3.380   -2.631  1.00   100.16 ? 70 NHE C O1    1 
HETATM 1754 O O2    . NHE G 3 .  ? -7.380  2.876   -0.270  1.00   99.68  ? 70 NHE C O2    1 
HETATM 1755 O O3    . NHE G 3 .  ? -6.629  5.064   -1.037  1.00   99.80  ? 70 NHE C O3    1 
HETATM 1756 C "C5'" . NHE G 3 .  ? -14.161 2.705   -2.597  0.0000 20.00  ? 70 NHE C "C5'" 1 
HETATM 1757 C "C4'" . NHE G 3 .  ? -15.320 3.224   -1.742  0.0000 20.00  ? 70 NHE C "C4'" 1 
HETATM 1758 O O     . HOH H 4 .  ? -11.414 -0.094  9.971   1.00   32.07  ? 72 HOH A O     1 
HETATM 1759 O O     . HOH I 4 .  ? -6.882  -0.070  1.986   1.00   37.64  ? 70 HOH B O     1 
HETATM 1760 O O     . HOH I 4 .  ? 4.016   -0.464  10.440  1.00   49.11  ? 71 HOH B O     1 
HETATM 1761 O O     . HOH J 4 .  ? -5.411  7.679   -2.476  1.00   30.70  ? 71 HOH C O     1 
HETATM 1762 O O     . HOH J 4 .  ? 4.458   17.171  4.948   1.00   48.99  ? 72 HOH C O     1 
HETATM 1763 O O     . HOH J 4 .  ? -4.354  11.357  -17.032 1.00   60.49  ? 73 HOH C O     1 
HETATM 1764 O O     . HOH J 4 .  ? 6.894   6.759   3.373   1.00   54.23  ? 74 HOH C O     1 
HETATM 1765 O O     . HOH K 4 .  ? 13.844  5.903   -3.002  1.00   53.67  ? 10 HOH H O     1 
HETATM 1766 O O     . HOH K 4 .  ? 8.469   -8.664  9.378   1.00   57.71  ? 11 HOH H O     1 
# 
